data_7S5M
#
_entry.id   7S5M
#
_cell.length_a   60.710
_cell.length_b   108.940
_cell.length_c   108.340
_cell.angle_alpha   90.000
_cell.angle_beta   94.651
_cell.angle_gamma   90.000
#
_symmetry.space_group_name_H-M   'P 1 21 1'
#
loop_
_entity.id
_entity.type
_entity.pdbx_description
1 polymer '8-amino-7-oxononanoate synthase'
2 water water
#
_entity_poly.entity_id   1
_entity_poly.type   'polypeptide(L)'
_entity_poly.pdbx_seq_one_letter_code
;MAHHHHHHMGTLEAQTQGPGSMVTRAGLSPLAWLADIEQRRRAEGLRRELRVRPPVAAELDLASNDYLGLSQHPDVLDGG
VEALRTWGGGAGGSRLVTGNTELHEAFEHQLASFLGAESALVFSSGYTANLGALVALSGPGSLIVSDALSHASLVDACRL
SRARVVVSPHRDVDAVDAALAARTEERAVVVTESVFSADGDLAPLRDLHAVCRRHGALLLVDEAHGLGVRGTRGQGLLHE
VGLAGAPDIVMTTTLSKALGSQGGAVLGPEAVRAHLIDTARSFIFDTGLAPAAVGAASAALRVLDAEPQRARAVLDRAAE
LATIAGVTEAPVSAVVSVILGDPEIAVGAAAACLDRGVRVGCFRPPTVPAGTSRLRLAARASLTDDEMALARQVLTDVLA
TARA
;
_entity_poly.pdbx_strand_id   A,B,C,D
#
# COMPACT_ATOMS: atom_id res chain seq x y z
N LEU A 28 3.06 29.92 -5.85
CA LEU A 28 4.10 29.50 -6.79
C LEU A 28 4.54 28.05 -6.54
N SER A 29 4.67 27.71 -5.26
CA SER A 29 5.17 26.39 -4.87
C SER A 29 4.39 25.21 -5.44
N PRO A 30 3.06 25.12 -5.26
CA PRO A 30 2.36 23.85 -5.55
C PRO A 30 2.29 23.47 -7.02
N LEU A 31 2.48 24.41 -7.94
CA LEU A 31 2.43 24.11 -9.37
C LEU A 31 3.78 24.32 -10.05
N ALA A 32 4.80 24.78 -9.32
CA ALA A 32 6.13 24.87 -9.88
C ALA A 32 6.70 23.51 -10.22
N TRP A 33 6.20 22.45 -9.55
CA TRP A 33 6.63 21.09 -9.87
C TRP A 33 6.21 20.67 -11.26
N LEU A 34 5.17 21.31 -11.83
CA LEU A 34 4.75 20.97 -13.18
C LEU A 34 5.80 21.36 -14.22
N ALA A 35 6.56 22.43 -13.96
CA ALA A 35 7.61 22.82 -14.90
C ALA A 35 8.74 21.80 -14.89
N ASP A 36 9.04 21.21 -13.74
CA ASP A 36 10.05 20.16 -13.68
C ASP A 36 9.56 18.92 -14.43
N ILE A 37 8.25 18.63 -14.38
CA ILE A 37 7.70 17.53 -15.16
C ILE A 37 7.75 17.85 -16.66
N GLU A 38 7.58 19.11 -17.04
CA GLU A 38 7.66 19.48 -18.46
C GLU A 38 9.08 19.34 -18.99
N GLN A 39 10.08 19.71 -18.17
CA GLN A 39 11.48 19.53 -18.55
C GLN A 39 11.82 18.06 -18.74
N ARG A 40 11.44 17.21 -17.78
CA ARG A 40 11.76 15.79 -17.87
C ARG A 40 11.07 15.14 -19.06
N ARG A 41 9.78 15.45 -19.27
CA ARG A 41 9.04 14.90 -20.40
C ARG A 41 9.59 15.37 -21.74
N ARG A 42 9.88 16.67 -21.87
CA ARG A 42 10.38 17.20 -23.15
C ARG A 42 11.80 16.75 -23.44
N ALA A 43 12.62 16.57 -22.41
CA ALA A 43 13.97 16.04 -22.62
C ALA A 43 13.94 14.63 -23.18
N GLU A 44 12.94 13.83 -22.80
CA GLU A 44 12.77 12.47 -23.29
C GLU A 44 11.90 12.37 -24.54
N GLY A 45 11.44 13.50 -25.08
CA GLY A 45 10.67 13.49 -26.31
C GLY A 45 9.29 12.88 -26.22
N LEU A 46 8.66 12.91 -25.06
CA LEU A 46 7.34 12.31 -24.86
C LEU A 46 6.25 13.35 -24.62
N ARG A 47 6.61 14.64 -24.54
CA ARG A 47 5.68 15.71 -24.20
C ARG A 47 4.57 15.85 -25.25
N ARG A 48 3.33 15.63 -24.84
CA ARG A 48 2.21 15.81 -25.75
C ARG A 48 1.81 17.29 -25.86
N GLU A 49 1.35 17.67 -27.05
CA GLU A 49 0.70 18.95 -27.32
C GLU A 49 -0.54 18.68 -28.17
N LEU A 50 -1.49 19.61 -28.15
CA LEU A 50 -2.72 19.48 -28.93
C LEU A 50 -2.61 20.33 -30.20
N ARG A 51 -2.80 19.70 -31.35
CA ARG A 51 -2.85 20.42 -32.62
C ARG A 51 -4.30 20.79 -32.93
N VAL A 52 -4.46 21.83 -33.77
CA VAL A 52 -5.75 22.45 -34.05
C VAL A 52 -6.15 22.17 -35.50
N ARG A 53 -7.36 21.60 -35.67
CA ARG A 53 -7.92 21.18 -36.95
C ARG A 53 -8.84 22.25 -37.52
N PRO A 54 -8.72 22.57 -38.81
CA PRO A 54 -9.66 23.48 -39.45
C PRO A 54 -10.90 22.74 -39.91
N PRO A 55 -12.00 23.46 -40.27
CA PRO A 55 -13.18 22.75 -40.80
C PRO A 55 -12.89 22.03 -42.11
N VAL A 56 -12.16 22.67 -43.01
CA VAL A 56 -11.59 22.00 -44.18
C VAL A 56 -10.25 21.41 -43.76
N ALA A 57 -10.18 20.08 -43.67
CA ALA A 57 -8.93 19.43 -43.29
C ALA A 57 -7.86 19.65 -44.35
N ALA A 58 -6.65 19.98 -43.90
CA ALA A 58 -5.54 20.18 -44.81
C ALA A 58 -4.89 18.88 -45.27
N GLU A 59 -5.04 17.80 -44.49
CA GLU A 59 -4.31 16.55 -44.72
C GLU A 59 -5.27 15.38 -44.87
N LEU A 60 -4.83 14.36 -45.60
CA LEU A 60 -5.52 13.07 -45.56
C LEU A 60 -5.41 12.52 -44.13
N ASP A 61 -6.53 12.15 -43.56
CA ASP A 61 -6.58 11.80 -42.15
C ASP A 61 -6.59 10.28 -42.01
N LEU A 62 -5.50 9.72 -41.48
CA LEU A 62 -5.41 8.29 -41.20
C LEU A 62 -5.20 8.01 -39.71
N ALA A 63 -5.65 8.91 -38.85
CA ALA A 63 -5.44 8.76 -37.43
C ALA A 63 -6.74 8.79 -36.62
N SER A 64 -7.86 9.21 -37.20
CA SER A 64 -9.13 9.22 -36.49
C SER A 64 -9.79 7.83 -36.50
N ASN A 65 -10.67 7.62 -35.51
CA ASN A 65 -11.42 6.39 -35.40
C ASN A 65 -12.87 6.56 -35.85
N ASP A 66 -13.12 7.49 -36.76
CA ASP A 66 -14.42 7.65 -37.40
C ASP A 66 -14.56 6.57 -38.49
N TYR A 67 -14.66 5.33 -38.02
CA TYR A 67 -14.38 4.17 -38.89
C TYR A 67 -15.33 4.12 -40.09
N LEU A 68 -16.58 4.53 -39.90
CA LEU A 68 -17.56 4.46 -40.97
C LEU A 68 -17.72 5.79 -41.71
N GLY A 69 -16.96 6.81 -41.32
CA GLY A 69 -17.08 8.12 -41.93
C GLY A 69 -18.40 8.82 -41.63
N LEU A 70 -19.03 8.48 -40.51
CA LEU A 70 -20.39 8.91 -40.25
C LEU A 70 -20.46 10.20 -39.43
N SER A 71 -19.33 10.74 -38.96
CA SER A 71 -19.40 11.95 -38.15
CA SER A 71 -19.38 11.95 -38.14
C SER A 71 -19.89 13.15 -38.95
N GLN A 72 -19.60 13.20 -40.24
CA GLN A 72 -19.99 14.33 -41.08
C GLN A 72 -20.95 13.89 -42.20
N HIS A 73 -21.67 12.82 -41.99
CA HIS A 73 -22.65 12.31 -42.94
C HIS A 73 -23.94 13.15 -42.89
N PRO A 74 -24.55 13.42 -44.05
CA PRO A 74 -25.74 14.30 -44.04
C PRO A 74 -26.87 13.83 -43.13
N ASP A 75 -27.25 12.56 -43.17
CA ASP A 75 -28.28 12.06 -42.24
C ASP A 75 -27.84 12.20 -40.78
N VAL A 76 -26.56 11.93 -40.48
CA VAL A 76 -26.08 12.01 -39.12
C VAL A 76 -26.14 13.44 -38.62
N LEU A 77 -25.77 14.39 -39.48
CA LEU A 77 -25.94 15.81 -39.18
C LEU A 77 -27.41 16.16 -38.94
N ASP A 78 -28.32 15.63 -39.79
CA ASP A 78 -29.75 15.90 -39.62
C ASP A 78 -30.25 15.35 -38.30
N GLY A 79 -29.93 14.10 -37.99
CA GLY A 79 -30.43 13.53 -36.76
C GLY A 79 -29.99 14.34 -35.55
N GLY A 80 -28.76 14.85 -35.58
CA GLY A 80 -28.30 15.71 -34.50
C GLY A 80 -29.02 17.04 -34.45
N VAL A 81 -29.25 17.67 -35.61
CA VAL A 81 -29.92 18.98 -35.62
C VAL A 81 -31.35 18.84 -35.12
N GLU A 82 -32.03 17.77 -35.54
CA GLU A 82 -33.41 17.54 -35.12
C GLU A 82 -33.51 17.26 -33.62
N ALA A 83 -32.59 16.43 -33.08
CA ALA A 83 -32.55 16.20 -31.64
C ALA A 83 -32.27 17.49 -30.89
N LEU A 84 -31.37 18.33 -31.39
CA LEU A 84 -31.10 19.59 -30.72
C LEU A 84 -32.33 20.50 -30.70
N ARG A 85 -33.04 20.62 -31.83
CA ARG A 85 -34.18 21.55 -31.90
C ARG A 85 -35.37 21.09 -31.05
N THR A 86 -35.57 19.78 -30.95
CA THR A 86 -36.70 19.26 -30.19
C THR A 86 -36.43 19.25 -28.70
N TRP A 87 -35.20 18.96 -28.29
CA TRP A 87 -34.97 18.74 -26.87
C TRP A 87 -34.11 19.78 -26.19
N GLY A 88 -33.26 20.49 -26.91
CA GLY A 88 -32.35 21.46 -26.31
C GLY A 88 -30.90 21.00 -26.39
N GLY A 89 -30.02 21.85 -25.82
CA GLY A 89 -28.60 21.64 -25.92
C GLY A 89 -28.02 20.60 -24.97
N GLY A 90 -28.65 20.39 -23.82
CA GLY A 90 -28.23 19.37 -22.89
C GLY A 90 -29.40 18.63 -22.31
N ALA A 91 -29.08 17.54 -21.61
CA ALA A 91 -30.09 16.72 -20.95
C ALA A 91 -30.75 17.43 -19.78
N GLY A 92 -30.10 18.44 -19.20
CA GLY A 92 -30.67 19.22 -18.11
C GLY A 92 -30.42 18.66 -16.73
N GLY A 93 -29.99 17.42 -16.63
CA GLY A 93 -29.61 16.85 -15.35
C GLY A 93 -29.25 15.40 -15.55
N SER A 94 -28.95 14.73 -14.42
CA SER A 94 -28.73 13.30 -14.43
C SER A 94 -30.00 12.60 -14.88
N ARG A 95 -29.84 11.50 -15.63
CA ARG A 95 -31.00 10.72 -16.08
C ARG A 95 -31.83 10.17 -14.94
N LEU A 96 -31.32 10.16 -13.72
CA LEU A 96 -32.12 9.68 -12.61
C LEU A 96 -33.02 10.75 -12.03
N VAL A 97 -32.94 11.99 -12.51
CA VAL A 97 -33.80 13.07 -12.04
C VAL A 97 -34.68 13.53 -13.18
N THR A 98 -34.14 14.29 -14.13
CA THR A 98 -34.95 14.83 -15.21
C THR A 98 -34.31 14.70 -16.58
N GLY A 99 -33.12 14.10 -16.69
CA GLY A 99 -32.45 14.01 -17.96
C GLY A 99 -32.81 12.83 -18.85
N ASN A 100 -33.70 11.94 -18.40
CA ASN A 100 -34.01 10.74 -19.19
C ASN A 100 -35.11 11.08 -20.18
N THR A 101 -34.73 11.28 -21.44
CA THR A 101 -35.70 11.61 -22.47
C THR A 101 -36.20 10.36 -23.21
N GLU A 102 -37.37 10.52 -23.87
CA GLU A 102 -37.88 9.48 -24.77
C GLU A 102 -36.86 9.13 -25.85
N LEU A 103 -36.06 10.12 -26.27
CA LEU A 103 -35.03 9.89 -27.27
C LEU A 103 -33.92 9.00 -26.72
N HIS A 104 -33.50 9.20 -25.47
CA HIS A 104 -32.49 8.32 -24.88
C HIS A 104 -32.94 6.87 -24.95
N GLU A 105 -34.16 6.60 -24.48
CA GLU A 105 -34.67 5.24 -24.40
C GLU A 105 -35.03 4.68 -25.76
N ALA A 106 -35.38 5.53 -26.74
CA ALA A 106 -35.60 5.00 -28.08
C ALA A 106 -34.29 4.59 -28.75
N PHE A 107 -33.23 5.39 -28.59
CA PHE A 107 -31.93 4.96 -29.13
C PHE A 107 -31.43 3.68 -28.45
N GLU A 108 -31.59 3.59 -27.13
CA GLU A 108 -31.20 2.38 -26.40
C GLU A 108 -31.92 1.15 -26.93
N HIS A 109 -33.23 1.25 -27.19
CA HIS A 109 -33.92 0.13 -27.83
C HIS A 109 -33.40 -0.11 -29.23
N GLN A 110 -33.17 0.96 -29.98
CA GLN A 110 -32.67 0.82 -31.34
C GLN A 110 -31.31 0.11 -31.33
N LEU A 111 -30.44 0.47 -30.40
CA LEU A 111 -29.10 -0.10 -30.34
C LEU A 111 -29.11 -1.55 -29.89
N ALA A 112 -29.86 -1.87 -28.83
CA ALA A 112 -29.93 -3.24 -28.32
C ALA A 112 -30.47 -4.20 -29.38
N SER A 113 -31.48 -3.78 -30.13
CA SER A 113 -32.00 -4.62 -31.20
C SER A 113 -30.94 -4.85 -32.26
N PHE A 114 -30.23 -3.80 -32.65
CA PHE A 114 -29.16 -3.96 -33.65
C PHE A 114 -28.10 -4.93 -33.14
N LEU A 115 -27.81 -4.89 -31.85
CA LEU A 115 -26.74 -5.70 -31.29
C LEU A 115 -27.20 -7.08 -30.85
N GLY A 116 -28.50 -7.33 -30.77
CA GLY A 116 -28.93 -8.63 -30.31
C GLY A 116 -28.90 -8.80 -28.81
N ALA A 117 -28.84 -7.71 -28.07
CA ALA A 117 -28.85 -7.72 -26.61
C ALA A 117 -30.26 -7.44 -26.07
N GLU A 118 -30.49 -7.83 -24.82
CA GLU A 118 -31.80 -7.61 -24.20
C GLU A 118 -32.02 -6.15 -23.79
N SER A 119 -30.97 -5.40 -23.45
CA SER A 119 -31.14 -4.06 -22.92
C SER A 119 -29.89 -3.22 -23.18
N ALA A 120 -30.07 -1.90 -23.15
CA ALA A 120 -28.98 -0.97 -23.36
C ALA A 120 -29.21 0.28 -22.54
N LEU A 121 -28.10 0.89 -22.11
CA LEU A 121 -28.09 2.11 -21.31
C LEU A 121 -26.93 2.95 -21.80
N VAL A 122 -27.20 4.17 -22.26
CA VAL A 122 -26.16 5.02 -22.82
C VAL A 122 -25.64 5.96 -21.73
N PHE A 123 -24.32 6.23 -21.77
CA PHE A 123 -23.55 7.06 -20.85
C PHE A 123 -23.03 8.31 -21.57
N SER A 124 -22.45 9.22 -20.79
CA SER A 124 -21.87 10.42 -21.37
C SER A 124 -20.67 10.14 -22.27
N SER A 125 -19.98 9.02 -22.07
CA SER A 125 -18.83 8.68 -22.90
C SER A 125 -18.53 7.20 -22.76
N GLY A 126 -17.71 6.70 -23.69
CA GLY A 126 -17.23 5.33 -23.57
C GLY A 126 -16.45 5.11 -22.29
N TYR A 127 -15.74 6.13 -21.84
CA TYR A 127 -14.96 6.06 -20.61
C TYR A 127 -15.84 5.88 -19.38
N THR A 128 -16.94 6.66 -19.27
CA THR A 128 -17.80 6.48 -18.10
C THR A 128 -18.64 5.20 -18.22
N ALA A 129 -18.91 4.76 -19.44
CA ALA A 129 -19.58 3.47 -19.57
C ALA A 129 -18.72 2.34 -18.98
N ASN A 130 -17.42 2.35 -19.30
CA ASN A 130 -16.52 1.31 -18.80
C ASN A 130 -16.38 1.36 -17.28
N LEU A 131 -16.21 2.56 -16.71
CA LEU A 131 -16.20 2.69 -15.26
C LEU A 131 -17.49 2.17 -14.66
N GLY A 132 -18.64 2.61 -15.18
CA GLY A 132 -19.91 2.25 -14.55
C GLY A 132 -20.20 0.76 -14.61
N ALA A 133 -19.98 0.15 -15.76
CA ALA A 133 -20.31 -1.28 -15.86
C ALA A 133 -19.35 -2.16 -15.04
N LEU A 134 -18.04 -1.98 -15.18
CA LEU A 134 -17.13 -2.88 -14.47
C LEU A 134 -17.20 -2.69 -12.95
N VAL A 135 -17.19 -1.44 -12.48
CA VAL A 135 -17.23 -1.19 -11.04
C VAL A 135 -18.53 -1.70 -10.41
N ALA A 136 -19.67 -1.44 -11.07
CA ALA A 136 -20.94 -1.82 -10.48
C ALA A 136 -21.20 -3.32 -10.54
N LEU A 137 -20.49 -4.06 -11.39
CA LEU A 137 -20.68 -5.50 -11.50
C LEU A 137 -19.61 -6.30 -10.76
N SER A 138 -18.60 -5.63 -10.20
CA SER A 138 -17.58 -6.33 -9.45
C SER A 138 -17.74 -5.89 -8.01
N GLY A 139 -17.03 -4.86 -7.54
CA GLY A 139 -17.17 -4.42 -6.18
C GLY A 139 -16.30 -5.24 -5.24
N PRO A 140 -16.20 -4.83 -3.97
CA PRO A 140 -15.46 -5.61 -2.99
C PRO A 140 -16.01 -7.02 -2.83
N GLY A 141 -15.10 -7.93 -2.48
CA GLY A 141 -15.42 -9.34 -2.34
C GLY A 141 -15.54 -10.09 -3.66
N SER A 142 -15.26 -9.43 -4.76
CA SER A 142 -15.32 -10.02 -6.08
C SER A 142 -13.92 -10.09 -6.67
N LEU A 143 -13.82 -10.84 -7.76
CA LEU A 143 -12.58 -11.03 -8.50
C LEU A 143 -12.73 -10.50 -9.91
N ILE A 144 -11.75 -9.73 -10.37
CA ILE A 144 -11.62 -9.29 -11.75
C ILE A 144 -10.37 -9.91 -12.35
N VAL A 145 -10.52 -10.60 -13.47
CA VAL A 145 -9.40 -11.07 -14.26
C VAL A 145 -9.30 -10.16 -15.48
N SER A 146 -8.18 -9.44 -15.58
CA SER A 146 -8.07 -8.38 -16.58
C SER A 146 -6.95 -8.73 -17.55
N ASP A 147 -7.19 -8.44 -18.83
CA ASP A 147 -6.17 -8.69 -19.84
C ASP A 147 -5.06 -7.64 -19.74
N ALA A 148 -3.81 -8.12 -19.89
CA ALA A 148 -2.64 -7.26 -19.66
C ALA A 148 -2.59 -6.06 -20.60
N LEU A 149 -3.18 -6.14 -21.79
CA LEU A 149 -3.21 -5.01 -22.70
C LEU A 149 -4.51 -4.21 -22.62
N SER A 150 -5.08 -3.97 -21.43
CA SER A 150 -6.41 -3.37 -21.33
C SER A 150 -6.37 -1.86 -21.49
N HIS A 151 -7.42 -1.33 -22.10
CA HIS A 151 -7.58 0.11 -22.30
C HIS A 151 -7.56 0.86 -20.97
N ALA A 152 -7.13 2.12 -21.03
CA ALA A 152 -6.96 2.91 -19.81
C ALA A 152 -8.26 3.01 -19.03
N SER A 153 -9.40 3.15 -19.73
CA SER A 153 -10.68 3.19 -19.03
C SER A 153 -10.95 1.89 -18.28
N LEU A 154 -10.38 0.76 -18.76
CA LEU A 154 -10.55 -0.50 -18.03
C LEU A 154 -9.61 -0.57 -16.85
N VAL A 155 -8.39 -0.06 -17.00
CA VAL A 155 -7.46 -0.02 -15.88
C VAL A 155 -7.98 0.87 -14.76
N ASP A 156 -8.54 2.03 -15.12
CA ASP A 156 -9.10 2.92 -14.10
C ASP A 156 -10.25 2.25 -13.36
N ALA A 157 -11.06 1.47 -14.06
CA ALA A 157 -12.20 0.84 -13.42
C ALA A 157 -11.76 -0.13 -12.33
N CYS A 158 -10.79 -1.00 -12.65
CA CYS A 158 -10.28 -1.93 -11.66
C CYS A 158 -9.77 -1.20 -10.44
N ARG A 159 -9.12 -0.06 -10.64
CA ARG A 159 -8.68 0.72 -9.48
C ARG A 159 -9.87 1.16 -8.65
N LEU A 160 -10.97 1.50 -9.32
CA LEU A 160 -12.17 2.02 -8.66
C LEU A 160 -13.03 0.92 -8.05
N SER A 161 -13.00 -0.28 -8.64
CA SER A 161 -13.90 -1.36 -8.19
C SER A 161 -13.62 -1.80 -6.75
N ARG A 162 -12.37 -1.67 -6.29
CA ARG A 162 -11.93 -2.23 -5.02
C ARG A 162 -12.03 -3.76 -4.98
N ALA A 163 -12.08 -4.40 -6.13
CA ALA A 163 -12.04 -5.85 -6.13
C ALA A 163 -10.60 -6.31 -6.09
N ARG A 164 -10.41 -7.63 -5.96
CA ARG A 164 -9.09 -8.21 -6.17
C ARG A 164 -8.90 -8.35 -7.67
N VAL A 165 -7.84 -7.75 -8.19
CA VAL A 165 -7.63 -7.67 -9.63
C VAL A 165 -6.42 -8.53 -10.00
N VAL A 166 -6.66 -9.55 -10.81
CA VAL A 166 -5.60 -10.35 -11.41
C VAL A 166 -5.50 -9.96 -12.87
N VAL A 167 -4.30 -9.58 -13.30
CA VAL A 167 -4.02 -9.26 -14.69
C VAL A 167 -3.49 -10.51 -15.37
N SER A 168 -4.14 -10.93 -16.44
CA SER A 168 -3.76 -12.12 -17.16
C SER A 168 -2.91 -11.77 -18.38
N PRO A 169 -1.95 -12.63 -18.76
CA PRO A 169 -1.22 -12.42 -20.01
C PRO A 169 -2.19 -12.31 -21.19
N HIS A 170 -1.75 -11.58 -22.22
CA HIS A 170 -2.63 -11.24 -23.34
C HIS A 170 -3.26 -12.49 -23.95
N ARG A 171 -4.60 -12.50 -23.96
CA ARG A 171 -5.40 -13.54 -24.62
C ARG A 171 -4.99 -14.94 -24.16
N ASP A 172 -4.68 -15.06 -22.87
CA ASP A 172 -4.22 -16.33 -22.29
C ASP A 172 -5.41 -16.99 -21.61
N VAL A 173 -6.12 -17.83 -22.36
CA VAL A 173 -7.32 -18.47 -21.83
C VAL A 173 -6.97 -19.36 -20.64
N ASP A 174 -5.84 -20.09 -20.72
CA ASP A 174 -5.43 -20.97 -19.63
C ASP A 174 -5.18 -20.20 -18.33
N ALA A 175 -4.53 -19.05 -18.40
CA ALA A 175 -4.31 -18.26 -17.19
C ALA A 175 -5.64 -17.80 -16.58
N VAL A 176 -6.59 -17.35 -17.42
CA VAL A 176 -7.92 -16.99 -16.94
C VAL A 176 -8.60 -18.17 -16.25
N ASP A 177 -8.57 -19.35 -16.90
CA ASP A 177 -9.16 -20.55 -16.31
C ASP A 177 -8.55 -20.85 -14.94
N ALA A 178 -7.21 -20.83 -14.86
CA ALA A 178 -6.53 -21.12 -13.60
C ALA A 178 -6.83 -20.06 -12.56
N ALA A 179 -6.92 -18.79 -12.98
CA ALA A 179 -7.26 -17.73 -12.04
C ALA A 179 -8.67 -17.92 -11.49
N LEU A 180 -9.62 -18.27 -12.36
CA LEU A 180 -10.98 -18.54 -11.87
C LEU A 180 -11.01 -19.79 -11.01
N ALA A 181 -10.18 -20.79 -11.35
CA ALA A 181 -10.20 -22.07 -10.63
C ALA A 181 -9.69 -21.95 -9.20
N ALA A 182 -8.81 -21.01 -8.91
CA ALA A 182 -8.21 -20.95 -7.58
C ALA A 182 -8.80 -19.86 -6.71
N ARG A 183 -9.75 -19.07 -7.22
CA ARG A 183 -10.22 -17.89 -6.49
C ARG A 183 -10.96 -18.27 -5.22
N THR A 184 -10.94 -17.34 -4.27
CA THR A 184 -11.74 -17.44 -3.06
C THR A 184 -13.03 -16.66 -3.12
N GLU A 185 -13.21 -15.81 -4.13
CA GLU A 185 -14.39 -14.98 -4.28
C GLU A 185 -15.46 -15.73 -5.06
N GLU A 186 -16.72 -15.61 -4.61
CA GLU A 186 -17.83 -16.22 -5.33
C GLU A 186 -18.09 -15.55 -6.68
N ARG A 187 -18.10 -14.22 -6.73
CA ARG A 187 -18.41 -13.49 -7.95
C ARG A 187 -17.13 -13.09 -8.67
N ALA A 188 -17.05 -13.39 -9.97
CA ALA A 188 -15.87 -13.07 -10.75
C ALA A 188 -16.23 -12.50 -12.11
N VAL A 189 -15.50 -11.49 -12.55
CA VAL A 189 -15.66 -10.88 -13.86
C VAL A 189 -14.35 -11.05 -14.64
N VAL A 190 -14.44 -11.62 -15.83
CA VAL A 190 -13.33 -11.63 -16.79
C VAL A 190 -13.56 -10.50 -17.78
N VAL A 191 -12.64 -9.53 -17.81
CA VAL A 191 -12.77 -8.32 -18.61
C VAL A 191 -11.78 -8.36 -19.75
N THR A 192 -12.25 -8.01 -20.94
CA THR A 192 -11.41 -7.91 -22.12
C THR A 192 -12.09 -7.02 -23.15
N GLU A 193 -11.27 -6.49 -24.05
CA GLU A 193 -11.77 -5.85 -25.26
C GLU A 193 -11.95 -6.92 -26.33
N SER A 194 -12.99 -6.76 -27.15
CA SER A 194 -13.18 -7.64 -28.30
C SER A 194 -12.07 -7.40 -29.33
N VAL A 195 -11.88 -6.14 -29.73
CA VAL A 195 -10.75 -5.70 -30.53
C VAL A 195 -9.92 -4.81 -29.62
N PHE A 196 -8.65 -5.21 -29.39
CA PHE A 196 -7.79 -4.52 -28.45
C PHE A 196 -7.28 -3.20 -29.05
N SER A 197 -7.32 -2.14 -28.24
CA SER A 197 -6.86 -0.85 -28.74
C SER A 197 -5.37 -0.81 -28.96
N ALA A 198 -4.62 -1.62 -28.20
CA ALA A 198 -3.19 -1.66 -28.32
C ALA A 198 -2.76 -2.15 -29.71
N ASP A 199 -3.14 -3.38 -30.07
CA ASP A 199 -2.62 -4.03 -31.26
C ASP A 199 -3.65 -4.22 -32.36
N GLY A 200 -4.94 -4.13 -32.06
CA GLY A 200 -5.93 -4.40 -33.08
C GLY A 200 -6.25 -5.87 -33.28
N ASP A 201 -5.70 -6.75 -32.45
CA ASP A 201 -6.01 -8.17 -32.54
C ASP A 201 -7.39 -8.46 -31.92
N LEU A 202 -7.88 -9.68 -32.15
CA LEU A 202 -9.19 -10.12 -31.70
C LEU A 202 -9.07 -10.97 -30.44
N ALA A 203 -10.02 -10.79 -29.53
CA ALA A 203 -10.04 -11.56 -28.30
C ALA A 203 -10.58 -12.97 -28.56
N PRO A 204 -10.06 -13.97 -27.83
CA PRO A 204 -10.67 -15.31 -27.96
C PRO A 204 -11.96 -15.41 -27.16
N LEU A 205 -13.01 -14.76 -27.68
CA LEU A 205 -14.25 -14.61 -26.92
C LEU A 205 -14.96 -15.94 -26.69
N ARG A 206 -14.99 -16.81 -27.70
CA ARG A 206 -15.71 -18.06 -27.53
C ARG A 206 -15.02 -18.95 -26.51
N ASP A 207 -13.69 -19.02 -26.58
CA ASP A 207 -12.92 -19.78 -25.60
C ASP A 207 -13.05 -19.18 -24.21
N LEU A 208 -12.97 -17.84 -24.11
CA LEU A 208 -13.07 -17.19 -22.81
C LEU A 208 -14.43 -17.44 -22.18
N HIS A 209 -15.51 -17.38 -22.98
CA HIS A 209 -16.85 -17.54 -22.44
C HIS A 209 -17.10 -18.97 -21.95
N ALA A 210 -16.53 -19.98 -22.61
CA ALA A 210 -16.67 -21.35 -22.12
C ALA A 210 -16.03 -21.49 -20.75
N VAL A 211 -14.91 -20.78 -20.51
CA VAL A 211 -14.22 -20.85 -19.23
C VAL A 211 -15.02 -20.14 -18.15
N CYS A 212 -15.58 -18.97 -18.48
CA CYS A 212 -16.43 -18.27 -17.53
C CYS A 212 -17.59 -19.18 -17.13
N ARG A 213 -18.22 -19.82 -18.11
CA ARG A 213 -19.33 -20.73 -17.83
C ARG A 213 -18.89 -21.90 -16.95
N ARG A 214 -17.70 -22.45 -17.21
CA ARG A 214 -17.19 -23.55 -16.40
C ARG A 214 -17.03 -23.15 -14.94
N HIS A 215 -16.61 -21.90 -14.70
CA HIS A 215 -16.34 -21.45 -13.34
C HIS A 215 -17.39 -20.49 -12.80
N GLY A 216 -18.50 -20.29 -13.51
CA GLY A 216 -19.56 -19.38 -13.08
C GLY A 216 -19.22 -17.90 -13.10
N ALA A 217 -18.40 -17.45 -14.03
CA ALA A 217 -18.01 -16.05 -14.09
C ALA A 217 -18.79 -15.28 -15.16
N LEU A 218 -18.79 -13.96 -14.99
CA LEU A 218 -19.38 -13.04 -15.97
C LEU A 218 -18.31 -12.61 -16.96
N LEU A 219 -18.70 -12.52 -18.22
CA LEU A 219 -17.78 -12.06 -19.26
C LEU A 219 -18.18 -10.64 -19.66
N LEU A 220 -17.26 -9.70 -19.44
CA LEU A 220 -17.44 -8.29 -19.79
C LEU A 220 -16.53 -7.96 -20.96
N VAL A 221 -17.13 -7.49 -22.04
CA VAL A 221 -16.44 -7.28 -23.32
C VAL A 221 -16.65 -5.85 -23.76
N ASP A 222 -15.55 -5.09 -23.92
CA ASP A 222 -15.57 -3.72 -24.45
C ASP A 222 -15.41 -3.81 -25.97
N GLU A 223 -16.46 -3.44 -26.70
CA GLU A 223 -16.51 -3.57 -28.16
C GLU A 223 -16.37 -2.24 -28.88
N ALA A 224 -15.66 -1.29 -28.28
CA ALA A 224 -15.52 0.04 -28.88
C ALA A 224 -14.89 -0.01 -30.28
N HIS A 225 -13.98 -0.94 -30.54
CA HIS A 225 -13.30 -1.02 -31.82
C HIS A 225 -13.81 -2.17 -32.69
N GLY A 226 -14.84 -2.87 -32.24
CA GLY A 226 -15.48 -3.90 -33.03
C GLY A 226 -16.79 -3.40 -33.62
N LEU A 227 -17.46 -2.49 -32.92
CA LEU A 227 -18.74 -1.98 -33.40
C LEU A 227 -18.56 -1.29 -34.74
N GLY A 228 -19.38 -1.65 -35.71
CA GLY A 228 -19.26 -1.12 -37.06
C GLY A 228 -18.12 -1.68 -37.88
N VAL A 229 -17.31 -2.57 -37.29
CA VAL A 229 -16.11 -3.09 -37.92
C VAL A 229 -16.13 -4.62 -38.04
N ARG A 230 -16.40 -5.31 -36.94
CA ARG A 230 -16.54 -6.76 -36.98
C ARG A 230 -18.02 -7.13 -37.16
N GLY A 231 -18.24 -8.34 -37.64
CA GLY A 231 -19.58 -8.77 -38.03
C GLY A 231 -19.86 -8.43 -39.48
N THR A 232 -20.64 -9.29 -40.15
CA THR A 232 -20.89 -9.06 -41.57
C THR A 232 -21.69 -7.78 -41.77
N ARG A 233 -22.48 -7.37 -40.78
CA ARG A 233 -23.23 -6.12 -40.81
C ARG A 233 -22.70 -5.11 -39.81
N GLY A 234 -21.49 -5.34 -39.30
CA GLY A 234 -20.89 -4.41 -38.36
C GLY A 234 -21.39 -4.53 -36.96
N GLN A 235 -22.01 -5.66 -36.59
CA GLN A 235 -22.66 -5.73 -35.29
C GLN A 235 -21.73 -6.06 -34.15
N GLY A 236 -20.43 -6.21 -34.40
CA GLY A 236 -19.45 -6.46 -33.35
C GLY A 236 -18.97 -7.90 -33.34
N LEU A 237 -17.88 -8.10 -32.60
CA LEU A 237 -17.25 -9.43 -32.54
C LEU A 237 -18.12 -10.43 -31.78
N LEU A 238 -18.73 -9.99 -30.68
CA LEU A 238 -19.67 -10.84 -29.94
C LEU A 238 -20.77 -11.36 -30.84
N HIS A 239 -21.40 -10.47 -31.60
CA HIS A 239 -22.39 -10.92 -32.54
C HIS A 239 -21.79 -11.90 -33.56
N GLU A 240 -20.63 -11.56 -34.10
CA GLU A 240 -20.00 -12.38 -35.15
C GLU A 240 -19.72 -13.81 -34.67
N VAL A 241 -19.34 -14.00 -33.41
CA VAL A 241 -19.03 -15.35 -32.93
C VAL A 241 -20.25 -16.03 -32.35
N GLY A 242 -21.42 -15.40 -32.45
CA GLY A 242 -22.64 -16.09 -32.05
C GLY A 242 -22.92 -16.03 -30.56
N LEU A 243 -22.37 -15.08 -29.85
CA LEU A 243 -22.58 -14.92 -28.42
C LEU A 243 -23.53 -13.78 -28.07
N ALA A 244 -24.13 -13.13 -29.07
CA ALA A 244 -25.05 -12.03 -28.77
C ALA A 244 -26.20 -12.52 -27.91
N GLY A 245 -26.54 -11.75 -26.89
CA GLY A 245 -27.72 -12.01 -26.08
C GLY A 245 -27.54 -13.00 -24.95
N ALA A 246 -26.32 -13.48 -24.70
CA ALA A 246 -26.09 -14.46 -23.66
C ALA A 246 -26.41 -13.90 -22.28
N PRO A 247 -26.94 -14.73 -21.38
CA PRO A 247 -27.26 -14.23 -20.03
C PRO A 247 -26.04 -13.88 -19.21
N ASP A 248 -24.85 -14.32 -19.59
CA ASP A 248 -23.65 -14.13 -18.77
C ASP A 248 -22.59 -13.31 -19.49
N ILE A 249 -22.99 -12.49 -20.44
CA ILE A 249 -22.11 -11.57 -21.16
C ILE A 249 -22.66 -10.15 -21.04
N VAL A 250 -21.82 -9.24 -20.58
CA VAL A 250 -22.11 -7.81 -20.59
C VAL A 250 -21.16 -7.17 -21.59
N MET A 251 -21.69 -6.23 -22.37
CA MET A 251 -20.95 -5.59 -23.44
C MET A 251 -20.92 -4.09 -23.19
N THR A 252 -19.76 -3.48 -23.41
CA THR A 252 -19.65 -2.03 -23.47
C THR A 252 -19.15 -1.60 -24.85
N THR A 253 -19.54 -0.38 -25.24
CA THR A 253 -19.10 0.19 -26.50
C THR A 253 -19.15 1.70 -26.40
N THR A 254 -18.65 2.35 -27.44
CA THR A 254 -18.68 3.80 -27.58
C THR A 254 -19.50 4.15 -28.80
N LEU A 255 -19.98 5.38 -28.80
CA LEU A 255 -20.75 5.95 -29.90
C LEU A 255 -19.92 6.92 -30.72
N SER A 256 -18.64 7.06 -30.37
CA SER A 256 -17.77 8.09 -30.90
C SER A 256 -16.82 7.58 -31.95
N LYS A 257 -16.84 6.28 -32.23
CA LYS A 257 -15.96 5.79 -33.28
C LYS A 257 -16.77 5.53 -34.53
N ALA A 258 -17.28 4.31 -34.72
CA ALA A 258 -18.10 4.05 -35.90
C ALA A 258 -19.32 4.97 -35.94
N LEU A 259 -19.96 5.18 -34.80
CA LEU A 259 -21.23 5.92 -34.80
C LEU A 259 -21.03 7.43 -34.74
N GLY A 260 -19.81 7.92 -34.96
CA GLY A 260 -19.57 9.30 -35.31
C GLY A 260 -20.02 10.33 -34.31
N SER A 261 -20.22 9.95 -33.05
CA SER A 261 -20.90 10.86 -32.16
C SER A 261 -20.17 11.02 -30.84
N GLN A 262 -20.91 11.15 -29.74
CA GLN A 262 -20.38 11.12 -28.39
C GLN A 262 -21.26 10.19 -27.57
N GLY A 263 -20.64 9.51 -26.62
CA GLY A 263 -21.33 8.63 -25.70
C GLY A 263 -20.75 7.22 -25.55
N GLY A 264 -21.16 6.54 -24.47
CA GLY A 264 -20.92 5.12 -24.29
C GLY A 264 -22.24 4.37 -24.12
N ALA A 265 -22.14 3.04 -24.19
CA ALA A 265 -23.31 2.19 -23.95
C ALA A 265 -22.87 0.88 -23.31
N VAL A 266 -23.66 0.43 -22.33
CA VAL A 266 -23.52 -0.89 -21.74
C VAL A 266 -24.75 -1.70 -22.11
N LEU A 267 -24.55 -2.94 -22.56
CA LEU A 267 -25.66 -3.79 -23.00
C LEU A 267 -25.54 -5.16 -22.36
N GLY A 268 -26.70 -5.77 -22.10
CA GLY A 268 -26.78 -7.09 -21.54
C GLY A 268 -28.20 -7.36 -21.08
N PRO A 269 -28.35 -8.32 -20.15
CA PRO A 269 -29.69 -8.66 -19.64
C PRO A 269 -30.35 -7.50 -18.93
N GLU A 270 -31.68 -7.55 -18.86
CA GLU A 270 -32.44 -6.43 -18.29
C GLU A 270 -32.01 -6.11 -16.87
N ALA A 271 -31.68 -7.13 -16.08
CA ALA A 271 -31.25 -6.91 -14.70
C ALA A 271 -29.95 -6.08 -14.63
N VAL A 272 -29.13 -6.13 -15.68
CA VAL A 272 -27.89 -5.35 -15.68
C VAL A 272 -28.20 -3.85 -15.86
N ARG A 273 -29.09 -3.52 -16.79
CA ARG A 273 -29.48 -2.11 -16.95
C ARG A 273 -30.09 -1.58 -15.66
N ALA A 274 -31.00 -2.36 -15.06
CA ALA A 274 -31.63 -1.91 -13.83
C ALA A 274 -30.62 -1.76 -12.71
N HIS A 275 -29.56 -2.58 -12.72
CA HIS A 275 -28.56 -2.47 -11.67
C HIS A 275 -27.69 -1.23 -11.87
N LEU A 276 -27.32 -0.93 -13.11
CA LEU A 276 -26.48 0.24 -13.36
C LEU A 276 -27.21 1.53 -13.04
N ILE A 277 -28.50 1.62 -13.39
CA ILE A 277 -29.30 2.77 -13.01
C ILE A 277 -29.31 2.95 -11.51
N ASP A 278 -29.31 1.83 -10.78
CA ASP A 278 -29.46 1.86 -9.33
C ASP A 278 -28.13 2.10 -8.61
N THR A 279 -26.99 1.71 -9.18
CA THR A 279 -25.75 1.78 -8.40
C THR A 279 -24.53 2.37 -9.12
N ALA A 280 -24.45 2.34 -10.45
CA ALA A 280 -23.25 2.80 -11.13
C ALA A 280 -23.10 4.31 -10.97
N ARG A 281 -22.03 4.74 -10.29
CA ARG A 281 -21.87 6.13 -9.90
C ARG A 281 -21.58 7.04 -11.09
N SER A 282 -20.80 6.56 -12.07
CA SER A 282 -20.56 7.32 -13.29
C SER A 282 -21.79 7.35 -14.22
N PHE A 283 -22.89 6.70 -13.83
CA PHE A 283 -24.16 6.92 -14.50
C PHE A 283 -25.04 7.91 -13.74
N ILE A 284 -25.26 7.64 -12.45
CA ILE A 284 -26.11 8.46 -11.61
C ILE A 284 -25.57 9.88 -11.48
N PHE A 285 -24.27 10.01 -11.17
CA PHE A 285 -23.73 11.33 -10.86
C PHE A 285 -22.97 11.97 -12.02
N ASP A 286 -23.40 11.70 -13.25
CA ASP A 286 -23.03 12.45 -14.45
C ASP A 286 -24.34 12.96 -15.08
N THR A 287 -24.21 13.90 -16.01
CA THR A 287 -25.39 14.59 -16.52
C THR A 287 -26.09 13.89 -17.66
N GLY A 288 -25.54 12.83 -18.22
CA GLY A 288 -26.36 12.15 -19.20
C GLY A 288 -26.32 12.77 -20.58
N LEU A 289 -26.30 11.88 -21.57
CA LEU A 289 -25.81 12.21 -22.89
C LEU A 289 -26.66 13.28 -23.57
N ALA A 290 -25.98 14.27 -24.14
CA ALA A 290 -26.70 15.35 -24.80
C ALA A 290 -27.59 14.79 -25.91
N PRO A 291 -28.81 15.33 -26.08
CA PRO A 291 -29.67 14.85 -27.18
C PRO A 291 -28.99 14.91 -28.53
N ALA A 292 -28.24 15.98 -28.81
CA ALA A 292 -27.60 16.10 -30.11
C ALA A 292 -26.69 14.92 -30.39
N ALA A 293 -26.02 14.38 -29.35
CA ALA A 293 -25.18 13.20 -29.51
C ALA A 293 -26.00 11.94 -29.71
N VAL A 294 -27.14 11.83 -29.02
CA VAL A 294 -28.02 10.67 -29.19
C VAL A 294 -28.67 10.70 -30.57
N GLY A 295 -29.19 11.86 -30.98
CA GLY A 295 -29.73 11.98 -32.33
C GLY A 295 -28.70 11.70 -33.40
N ALA A 296 -27.50 12.24 -33.23
CA ALA A 296 -26.40 11.95 -34.15
C ALA A 296 -26.14 10.44 -34.24
N ALA A 297 -26.03 9.78 -33.09
CA ALA A 297 -25.72 8.35 -33.02
C ALA A 297 -26.87 7.50 -33.53
N SER A 298 -28.10 7.93 -33.29
CA SER A 298 -29.24 7.18 -33.81
C SER A 298 -29.28 7.29 -35.33
N ALA A 299 -28.96 8.45 -35.89
CA ALA A 299 -28.83 8.57 -37.34
C ALA A 299 -27.70 7.70 -37.90
N ALA A 300 -26.55 7.66 -37.21
CA ALA A 300 -25.46 6.83 -37.73
C ALA A 300 -25.82 5.36 -37.71
N LEU A 301 -26.46 4.90 -36.63
CA LEU A 301 -26.89 3.52 -36.54
C LEU A 301 -27.90 3.19 -37.63
N ARG A 302 -28.71 4.18 -38.06
CA ARG A 302 -29.61 3.94 -39.19
C ARG A 302 -28.83 3.77 -40.49
N VAL A 303 -27.81 4.59 -40.71
CA VAL A 303 -27.07 4.46 -41.96
C VAL A 303 -26.30 3.13 -42.01
N LEU A 304 -25.64 2.75 -40.90
CA LEU A 304 -24.95 1.47 -40.86
C LEU A 304 -25.94 0.33 -41.09
N ASP A 305 -27.09 0.38 -40.42
CA ASP A 305 -28.12 -0.64 -40.59
C ASP A 305 -28.55 -0.72 -42.06
N ALA A 306 -28.59 0.42 -42.75
CA ALA A 306 -28.97 0.43 -44.16
C ALA A 306 -27.80 0.13 -45.09
N GLU A 307 -26.56 0.32 -44.62
CA GLU A 307 -25.35 0.16 -45.43
C GLU A 307 -24.35 -0.75 -44.73
N PRO A 308 -24.64 -2.06 -44.65
CA PRO A 308 -23.69 -2.96 -43.97
C PRO A 308 -22.36 -3.04 -44.69
N GLN A 309 -22.34 -2.63 -45.95
CA GLN A 309 -21.10 -2.56 -46.70
C GLN A 309 -20.10 -1.58 -46.08
N ARG A 310 -20.56 -0.60 -45.29
CA ARG A 310 -19.61 0.31 -44.64
C ARG A 310 -18.68 -0.45 -43.71
N ALA A 311 -19.20 -1.49 -43.04
CA ALA A 311 -18.37 -2.30 -42.15
C ALA A 311 -17.35 -3.12 -42.96
N ARG A 312 -17.80 -3.77 -44.03
CA ARG A 312 -16.88 -4.57 -44.83
CA ARG A 312 -16.89 -4.57 -44.84
C ARG A 312 -15.83 -3.71 -45.53
N ALA A 313 -16.16 -2.46 -45.82
CA ALA A 313 -15.24 -1.58 -46.55
C ALA A 313 -14.06 -1.17 -45.70
N VAL A 314 -14.27 -0.95 -44.40
CA VAL A 314 -13.17 -0.52 -43.54
C VAL A 314 -12.13 -1.63 -43.41
N LEU A 315 -12.56 -2.90 -43.34
CA LEU A 315 -11.61 -3.99 -43.33
C LEU A 315 -10.88 -4.11 -44.66
N ASP A 316 -11.58 -3.85 -45.78
CA ASP A 316 -10.93 -3.86 -47.08
C ASP A 316 -9.88 -2.76 -47.15
N ARG A 317 -10.25 -1.53 -46.75
CA ARG A 317 -9.29 -0.44 -46.79
C ARG A 317 -8.11 -0.70 -45.88
N ALA A 318 -8.36 -1.31 -44.73
CA ALA A 318 -7.28 -1.68 -43.83
C ALA A 318 -6.34 -2.66 -44.51
N ALA A 319 -6.90 -3.67 -45.18
CA ALA A 319 -6.05 -4.62 -45.89
C ALA A 319 -5.21 -3.87 -46.92
N GLU A 320 -5.84 -2.95 -47.63
CA GLU A 320 -5.14 -2.13 -48.61
C GLU A 320 -4.02 -1.34 -47.95
N LEU A 321 -4.29 -0.77 -46.77
CA LEU A 321 -3.24 -0.04 -46.05
C LEU A 321 -2.12 -0.97 -45.58
N ALA A 322 -2.48 -2.20 -45.18
CA ALA A 322 -1.49 -3.16 -44.71
C ALA A 322 -0.50 -3.51 -45.82
N THR A 323 -1.02 -3.83 -47.01
CA THR A 323 -0.16 -4.13 -48.14
C THR A 323 0.79 -2.98 -48.42
N ILE A 324 0.26 -1.75 -48.39
CA ILE A 324 1.10 -0.58 -48.58
C ILE A 324 2.25 -0.57 -47.58
N ALA A 325 1.94 -0.78 -46.31
CA ALA A 325 2.91 -0.57 -45.23
C ALA A 325 3.93 -1.70 -45.11
N GLY A 326 3.78 -2.78 -45.88
CA GLY A 326 4.63 -3.93 -45.71
C GLY A 326 4.24 -4.85 -44.58
N VAL A 327 3.01 -4.73 -44.07
CA VAL A 327 2.50 -5.63 -43.05
C VAL A 327 1.98 -6.91 -43.71
N THR A 328 2.45 -8.05 -43.22
CA THR A 328 2.23 -9.32 -43.90
C THR A 328 0.86 -9.95 -43.60
N GLU A 329 0.34 -9.78 -42.39
CA GLU A 329 -0.90 -10.43 -42.02
C GLU A 329 -2.08 -9.48 -42.23
N ALA A 330 -3.16 -9.99 -42.80
CA ALA A 330 -4.30 -9.15 -43.10
C ALA A 330 -4.89 -8.60 -41.80
N PRO A 331 -5.22 -7.32 -41.74
CA PRO A 331 -5.75 -6.75 -40.50
C PRO A 331 -7.08 -7.40 -40.15
N VAL A 332 -7.28 -7.60 -38.85
CA VAL A 332 -8.57 -8.03 -38.34
C VAL A 332 -9.40 -6.87 -37.81
N SER A 333 -8.86 -5.65 -37.82
CA SER A 333 -9.58 -4.47 -37.32
C SER A 333 -9.28 -3.30 -38.26
N ALA A 334 -9.74 -2.10 -37.88
CA ALA A 334 -9.62 -0.93 -38.77
C ALA A 334 -8.21 -0.36 -38.82
N VAL A 335 -7.46 -0.43 -37.72
CA VAL A 335 -6.21 0.32 -37.57
C VAL A 335 -5.05 -0.63 -37.80
N VAL A 336 -4.13 -0.22 -38.67
CA VAL A 336 -2.95 -1.01 -39.00
C VAL A 336 -1.79 -0.51 -38.17
N SER A 337 -1.09 -1.43 -37.50
CA SER A 337 0.17 -1.10 -36.81
C SER A 337 1.35 -1.30 -37.74
N VAL A 338 2.24 -0.32 -37.77
CA VAL A 338 3.46 -0.34 -38.57
C VAL A 338 4.60 -0.17 -37.59
N ILE A 339 5.23 -1.27 -37.21
CA ILE A 339 6.23 -1.26 -36.14
C ILE A 339 7.54 -0.73 -36.69
N LEU A 340 8.08 0.31 -36.05
CA LEU A 340 9.38 0.86 -36.43
C LEU A 340 10.50 0.59 -35.40
N GLY A 341 10.15 0.07 -34.23
CA GLY A 341 11.14 -0.38 -33.25
C GLY A 341 12.09 0.68 -32.74
N ASP A 342 11.82 1.94 -33.06
CA ASP A 342 12.71 3.05 -32.72
C ASP A 342 11.80 4.24 -32.48
N PRO A 343 11.91 4.90 -31.34
CA PRO A 343 11.01 6.02 -31.04
C PRO A 343 11.22 7.22 -31.94
N GLU A 344 12.48 7.62 -32.10
CA GLU A 344 12.79 8.80 -32.90
C GLU A 344 12.47 8.58 -34.37
N ILE A 345 12.70 7.36 -34.87
CA ILE A 345 12.31 7.03 -36.24
C ILE A 345 10.80 7.13 -36.42
N ALA A 346 10.04 6.58 -35.46
CA ALA A 346 8.58 6.67 -35.56
C ALA A 346 8.13 8.11 -35.60
N VAL A 347 8.68 8.94 -34.71
CA VAL A 347 8.37 10.37 -34.67
C VAL A 347 8.74 11.03 -35.98
N GLY A 348 9.93 10.75 -36.50
CA GLY A 348 10.30 11.32 -37.78
C GLY A 348 9.39 10.87 -38.91
N ALA A 349 9.01 9.59 -38.92
CA ALA A 349 8.19 9.09 -40.01
C ALA A 349 6.81 9.76 -40.01
N ALA A 350 6.19 9.87 -38.83
CA ALA A 350 4.93 10.58 -38.74
C ALA A 350 5.09 12.03 -39.21
N ALA A 351 6.22 12.67 -38.86
CA ALA A 351 6.43 14.05 -39.29
C ALA A 351 6.63 14.15 -40.80
N ALA A 352 7.35 13.18 -41.39
CA ALA A 352 7.53 13.19 -42.84
C ALA A 352 6.23 12.85 -43.56
N CYS A 353 5.39 12.00 -42.99
CA CYS A 353 4.06 11.77 -43.53
C CYS A 353 3.21 13.05 -43.48
N LEU A 354 3.14 13.67 -42.30
CA LEU A 354 2.34 14.87 -42.13
C LEU A 354 2.76 15.95 -43.11
N ASP A 355 4.07 16.18 -43.24
CA ASP A 355 4.58 17.20 -44.13
C ASP A 355 4.24 16.93 -45.59
N ARG A 356 3.98 15.67 -45.96
CA ARG A 356 3.59 15.35 -47.32
C ARG A 356 2.07 15.23 -47.48
N GLY A 357 1.29 15.64 -46.48
CA GLY A 357 -0.15 15.70 -46.58
C GLY A 357 -0.94 14.55 -45.97
N VAL A 358 -0.31 13.71 -45.14
CA VAL A 358 -0.93 12.51 -44.59
C VAL A 358 -0.75 12.52 -43.06
N ARG A 359 -1.86 12.45 -42.32
CA ARG A 359 -1.83 12.36 -40.87
C ARG A 359 -1.95 10.89 -40.46
N VAL A 360 -0.97 10.40 -39.71
CA VAL A 360 -0.94 9.03 -39.24
C VAL A 360 -0.76 9.04 -37.72
N GLY A 361 -0.96 7.88 -37.10
CA GLY A 361 -0.78 7.76 -35.67
C GLY A 361 0.67 7.41 -35.30
N CYS A 362 1.10 7.87 -34.12
CA CYS A 362 2.49 7.70 -33.68
C CYS A 362 2.50 7.34 -32.20
N PHE A 363 2.92 6.11 -31.86
CA PHE A 363 2.88 5.61 -30.49
C PHE A 363 4.29 5.17 -30.05
N ARG A 364 4.69 5.56 -28.84
CA ARG A 364 5.98 5.21 -28.26
C ARG A 364 5.82 4.73 -26.82
N PRO A 365 6.82 4.02 -26.28
CA PRO A 365 6.82 3.72 -24.83
C PRO A 365 6.72 5.00 -24.02
N PRO A 366 5.98 5.00 -22.90
CA PRO A 366 5.38 3.85 -22.23
C PRO A 366 4.02 3.49 -22.77
N THR A 367 3.58 4.10 -23.89
CA THR A 367 2.21 3.85 -24.38
C THR A 367 2.06 2.45 -24.96
N VAL A 368 3.06 1.99 -25.71
CA VAL A 368 3.09 0.64 -26.24
C VAL A 368 4.30 -0.01 -25.58
N PRO A 369 4.44 -1.34 -25.64
CA PRO A 369 5.61 -1.98 -25.02
C PRO A 369 6.95 -1.45 -25.52
N ALA A 370 7.99 -1.64 -24.71
CA ALA A 370 9.33 -1.22 -25.09
C ALA A 370 9.77 -1.98 -26.34
N GLY A 371 10.47 -1.27 -27.23
CA GLY A 371 10.89 -1.84 -28.49
C GLY A 371 9.83 -1.85 -29.58
N THR A 372 8.64 -1.35 -29.32
CA THR A 372 7.58 -1.47 -30.30
C THR A 372 7.02 -0.13 -30.77
N SER A 373 7.83 0.93 -30.79
CA SER A 373 7.36 2.20 -31.34
C SER A 373 6.90 1.99 -32.78
N ARG A 374 5.82 2.66 -33.15
CA ARG A 374 5.08 2.31 -34.34
C ARG A 374 4.26 3.49 -34.87
N LEU A 375 3.86 3.36 -36.12
CA LEU A 375 2.80 4.18 -36.66
C LEU A 375 1.51 3.37 -36.62
N ARG A 376 0.38 4.09 -36.49
CA ARG A 376 -0.98 3.55 -36.56
C ARG A 376 -1.69 4.20 -37.75
N LEU A 377 -2.21 3.37 -38.66
CA LEU A 377 -2.93 3.82 -39.84
C LEU A 377 -4.36 3.34 -39.70
N ALA A 378 -5.29 4.26 -39.42
CA ALA A 378 -6.69 3.92 -39.18
C ALA A 378 -7.47 3.96 -40.49
N ALA A 379 -8.08 2.83 -40.86
CA ALA A 379 -8.92 2.77 -42.04
C ALA A 379 -10.28 3.41 -41.75
N ARG A 380 -10.88 3.97 -42.78
CA ARG A 380 -12.22 4.54 -42.72
C ARG A 380 -12.99 4.07 -43.94
N ALA A 381 -14.24 3.68 -43.70
CA ALA A 381 -15.12 3.31 -44.81
C ALA A 381 -15.23 4.42 -45.86
N SER A 382 -15.05 5.68 -45.47
CA SER A 382 -15.26 6.75 -46.42
C SER A 382 -14.00 7.13 -47.19
N LEU A 383 -12.89 6.42 -46.99
CA LEU A 383 -11.68 6.67 -47.77
C LEU A 383 -11.91 6.38 -49.24
N THR A 384 -11.45 7.28 -50.12
CA THR A 384 -11.62 7.06 -51.55
C THR A 384 -10.35 6.47 -52.14
N ASP A 385 -10.49 5.93 -53.36
CA ASP A 385 -9.36 5.28 -54.02
C ASP A 385 -8.27 6.28 -54.34
N ASP A 386 -8.63 7.56 -54.53
CA ASP A 386 -7.63 8.60 -54.74
C ASP A 386 -6.89 8.96 -53.45
N GLU A 387 -7.56 8.89 -52.30
CA GLU A 387 -6.87 9.06 -51.03
C GLU A 387 -5.91 7.90 -50.79
N MET A 388 -6.30 6.70 -51.23
CA MET A 388 -5.45 5.53 -51.09
C MET A 388 -4.24 5.61 -52.01
N ALA A 389 -4.39 6.23 -53.18
CA ALA A 389 -3.25 6.41 -54.07
C ALA A 389 -2.25 7.39 -53.48
N LEU A 390 -2.72 8.42 -52.79
CA LEU A 390 -1.82 9.32 -52.08
C LEU A 390 -1.17 8.63 -50.87
N ALA A 391 -1.92 7.77 -50.18
CA ALA A 391 -1.32 7.01 -49.09
C ALA A 391 -0.27 6.03 -49.61
N ARG A 392 -0.56 5.36 -50.74
CA ARG A 392 0.41 4.43 -51.31
C ARG A 392 1.73 5.13 -51.62
N GLN A 393 1.65 6.30 -52.28
CA GLN A 393 2.86 7.00 -52.65
C GLN A 393 3.62 7.55 -51.45
N VAL A 394 2.91 8.19 -50.51
CA VAL A 394 3.63 8.84 -49.41
C VAL A 394 4.17 7.81 -48.43
N LEU A 395 3.38 6.77 -48.13
CA LEU A 395 3.83 5.77 -47.17
C LEU A 395 4.98 4.94 -47.72
N THR A 396 4.91 4.54 -48.99
CA THR A 396 6.02 3.84 -49.62
C THR A 396 7.30 4.67 -49.50
N ASP A 397 7.19 5.98 -49.71
CA ASP A 397 8.36 6.84 -49.67
C ASP A 397 8.89 7.03 -48.24
N VAL A 398 8.01 7.34 -47.31
CA VAL A 398 8.48 7.56 -45.94
C VAL A 398 9.00 6.27 -45.33
N LEU A 399 8.30 5.16 -45.55
CA LEU A 399 8.67 3.92 -44.87
C LEU A 399 9.94 3.33 -45.43
N ALA A 400 10.13 3.39 -46.76
CA ALA A 400 11.37 2.87 -47.35
C ALA A 400 12.58 3.66 -46.85
N THR A 401 12.38 4.94 -46.55
CA THR A 401 13.42 5.76 -45.94
C THR A 401 13.69 5.37 -44.49
N ALA A 402 12.64 5.02 -43.76
CA ALA A 402 12.72 4.74 -42.32
C ALA A 402 13.17 3.32 -41.99
N ARG A 403 13.21 2.41 -42.98
CA ARG A 403 13.63 1.04 -42.76
C ARG A 403 14.89 0.70 -43.53
N ALA A 404 15.60 1.71 -44.03
CA ALA A 404 16.88 1.52 -44.76
C ALA A 404 17.91 0.68 -44.00
N ALA B 26 -27.26 -22.41 -19.12
CA ALA B 26 -27.54 -21.81 -17.82
C ALA B 26 -26.37 -20.99 -17.31
N GLY B 27 -26.13 -19.84 -17.93
CA GLY B 27 -25.20 -18.87 -17.39
C GLY B 27 -25.91 -17.96 -16.42
N LEU B 28 -26.80 -18.56 -15.62
CA LEU B 28 -27.70 -17.82 -14.76
C LEU B 28 -27.01 -17.33 -13.50
N SER B 29 -26.14 -18.17 -12.94
CA SER B 29 -25.48 -17.88 -11.67
C SER B 29 -24.75 -16.53 -11.65
N PRO B 30 -23.89 -16.19 -12.61
CA PRO B 30 -23.06 -14.98 -12.45
C PRO B 30 -23.86 -13.68 -12.43
N LEU B 31 -25.11 -13.67 -12.88
CA LEU B 31 -25.93 -12.46 -12.82
C LEU B 31 -27.11 -12.60 -11.87
N ALA B 32 -27.31 -13.78 -11.29
CA ALA B 32 -28.38 -14.00 -10.33
C ALA B 32 -28.22 -13.19 -9.04
N TRP B 33 -26.99 -12.78 -8.70
CA TRP B 33 -26.84 -11.94 -7.52
C TRP B 33 -27.45 -10.56 -7.71
N LEU B 34 -27.67 -10.13 -8.96
CA LEU B 34 -28.30 -8.85 -9.17
C LEU B 34 -29.72 -8.85 -8.62
N ALA B 35 -30.35 -10.03 -8.59
CA ALA B 35 -31.69 -10.13 -8.03
C ALA B 35 -31.67 -9.95 -6.51
N ASP B 36 -30.66 -10.50 -5.84
CA ASP B 36 -30.60 -10.31 -4.39
C ASP B 36 -30.35 -8.85 -4.04
N ILE B 37 -29.53 -8.16 -4.83
CA ILE B 37 -29.31 -6.75 -4.59
C ILE B 37 -30.58 -5.94 -4.82
N GLU B 38 -31.40 -6.34 -5.79
CA GLU B 38 -32.65 -5.63 -6.01
C GLU B 38 -33.65 -5.87 -4.87
N GLN B 39 -33.70 -7.09 -4.34
CA GLN B 39 -34.57 -7.32 -3.20
C GLN B 39 -34.14 -6.47 -2.00
N ARG B 40 -32.84 -6.47 -1.69
CA ARG B 40 -32.35 -5.69 -0.55
C ARG B 40 -32.55 -4.19 -0.77
N ARG B 41 -32.30 -3.70 -1.98
CA ARG B 41 -32.52 -2.28 -2.27
C ARG B 41 -33.99 -1.91 -2.13
N ARG B 42 -34.89 -2.75 -2.64
CA ARG B 42 -36.32 -2.49 -2.48
C ARG B 42 -36.74 -2.69 -1.03
N ALA B 43 -36.06 -3.58 -0.30
CA ALA B 43 -36.34 -3.80 1.12
C ALA B 43 -36.08 -2.56 1.96
N GLU B 44 -35.03 -1.80 1.65
CA GLU B 44 -34.73 -0.53 2.31
C GLU B 44 -35.37 0.66 1.61
N GLY B 45 -36.14 0.43 0.55
CA GLY B 45 -36.79 1.51 -0.15
C GLY B 45 -35.86 2.41 -0.92
N LEU B 46 -34.72 1.88 -1.38
CA LEU B 46 -33.70 2.68 -2.04
C LEU B 46 -33.59 2.43 -3.54
N ARG B 47 -34.30 1.44 -4.08
CA ARG B 47 -34.15 1.08 -5.49
C ARG B 47 -34.56 2.25 -6.38
N ARG B 48 -33.57 2.82 -7.08
CA ARG B 48 -33.82 3.92 -8.01
C ARG B 48 -34.30 3.37 -9.36
N GLU B 49 -35.21 4.13 -9.98
CA GLU B 49 -35.74 3.83 -11.31
C GLU B 49 -35.78 5.12 -12.13
N LEU B 50 -35.95 4.93 -13.45
CA LEU B 50 -36.06 6.02 -14.40
C LEU B 50 -37.52 6.31 -14.72
N ARG B 51 -37.87 7.59 -14.75
CA ARG B 51 -39.03 8.05 -15.48
C ARG B 51 -38.56 8.61 -16.81
N VAL B 52 -39.47 8.60 -17.79
CA VAL B 52 -39.18 8.98 -19.17
C VAL B 52 -39.91 10.29 -19.45
N ARG B 53 -39.18 11.32 -19.87
CA ARG B 53 -39.67 12.68 -20.04
C ARG B 53 -40.06 12.92 -21.50
N PRO B 54 -41.23 13.49 -21.79
CA PRO B 54 -41.60 13.78 -23.18
C PRO B 54 -41.03 15.12 -23.61
N PRO B 55 -41.00 15.38 -24.92
CA PRO B 55 -40.44 16.67 -25.38
C PRO B 55 -41.19 17.88 -24.84
N VAL B 56 -42.51 17.90 -24.94
CA VAL B 56 -43.33 18.91 -24.28
C VAL B 56 -43.64 18.39 -22.88
N ALA B 57 -42.97 18.95 -21.88
CA ALA B 57 -43.22 18.55 -20.50
C ALA B 57 -44.57 19.05 -20.02
N ALA B 58 -45.32 18.16 -19.37
CA ALA B 58 -46.61 18.53 -18.78
C ALA B 58 -46.47 19.19 -17.41
N GLU B 59 -45.36 18.93 -16.70
CA GLU B 59 -45.23 19.31 -15.30
C GLU B 59 -44.08 20.31 -15.12
N LEU B 60 -44.28 21.24 -14.20
CA LEU B 60 -43.28 22.23 -13.85
C LEU B 60 -42.03 21.59 -13.25
N ASP B 61 -40.87 21.93 -13.77
CA ASP B 61 -39.62 21.30 -13.34
C ASP B 61 -38.89 22.17 -12.33
N LEU B 62 -38.81 21.66 -11.10
CA LEU B 62 -37.99 22.22 -10.02
C LEU B 62 -36.91 21.23 -9.60
N ALA B 63 -36.49 20.36 -10.52
CA ALA B 63 -35.55 19.29 -10.20
C ALA B 63 -34.26 19.27 -11.02
N SER B 64 -34.23 19.84 -12.22
CA SER B 64 -33.05 19.89 -13.07
C SER B 64 -32.08 20.95 -12.56
N ASN B 65 -30.85 20.92 -13.05
CA ASN B 65 -29.89 21.96 -12.70
C ASN B 65 -29.62 22.91 -13.88
N ASP B 66 -30.63 23.10 -14.75
CA ASP B 66 -30.62 24.09 -15.83
C ASP B 66 -30.97 25.48 -15.27
N TYR B 67 -30.01 26.01 -14.50
CA TYR B 67 -30.26 27.15 -13.62
C TYR B 67 -30.69 28.40 -14.37
N LEU B 68 -30.09 28.66 -15.52
CA LEU B 68 -30.35 29.89 -16.25
C LEU B 68 -31.41 29.73 -17.33
N GLY B 69 -32.01 28.53 -17.44
CA GLY B 69 -32.98 28.25 -18.49
C GLY B 69 -32.36 28.22 -19.87
N LEU B 70 -31.08 27.91 -19.99
CA LEU B 70 -30.41 28.12 -21.26
C LEU B 70 -30.42 26.88 -22.16
N SER B 71 -30.73 25.71 -21.62
CA SER B 71 -30.73 24.50 -22.44
C SER B 71 -31.60 24.64 -23.69
N GLN B 72 -32.70 25.38 -23.59
CA GLN B 72 -33.58 25.50 -24.75
C GLN B 72 -33.72 26.95 -25.22
N HIS B 73 -32.73 27.78 -24.93
CA HIS B 73 -32.74 29.15 -25.40
C HIS B 73 -32.45 29.15 -26.90
N PRO B 74 -33.13 30.00 -27.68
CA PRO B 74 -32.93 29.97 -29.14
C PRO B 74 -31.49 30.18 -29.57
N ASP B 75 -30.77 31.10 -28.92
CA ASP B 75 -29.35 31.27 -29.22
C ASP B 75 -28.57 29.98 -28.96
N VAL B 76 -28.87 29.26 -27.88
CA VAL B 76 -28.19 28.00 -27.58
C VAL B 76 -28.49 26.96 -28.65
N LEU B 77 -29.76 26.87 -29.08
CA LEU B 77 -30.11 26.00 -30.20
C LEU B 77 -29.29 26.36 -31.43
N ASP B 78 -29.15 27.66 -31.72
CA ASP B 78 -28.37 28.10 -32.88
C ASP B 78 -26.91 27.68 -32.76
N GLY B 79 -26.29 27.88 -31.58
CA GLY B 79 -24.87 27.55 -31.42
C GLY B 79 -24.56 26.09 -31.66
N GLY B 80 -25.37 25.20 -31.10
CA GLY B 80 -25.14 23.76 -31.30
C GLY B 80 -25.34 23.33 -32.74
N VAL B 81 -26.37 23.87 -33.41
CA VAL B 81 -26.69 23.50 -34.78
C VAL B 81 -25.61 23.99 -35.72
N GLU B 82 -25.12 25.20 -35.48
CA GLU B 82 -24.07 25.77 -36.30
C GLU B 82 -22.77 24.99 -36.12
N ALA B 83 -22.43 24.63 -34.88
CA ALA B 83 -21.27 23.76 -34.68
C ALA B 83 -21.50 22.43 -35.38
N LEU B 84 -22.69 21.86 -35.21
CA LEU B 84 -22.98 20.53 -35.75
C LEU B 84 -22.83 20.50 -37.26
N ARG B 85 -23.38 21.50 -37.95
CA ARG B 85 -23.27 21.56 -39.41
C ARG B 85 -21.85 21.88 -39.86
N THR B 86 -21.08 22.62 -39.06
CA THR B 86 -19.72 22.98 -39.47
C THR B 86 -18.73 21.86 -39.19
N TRP B 87 -18.89 21.18 -38.05
CA TRP B 87 -17.85 20.27 -37.59
C TRP B 87 -18.27 18.79 -37.59
N GLY B 88 -19.55 18.50 -37.50
CA GLY B 88 -20.06 17.13 -37.48
C GLY B 88 -20.64 16.78 -36.12
N GLY B 89 -21.11 15.52 -36.02
CA GLY B 89 -21.75 15.02 -34.81
C GLY B 89 -20.78 14.67 -33.69
N GLY B 90 -19.53 14.35 -34.02
CA GLY B 90 -18.56 14.04 -32.99
C GLY B 90 -17.21 14.66 -33.31
N ALA B 91 -16.33 14.63 -32.31
CA ALA B 91 -14.98 15.14 -32.52
C ALA B 91 -14.17 14.24 -33.45
N GLY B 92 -14.56 12.97 -33.59
CA GLY B 92 -13.90 12.01 -34.47
C GLY B 92 -12.77 11.24 -33.83
N GLY B 93 -12.26 11.69 -32.69
CA GLY B 93 -11.21 10.99 -31.98
C GLY B 93 -10.76 11.80 -30.78
N SER B 94 -9.75 11.29 -30.11
CA SER B 94 -9.14 12.00 -28.99
C SER B 94 -8.62 13.36 -29.44
N ARG B 95 -8.70 14.36 -28.54
CA ARG B 95 -8.13 15.68 -28.82
C ARG B 95 -6.62 15.62 -29.07
N LEU B 96 -5.95 14.54 -28.67
CA LEU B 96 -4.50 14.34 -28.87
C LEU B 96 -4.17 13.74 -30.23
N VAL B 97 -5.18 13.36 -31.02
CA VAL B 97 -4.97 12.84 -32.35
C VAL B 97 -5.61 13.79 -33.36
N THR B 98 -6.94 13.76 -33.46
CA THR B 98 -7.66 14.53 -34.47
C THR B 98 -8.93 15.21 -33.99
N GLY B 99 -9.27 15.16 -32.71
CA GLY B 99 -10.49 15.71 -32.20
C GLY B 99 -10.47 17.16 -31.76
N ASN B 100 -9.31 17.82 -31.82
CA ASN B 100 -9.16 19.20 -31.35
C ASN B 100 -9.45 20.17 -32.49
N THR B 101 -10.64 20.76 -32.48
CA THR B 101 -10.99 21.72 -33.51
C THR B 101 -10.62 23.14 -33.08
N GLU B 102 -10.63 24.06 -34.05
CA GLU B 102 -10.63 25.48 -33.73
C GLU B 102 -11.82 25.84 -32.83
N LEU B 103 -12.94 25.12 -32.95
CA LEU B 103 -14.07 25.45 -32.08
C LEU B 103 -13.75 25.17 -30.62
N HIS B 104 -13.14 24.01 -30.33
CA HIS B 104 -12.75 23.68 -28.96
C HIS B 104 -11.85 24.76 -28.35
N GLU B 105 -10.84 25.20 -29.09
CA GLU B 105 -9.91 26.15 -28.49
C GLU B 105 -10.51 27.55 -28.39
N ALA B 106 -11.41 27.92 -29.31
CA ALA B 106 -12.07 29.22 -29.21
C ALA B 106 -13.00 29.26 -28.00
N PHE B 107 -13.72 28.18 -27.75
CA PHE B 107 -14.53 28.13 -26.54
C PHE B 107 -13.66 28.13 -25.29
N GLU B 108 -12.56 27.37 -25.29
CA GLU B 108 -11.70 27.36 -24.11
C GLU B 108 -11.22 28.78 -23.78
N HIS B 109 -10.85 29.57 -24.80
CA HIS B 109 -10.49 30.96 -24.57
C HIS B 109 -11.69 31.78 -24.05
N GLN B 110 -12.87 31.56 -24.62
CA GLN B 110 -14.05 32.30 -24.18
C GLN B 110 -14.40 32.00 -22.73
N LEU B 111 -14.28 30.73 -22.33
CA LEU B 111 -14.64 30.34 -20.97
C LEU B 111 -13.63 30.87 -19.97
N ALA B 112 -12.35 30.72 -20.27
CA ALA B 112 -11.27 31.20 -19.40
C ALA B 112 -11.35 32.71 -19.21
N SER B 113 -11.59 33.45 -20.30
CA SER B 113 -11.72 34.90 -20.21
C SER B 113 -12.92 35.29 -19.36
N PHE B 114 -14.06 34.62 -19.57
CA PHE B 114 -15.23 34.93 -18.77
C PHE B 114 -14.96 34.70 -17.29
N LEU B 115 -14.24 33.62 -16.98
CA LEU B 115 -14.00 33.21 -15.60
C LEU B 115 -12.81 33.90 -14.96
N GLY B 116 -12.02 34.63 -15.76
CA GLY B 116 -10.84 35.29 -15.27
C GLY B 116 -9.64 34.40 -15.09
N ALA B 117 -9.64 33.23 -15.72
CA ALA B 117 -8.54 32.29 -15.63
C ALA B 117 -7.61 32.43 -16.82
N GLU B 118 -6.40 31.91 -16.66
CA GLU B 118 -5.39 31.98 -17.70
C GLU B 118 -5.67 31.01 -18.84
N SER B 119 -6.29 29.86 -18.57
CA SER B 119 -6.46 28.83 -19.60
C SER B 119 -7.61 27.91 -19.22
N ALA B 120 -8.09 27.17 -20.21
CA ALA B 120 -9.21 26.25 -20.01
C ALA B 120 -9.04 25.03 -20.90
N LEU B 121 -9.56 23.89 -20.42
CA LEU B 121 -9.52 22.64 -21.16
C LEU B 121 -10.83 21.91 -20.94
N VAL B 122 -11.54 21.59 -22.03
CA VAL B 122 -12.85 20.98 -21.94
C VAL B 122 -12.72 19.47 -22.09
N PHE B 123 -13.51 18.75 -21.29
CA PHE B 123 -13.60 17.31 -21.24
C PHE B 123 -14.99 16.87 -21.69
N SER B 124 -15.17 15.56 -21.86
CA SER B 124 -16.47 15.06 -22.34
C SER B 124 -17.58 15.31 -21.32
N SER B 125 -17.26 15.40 -20.02
CA SER B 125 -18.28 15.63 -19.00
C SER B 125 -17.59 16.22 -17.78
N GLY B 126 -18.42 16.71 -16.85
CA GLY B 126 -17.91 17.14 -15.57
C GLY B 126 -17.25 16.02 -14.80
N TYR B 127 -17.77 14.80 -14.94
CA TYR B 127 -17.22 13.66 -14.21
C TYR B 127 -15.78 13.39 -14.62
N THR B 128 -15.51 13.36 -15.93
CA THR B 128 -14.16 13.10 -16.41
C THR B 128 -13.25 14.31 -16.22
N ALA B 129 -13.81 15.53 -16.20
CA ALA B 129 -13.00 16.69 -15.87
C ALA B 129 -12.50 16.61 -14.43
N ASN B 130 -13.35 16.17 -13.51
CA ASN B 130 -12.92 15.99 -12.12
C ASN B 130 -11.88 14.87 -12.01
N LEU B 131 -12.13 13.71 -12.62
CA LEU B 131 -11.14 12.66 -12.62
C LEU B 131 -9.82 13.16 -13.22
N GLY B 132 -9.90 13.82 -14.38
CA GLY B 132 -8.69 14.22 -15.08
C GLY B 132 -7.85 15.22 -14.31
N ALA B 133 -8.50 16.22 -13.71
CA ALA B 133 -7.80 17.29 -13.02
C ALA B 133 -7.17 16.80 -11.71
N LEU B 134 -7.96 16.14 -10.87
CA LEU B 134 -7.44 15.79 -9.55
C LEU B 134 -6.37 14.70 -9.65
N VAL B 135 -6.59 13.69 -10.51
CA VAL B 135 -5.62 12.61 -10.63
C VAL B 135 -4.27 13.12 -11.11
N ALA B 136 -4.27 13.99 -12.13
CA ALA B 136 -3.04 14.45 -12.75
C ALA B 136 -2.27 15.45 -11.91
N LEU B 137 -2.94 16.15 -11.00
CA LEU B 137 -2.25 17.12 -10.17
C LEU B 137 -1.89 16.59 -8.79
N SER B 138 -2.31 15.36 -8.46
CA SER B 138 -1.95 14.73 -7.20
C SER B 138 -1.07 13.55 -7.49
N GLY B 139 -1.61 12.33 -7.60
CA GLY B 139 -0.81 11.18 -7.94
C GLY B 139 -0.16 10.52 -6.74
N PRO B 140 0.46 9.37 -6.96
CA PRO B 140 1.17 8.70 -5.85
C PRO B 140 2.26 9.58 -5.27
N GLY B 141 2.51 9.39 -3.97
CA GLY B 141 3.45 10.20 -3.22
C GLY B 141 2.94 11.58 -2.81
N SER B 142 1.71 11.95 -3.16
CA SER B 142 1.14 13.23 -2.80
C SER B 142 -0.02 13.04 -1.81
N LEU B 143 -0.49 14.15 -1.25
CA LEU B 143 -1.58 14.17 -0.29
C LEU B 143 -2.79 14.90 -0.86
N ILE B 144 -3.99 14.33 -0.72
CA ILE B 144 -5.25 15.00 -1.03
C ILE B 144 -6.04 15.17 0.26
N VAL B 145 -6.49 16.41 0.53
CA VAL B 145 -7.38 16.72 1.64
C VAL B 145 -8.77 16.99 1.07
N SER B 146 -9.72 16.16 1.47
CA SER B 146 -11.01 16.04 0.83
C SER B 146 -12.12 16.37 1.81
N ASP B 147 -13.13 17.10 1.35
CA ASP B 147 -14.29 17.41 2.19
C ASP B 147 -15.21 16.20 2.31
N ALA B 148 -15.71 15.95 3.52
CA ALA B 148 -16.53 14.75 3.72
C ALA B 148 -17.82 14.77 2.91
N LEU B 149 -18.33 15.95 2.57
CA LEU B 149 -19.56 16.00 1.79
C LEU B 149 -19.29 16.13 0.30
N SER B 150 -18.23 15.51 -0.21
CA SER B 150 -17.86 15.77 -1.59
C SER B 150 -18.70 14.97 -2.57
N HIS B 151 -18.93 15.59 -3.73
CA HIS B 151 -19.66 14.97 -4.81
C HIS B 151 -18.97 13.67 -5.20
N ALA B 152 -19.76 12.71 -5.67
CA ALA B 152 -19.25 11.39 -5.99
C ALA B 152 -18.14 11.43 -7.03
N SER B 153 -18.23 12.37 -7.99
CA SER B 153 -17.17 12.49 -8.99
C SER B 153 -15.82 12.85 -8.35
N LEU B 154 -15.83 13.62 -7.26
CA LEU B 154 -14.59 13.95 -6.59
C LEU B 154 -14.10 12.82 -5.69
N VAL B 155 -15.01 12.08 -5.05
CA VAL B 155 -14.62 10.93 -4.24
C VAL B 155 -13.98 9.85 -5.13
N ASP B 156 -14.56 9.61 -6.31
CA ASP B 156 -13.96 8.66 -7.25
C ASP B 156 -12.59 9.12 -7.70
N ALA B 157 -12.43 10.43 -7.93
CA ALA B 157 -11.15 10.94 -8.35
C ALA B 157 -10.09 10.66 -7.29
N CYS B 158 -10.41 10.92 -6.01
CA CYS B 158 -9.48 10.66 -4.93
C CYS B 158 -9.05 9.20 -4.90
N ARG B 159 -10.01 8.29 -5.16
CA ARG B 159 -9.66 6.87 -5.25
C ARG B 159 -8.71 6.61 -6.41
N LEU B 160 -8.94 7.28 -7.54
CA LEU B 160 -8.16 7.03 -8.75
C LEU B 160 -6.79 7.66 -8.73
N SER B 161 -6.62 8.75 -7.98
CA SER B 161 -5.38 9.48 -7.99
C SER B 161 -4.22 8.62 -7.51
N ARG B 162 -4.49 7.60 -6.69
CA ARG B 162 -3.47 6.82 -6.00
C ARG B 162 -2.64 7.69 -5.07
N ALA B 163 -3.19 8.82 -4.65
CA ALA B 163 -2.57 9.63 -3.63
C ALA B 163 -3.03 9.15 -2.26
N ARG B 164 -2.41 9.69 -1.21
CA ARG B 164 -2.91 9.47 0.14
C ARG B 164 -4.02 10.47 0.42
N VAL B 165 -5.17 9.98 0.87
CA VAL B 165 -6.40 10.78 0.97
C VAL B 165 -6.80 10.97 2.42
N VAL B 166 -6.84 12.22 2.85
CA VAL B 166 -7.37 12.64 4.14
C VAL B 166 -8.72 13.30 3.89
N VAL B 167 -9.77 12.80 4.55
CA VAL B 167 -11.11 13.40 4.47
C VAL B 167 -11.37 14.23 5.73
N SER B 168 -11.63 15.58 5.55
CA SER B 168 -11.88 16.50 6.66
C SER B 168 -13.36 16.72 6.89
N PRO B 169 -13.74 17.05 8.13
CA PRO B 169 -15.13 17.46 8.39
C PRO B 169 -15.52 18.62 7.49
N HIS B 170 -16.83 18.73 7.21
CA HIS B 170 -17.34 19.70 6.23
C HIS B 170 -16.86 21.11 6.55
N ARG B 171 -16.15 21.71 5.59
CA ARG B 171 -15.69 23.11 5.64
C ARG B 171 -14.90 23.40 6.92
N ASP B 172 -14.11 22.44 7.36
CA ASP B 172 -13.36 22.57 8.60
C ASP B 172 -11.95 23.00 8.21
N VAL B 173 -11.74 24.31 8.13
CA VAL B 173 -10.47 24.83 7.65
C VAL B 173 -9.33 24.42 8.60
N ASP B 174 -9.59 24.45 9.90
CA ASP B 174 -8.54 24.07 10.85
C ASP B 174 -8.10 22.63 10.64
N ALA B 175 -9.07 21.73 10.39
CA ALA B 175 -8.72 20.34 10.11
C ALA B 175 -7.84 20.26 8.88
N VAL B 176 -8.15 21.08 7.87
CA VAL B 176 -7.31 21.15 6.69
C VAL B 176 -5.91 21.62 7.06
N ASP B 177 -5.83 22.68 7.88
CA ASP B 177 -4.55 23.20 8.32
C ASP B 177 -3.71 22.12 9.00
N ALA B 178 -4.30 21.39 9.95
CA ALA B 178 -3.53 20.39 10.69
C ALA B 178 -3.06 19.27 9.78
N ALA B 179 -3.92 18.86 8.83
CA ALA B 179 -3.53 17.78 7.93
C ALA B 179 -2.35 18.19 7.06
N LEU B 180 -2.36 19.44 6.55
CA LEU B 180 -1.25 19.93 5.73
C LEU B 180 0.02 20.12 6.54
N ALA B 181 -0.10 20.60 7.78
CA ALA B 181 1.06 20.88 8.61
C ALA B 181 1.80 19.62 9.03
N ALA B 182 1.11 18.47 9.07
CA ALA B 182 1.73 17.24 9.54
C ALA B 182 2.12 16.31 8.41
N ARG B 183 1.85 16.68 7.15
CA ARG B 183 2.13 15.77 6.06
C ARG B 183 3.64 15.64 5.86
N THR B 184 4.07 14.46 5.40
CA THR B 184 5.45 14.28 4.97
C THR B 184 5.57 14.40 3.46
N GLU B 185 4.45 14.56 2.75
CA GLU B 185 4.44 14.66 1.30
C GLU B 185 4.70 16.10 0.89
N GLU B 186 5.54 16.28 -0.12
CA GLU B 186 5.84 17.62 -0.60
C GLU B 186 4.62 18.27 -1.26
N ARG B 187 3.95 17.57 -2.17
CA ARG B 187 2.84 18.14 -2.91
C ARG B 187 1.51 17.72 -2.28
N ALA B 188 0.64 18.70 -2.08
CA ALA B 188 -0.67 18.46 -1.50
C ALA B 188 -1.72 19.23 -2.26
N VAL B 189 -2.89 18.60 -2.46
CA VAL B 189 -4.04 19.24 -3.08
C VAL B 189 -5.18 19.23 -2.08
N VAL B 190 -5.75 20.39 -1.82
CA VAL B 190 -7.00 20.52 -1.07
C VAL B 190 -8.15 20.62 -2.07
N VAL B 191 -9.11 19.70 -1.97
CA VAL B 191 -10.22 19.59 -2.90
C VAL B 191 -11.48 20.05 -2.19
N THR B 192 -12.28 20.86 -2.89
CA THR B 192 -13.59 21.25 -2.37
C THR B 192 -14.47 21.75 -3.51
N GLU B 193 -15.78 21.75 -3.25
CA GLU B 193 -16.74 22.43 -4.09
C GLU B 193 -16.89 23.87 -3.61
N SER B 194 -17.07 24.82 -4.55
CA SER B 194 -17.41 26.19 -4.16
C SER B 194 -18.84 26.25 -3.61
N VAL B 195 -19.79 25.77 -4.39
CA VAL B 195 -21.15 25.57 -3.93
C VAL B 195 -21.33 24.06 -3.86
N PHE B 196 -21.62 23.55 -2.65
CA PHE B 196 -21.68 22.11 -2.44
C PHE B 196 -22.99 21.54 -3.01
N SER B 197 -22.88 20.41 -3.73
CA SER B 197 -24.06 19.77 -4.29
C SER B 197 -24.93 19.15 -3.20
N ALA B 198 -24.33 18.74 -2.08
CA ALA B 198 -25.09 18.13 -1.00
C ALA B 198 -26.13 19.11 -0.43
N ASP B 199 -25.66 20.24 0.11
CA ASP B 199 -26.50 21.15 0.88
C ASP B 199 -26.71 22.52 0.26
N GLY B 200 -25.93 22.90 -0.75
CA GLY B 200 -26.03 24.23 -1.31
C GLY B 200 -25.28 25.30 -0.53
N ASP B 201 -24.59 24.94 0.55
CA ASP B 201 -23.83 25.92 1.30
C ASP B 201 -22.58 26.33 0.52
N LEU B 202 -21.92 27.37 1.00
CA LEU B 202 -20.75 27.94 0.35
C LEU B 202 -19.46 27.52 1.04
N ALA B 203 -18.44 27.21 0.26
CA ALA B 203 -17.16 26.85 0.84
C ALA B 203 -16.40 28.10 1.30
N PRO B 204 -15.62 27.98 2.40
CA PRO B 204 -14.80 29.12 2.88
C PRO B 204 -13.56 29.31 2.02
N LEU B 205 -13.76 29.83 0.82
CA LEU B 205 -12.70 29.77 -0.18
C LEU B 205 -11.47 30.58 0.24
N ARG B 206 -11.64 31.78 0.77
CA ARG B 206 -10.47 32.58 1.11
C ARG B 206 -9.69 31.99 2.28
N ASP B 207 -10.38 31.51 3.31
CA ASP B 207 -9.68 30.89 4.43
C ASP B 207 -8.94 29.63 3.97
N LEU B 208 -9.63 28.76 3.22
CA LEU B 208 -8.98 27.56 2.72
C LEU B 208 -7.76 27.93 1.89
N HIS B 209 -7.88 28.96 1.07
CA HIS B 209 -6.75 29.33 0.25
C HIS B 209 -5.61 29.91 1.08
N ALA B 210 -5.92 30.64 2.15
CA ALA B 210 -4.84 31.14 3.00
C ALA B 210 -4.05 29.99 3.62
N VAL B 211 -4.74 28.90 3.95
CA VAL B 211 -4.05 27.74 4.53
C VAL B 211 -3.17 27.06 3.50
N CYS B 212 -3.68 26.92 2.26
CA CYS B 212 -2.89 26.27 1.21
C CYS B 212 -1.59 27.01 0.93
N ARG B 213 -1.67 28.33 0.71
CA ARG B 213 -0.45 29.05 0.37
C ARG B 213 0.55 29.01 1.50
N ARG B 214 0.09 29.11 2.75
CA ARG B 214 0.99 28.97 3.88
C ARG B 214 1.69 27.63 3.84
N HIS B 215 1.01 26.59 3.35
CA HIS B 215 1.60 25.25 3.32
C HIS B 215 2.05 24.84 1.92
N GLY B 216 1.99 25.76 0.96
CA GLY B 216 2.42 25.41 -0.38
C GLY B 216 1.57 24.35 -1.04
N ALA B 217 0.29 24.28 -0.66
CA ALA B 217 -0.61 23.29 -1.23
C ALA B 217 -1.41 23.90 -2.37
N LEU B 218 -1.89 23.04 -3.25
CA LEU B 218 -2.75 23.48 -4.33
C LEU B 218 -4.20 23.38 -3.86
N LEU B 219 -5.02 24.34 -4.30
CA LEU B 219 -6.45 24.37 -4.01
C LEU B 219 -7.23 24.06 -5.28
N LEU B 220 -7.99 22.95 -5.27
CA LEU B 220 -8.83 22.53 -6.39
C LEU B 220 -10.30 22.79 -6.04
N VAL B 221 -11.00 23.54 -6.89
CA VAL B 221 -12.35 24.04 -6.60
C VAL B 221 -13.30 23.66 -7.73
N ASP B 222 -14.33 22.87 -7.42
CA ASP B 222 -15.39 22.56 -8.37
C ASP B 222 -16.51 23.59 -8.20
N GLU B 223 -16.74 24.39 -9.24
CA GLU B 223 -17.78 25.43 -9.26
C GLU B 223 -18.97 25.01 -10.12
N ALA B 224 -19.28 23.72 -10.14
CA ALA B 224 -20.38 23.25 -10.98
C ALA B 224 -21.70 23.92 -10.60
N HIS B 225 -21.87 24.26 -9.32
CA HIS B 225 -23.06 24.91 -8.82
C HIS B 225 -22.83 26.37 -8.47
N GLY B 226 -21.65 26.92 -8.76
CA GLY B 226 -21.45 28.34 -8.57
C GLY B 226 -21.49 29.07 -9.88
N LEU B 227 -21.02 28.41 -10.95
CA LEU B 227 -20.99 29.03 -12.27
C LEU B 227 -22.41 29.36 -12.74
N GLY B 228 -22.61 30.59 -13.18
CA GLY B 228 -23.92 31.07 -13.55
C GLY B 228 -24.81 31.45 -12.37
N VAL B 229 -24.33 31.23 -11.14
CA VAL B 229 -25.11 31.43 -9.92
C VAL B 229 -24.43 32.43 -8.98
N ARG B 230 -23.16 32.22 -8.66
CA ARG B 230 -22.45 33.15 -7.79
C ARG B 230 -21.71 34.21 -8.61
N GLY B 231 -21.42 35.32 -7.95
CA GLY B 231 -20.89 36.49 -8.63
C GLY B 231 -22.02 37.35 -9.17
N THR B 232 -21.77 38.66 -9.23
CA THR B 232 -22.81 39.56 -9.72
C THR B 232 -23.13 39.32 -11.20
N ARG B 233 -22.16 38.77 -11.95
CA ARG B 233 -22.35 38.44 -13.36
C ARG B 233 -22.35 36.94 -13.63
N GLY B 234 -22.53 36.10 -12.60
CA GLY B 234 -22.60 34.65 -12.73
C GLY B 234 -21.29 33.91 -12.92
N GLN B 235 -20.16 34.53 -12.57
CA GLN B 235 -18.84 34.00 -12.88
C GLN B 235 -18.29 33.02 -11.84
N GLY B 236 -19.06 32.72 -10.80
CA GLY B 236 -18.65 31.72 -9.83
C GLY B 236 -18.16 32.33 -8.53
N LEU B 237 -18.08 31.47 -7.51
CA LEU B 237 -17.70 31.93 -6.18
C LEU B 237 -16.24 32.36 -6.10
N LEU B 238 -15.35 31.64 -6.79
CA LEU B 238 -13.94 32.02 -6.80
C LEU B 238 -13.77 33.46 -7.27
N HIS B 239 -14.36 33.79 -8.42
CA HIS B 239 -14.31 35.16 -8.94
C HIS B 239 -14.92 36.13 -7.94
N GLU B 240 -16.08 35.77 -7.38
CA GLU B 240 -16.77 36.67 -6.46
C GLU B 240 -15.90 37.02 -5.26
N VAL B 241 -15.16 36.05 -4.71
CA VAL B 241 -14.41 36.34 -3.49
C VAL B 241 -13.02 36.85 -3.86
N GLY B 242 -12.79 37.05 -5.15
CA GLY B 242 -11.56 37.67 -5.58
C GLY B 242 -10.39 36.72 -5.72
N LEU B 243 -10.64 35.43 -5.91
CA LEU B 243 -9.55 34.49 -6.06
C LEU B 243 -9.34 34.04 -7.50
N ALA B 244 -10.13 34.55 -8.45
CA ALA B 244 -9.97 34.12 -9.83
C ALA B 244 -8.58 34.43 -10.35
N GLY B 245 -7.94 33.43 -10.95
CA GLY B 245 -6.65 33.61 -11.55
C GLY B 245 -5.45 33.45 -10.64
N ALA B 246 -5.65 33.02 -9.39
CA ALA B 246 -4.51 32.84 -8.50
C ALA B 246 -3.60 31.74 -9.06
N PRO B 247 -2.29 31.88 -8.90
CA PRO B 247 -1.37 30.89 -9.49
C PRO B 247 -1.53 29.50 -8.89
N ASP B 248 -2.14 29.38 -7.71
CA ASP B 248 -2.21 28.12 -7.00
C ASP B 248 -3.64 27.63 -6.80
N ILE B 249 -4.57 28.06 -7.64
CA ILE B 249 -5.95 27.61 -7.60
C ILE B 249 -6.28 27.03 -8.96
N VAL B 250 -6.78 25.80 -8.98
CA VAL B 250 -7.33 25.19 -10.17
C VAL B 250 -8.84 25.02 -9.99
N MET B 251 -9.57 25.27 -11.05
CA MET B 251 -11.03 25.25 -11.02
C MET B 251 -11.54 24.21 -11.98
N THR B 252 -12.57 23.47 -11.56
CA THR B 252 -13.35 22.64 -12.47
C THR B 252 -14.79 23.12 -12.49
N THR B 253 -15.46 22.87 -13.60
CA THR B 253 -16.87 23.21 -13.70
C THR B 253 -17.51 22.27 -14.70
N THR B 254 -18.84 22.36 -14.82
CA THR B 254 -19.57 21.62 -15.85
C THR B 254 -20.18 22.61 -16.83
N LEU B 255 -20.52 22.10 -18.02
CA LEU B 255 -21.22 22.88 -19.04
C LEU B 255 -22.69 22.53 -19.09
N SER B 256 -23.13 21.66 -18.18
CA SER B 256 -24.43 21.05 -18.25
C SER B 256 -25.42 21.62 -17.24
N LYS B 257 -25.01 22.58 -16.41
CA LYS B 257 -25.95 23.18 -15.48
C LYS B 257 -26.32 24.55 -16.00
N ALA B 258 -25.64 25.61 -15.56
CA ALA B 258 -25.94 26.97 -16.04
C ALA B 258 -25.81 27.08 -17.55
N LEU B 259 -24.82 26.43 -18.13
CA LEU B 259 -24.53 26.59 -19.54
C LEU B 259 -25.31 25.61 -20.42
N GLY B 260 -26.25 24.86 -19.84
CA GLY B 260 -27.27 24.17 -20.61
C GLY B 260 -26.81 23.12 -21.60
N SER B 261 -25.61 22.58 -21.43
CA SER B 261 -25.07 21.71 -22.49
C SER B 261 -24.53 20.40 -21.92
N GLN B 262 -23.40 19.93 -22.45
CA GLN B 262 -22.71 18.81 -21.85
C GLN B 262 -21.24 19.15 -21.81
N GLY B 263 -20.52 18.55 -20.86
CA GLY B 263 -19.08 18.68 -20.86
C GLY B 263 -18.51 19.13 -19.53
N GLY B 264 -17.20 18.93 -19.36
CA GLY B 264 -16.50 19.45 -18.21
C GLY B 264 -15.41 20.42 -18.66
N ALA B 265 -14.87 21.14 -17.70
CA ALA B 265 -13.78 22.04 -18.00
C ALA B 265 -12.87 22.16 -16.79
N VAL B 266 -11.57 22.18 -17.06
CA VAL B 266 -10.57 22.50 -16.04
C VAL B 266 -9.94 23.84 -16.43
N LEU B 267 -9.77 24.71 -15.44
CA LEU B 267 -9.23 26.04 -15.64
C LEU B 267 -8.12 26.33 -14.62
N GLY B 268 -7.12 27.08 -15.05
CA GLY B 268 -6.06 27.49 -14.18
C GLY B 268 -4.89 28.04 -14.96
N PRO B 269 -3.69 28.03 -14.36
CA PRO B 269 -2.52 28.58 -15.06
C PRO B 269 -2.20 27.81 -16.33
N GLU B 270 -1.51 28.50 -17.25
CA GLU B 270 -1.22 27.92 -18.56
C GLU B 270 -0.51 26.57 -18.44
N ALA B 271 0.32 26.41 -17.41
CA ALA B 271 1.01 25.14 -17.22
C ALA B 271 0.06 24.00 -16.90
N VAL B 272 -1.08 24.28 -16.26
CA VAL B 272 -2.00 23.20 -15.93
C VAL B 272 -2.58 22.58 -17.21
N ARG B 273 -3.00 23.41 -18.17
CA ARG B 273 -3.56 22.87 -19.41
C ARG B 273 -2.58 21.95 -20.11
N ALA B 274 -1.33 22.43 -20.27
CA ALA B 274 -0.29 21.64 -20.92
C ALA B 274 0.04 20.38 -20.13
N HIS B 275 -0.15 20.40 -18.81
CA HIS B 275 0.06 19.19 -18.02
C HIS B 275 -1.05 18.18 -18.24
N LEU B 276 -2.31 18.65 -18.29
CA LEU B 276 -3.44 17.74 -18.48
C LEU B 276 -3.40 17.09 -19.87
N ILE B 277 -3.02 17.86 -20.90
CA ILE B 277 -2.82 17.27 -22.21
C ILE B 277 -1.77 16.15 -22.15
N ASP B 278 -0.74 16.32 -21.32
CA ASP B 278 0.36 15.37 -21.33
C ASP B 278 0.10 14.14 -20.46
N THR B 279 -0.71 14.23 -19.38
CA THR B 279 -0.79 13.14 -18.40
C THR B 279 -2.21 12.74 -17.97
N ALA B 280 -3.21 13.60 -18.08
CA ALA B 280 -4.56 13.26 -17.58
C ALA B 280 -5.17 12.15 -18.42
N ARG B 281 -5.40 10.99 -17.80
CA ARG B 281 -5.82 9.78 -18.52
C ARG B 281 -7.26 9.89 -19.03
N SER B 282 -8.16 10.50 -18.25
CA SER B 282 -9.54 10.74 -18.70
C SER B 282 -9.64 11.86 -19.73
N PHE B 283 -8.54 12.49 -20.11
CA PHE B 283 -8.56 13.35 -21.30
C PHE B 283 -7.97 12.67 -22.53
N ILE B 284 -6.76 12.10 -22.41
CA ILE B 284 -6.05 11.53 -23.55
C ILE B 284 -6.87 10.39 -24.18
N PHE B 285 -7.39 9.48 -23.35
CA PHE B 285 -8.02 8.24 -23.80
C PHE B 285 -9.55 8.33 -23.80
N ASP B 286 -10.09 9.52 -24.04
CA ASP B 286 -11.50 9.75 -24.31
C ASP B 286 -11.65 10.42 -25.66
N THR B 287 -12.85 10.41 -26.20
CA THR B 287 -12.99 10.95 -27.55
C THR B 287 -13.22 12.45 -27.56
N GLY B 288 -13.47 13.09 -26.42
CA GLY B 288 -13.52 14.53 -26.44
C GLY B 288 -14.83 15.13 -26.95
N LEU B 289 -15.18 16.28 -26.36
CA LEU B 289 -16.55 16.79 -26.38
C LEU B 289 -17.06 17.04 -27.80
N ALA B 290 -18.29 16.61 -28.04
CA ALA B 290 -18.92 16.82 -29.34
C ALA B 290 -18.98 18.31 -29.69
N PRO B 291 -18.76 18.66 -30.97
CA PRO B 291 -18.91 20.07 -31.36
C PRO B 291 -20.25 20.70 -30.98
N ALA B 292 -21.36 19.98 -31.15
CA ALA B 292 -22.67 20.57 -30.85
C ALA B 292 -22.75 21.01 -29.39
N ALA B 293 -22.14 20.24 -28.48
CA ALA B 293 -22.12 20.59 -27.07
C ALA B 293 -21.25 21.82 -26.84
N VAL B 294 -20.10 21.89 -27.51
CA VAL B 294 -19.25 23.07 -27.35
C VAL B 294 -19.92 24.29 -27.97
N GLY B 295 -20.50 24.14 -29.16
CA GLY B 295 -21.24 25.25 -29.76
C GLY B 295 -22.38 25.71 -28.87
N ALA B 296 -23.17 24.76 -28.37
CA ALA B 296 -24.27 25.08 -27.46
C ALA B 296 -23.79 25.85 -26.25
N ALA B 297 -22.74 25.37 -25.60
CA ALA B 297 -22.28 26.04 -24.39
C ALA B 297 -21.67 27.41 -24.70
N SER B 298 -21.05 27.58 -25.88
CA SER B 298 -20.50 28.88 -26.26
C SER B 298 -21.61 29.92 -26.44
N ALA B 299 -22.73 29.54 -27.05
CA ALA B 299 -23.87 30.44 -27.12
C ALA B 299 -24.41 30.75 -25.73
N ALA B 300 -24.53 29.72 -24.88
CA ALA B 300 -25.12 29.94 -23.56
C ALA B 300 -24.30 30.95 -22.76
N LEU B 301 -22.97 30.82 -22.81
CA LEU B 301 -22.07 31.76 -22.16
C LEU B 301 -22.22 33.16 -22.76
N ARG B 302 -22.53 33.23 -24.06
CA ARG B 302 -22.79 34.52 -24.71
C ARG B 302 -24.03 35.18 -24.12
N VAL B 303 -25.10 34.39 -23.91
CA VAL B 303 -26.32 34.92 -23.30
C VAL B 303 -26.09 35.34 -21.85
N LEU B 304 -25.38 34.51 -21.08
CA LEU B 304 -25.09 34.87 -19.68
C LEU B 304 -24.30 36.18 -19.59
N ASP B 305 -23.24 36.30 -20.40
CA ASP B 305 -22.44 37.53 -20.41
C ASP B 305 -23.29 38.76 -20.70
N ALA B 306 -24.27 38.63 -21.60
CA ALA B 306 -25.12 39.75 -21.99
C ALA B 306 -26.33 39.95 -21.09
N GLU B 307 -26.76 38.91 -20.39
CA GLU B 307 -27.93 38.99 -19.51
C GLU B 307 -27.52 38.52 -18.13
N PRO B 308 -26.62 39.26 -17.46
CA PRO B 308 -26.16 38.81 -16.14
C PRO B 308 -27.26 38.85 -15.09
N GLN B 309 -28.37 39.55 -15.35
CA GLN B 309 -29.49 39.53 -14.42
C GLN B 309 -30.02 38.10 -14.22
N ARG B 310 -29.73 37.19 -15.16
CA ARG B 310 -30.15 35.80 -14.98
C ARG B 310 -29.52 35.18 -13.74
N ALA B 311 -28.25 35.49 -13.48
CA ALA B 311 -27.62 34.94 -12.29
C ALA B 311 -28.29 35.48 -11.04
N ARG B 312 -28.87 36.68 -11.12
CA ARG B 312 -29.58 37.26 -9.99
C ARG B 312 -31.01 36.77 -9.89
N ALA B 313 -31.65 36.42 -11.01
CA ALA B 313 -33.03 35.94 -10.91
C ALA B 313 -33.09 34.55 -10.31
N VAL B 314 -32.13 33.68 -10.63
CA VAL B 314 -32.15 32.33 -10.07
C VAL B 314 -31.96 32.40 -8.56
N LEU B 315 -31.14 33.33 -8.09
CA LEU B 315 -31.03 33.53 -6.65
C LEU B 315 -32.32 34.07 -6.04
N ASP B 316 -33.02 34.96 -6.77
CA ASP B 316 -34.28 35.50 -6.29
C ASP B 316 -35.36 34.41 -6.21
N ARG B 317 -35.50 33.62 -7.27
CA ARG B 317 -36.50 32.57 -7.27
C ARG B 317 -36.22 31.56 -6.16
N ALA B 318 -34.93 31.28 -5.89
CA ALA B 318 -34.60 30.39 -4.80
C ALA B 318 -35.09 30.94 -3.47
N ALA B 319 -34.88 32.24 -3.24
CA ALA B 319 -35.34 32.84 -1.99
C ALA B 319 -36.83 32.67 -1.82
N GLU B 320 -37.59 32.92 -2.89
CA GLU B 320 -39.04 32.71 -2.85
C GLU B 320 -39.37 31.25 -2.56
N LEU B 321 -38.58 30.33 -3.12
CA LEU B 321 -38.77 28.91 -2.83
C LEU B 321 -38.45 28.59 -1.37
N ALA B 322 -37.45 29.27 -0.79
CA ALA B 322 -37.15 29.09 0.62
C ALA B 322 -38.32 29.55 1.48
N THR B 323 -38.84 30.74 1.21
CA THR B 323 -40.02 31.24 1.92
C THR B 323 -41.19 30.29 1.79
N ILE B 324 -41.47 29.83 0.57
CA ILE B 324 -42.54 28.87 0.36
C ILE B 324 -42.33 27.64 1.23
N ALA B 325 -41.13 27.06 1.16
CA ALA B 325 -40.85 25.81 1.83
C ALA B 325 -40.71 25.96 3.34
N GLY B 326 -40.76 27.18 3.85
CA GLY B 326 -40.55 27.41 5.26
C GLY B 326 -39.11 27.42 5.70
N VAL B 327 -38.17 27.58 4.77
CA VAL B 327 -36.77 27.74 5.13
C VAL B 327 -36.55 29.21 5.46
N THR B 328 -36.06 29.48 6.66
CA THR B 328 -36.03 30.84 7.18
C THR B 328 -34.85 31.66 6.69
N GLU B 329 -33.70 31.01 6.46
CA GLU B 329 -32.48 31.70 6.04
C GLU B 329 -32.36 31.69 4.52
N ALA B 330 -31.98 32.84 3.96
CA ALA B 330 -31.97 33.00 2.50
C ALA B 330 -30.99 32.02 1.86
N PRO B 331 -31.38 31.34 0.78
CA PRO B 331 -30.45 30.43 0.12
C PRO B 331 -29.32 31.20 -0.54
N VAL B 332 -28.11 30.65 -0.44
CA VAL B 332 -26.96 31.26 -1.11
C VAL B 332 -26.70 30.67 -2.48
N SER B 333 -27.46 29.65 -2.88
CA SER B 333 -27.25 28.97 -4.14
C SER B 333 -28.60 28.65 -4.74
N ALA B 334 -28.61 27.94 -5.86
CA ALA B 334 -29.87 27.80 -6.59
C ALA B 334 -30.85 26.84 -5.92
N VAL B 335 -30.36 25.81 -5.23
CA VAL B 335 -31.21 24.70 -4.81
C VAL B 335 -31.56 24.83 -3.35
N VAL B 336 -32.85 24.69 -3.03
CA VAL B 336 -33.37 24.81 -1.66
C VAL B 336 -33.55 23.41 -1.08
N SER B 337 -33.03 23.20 0.12
CA SER B 337 -33.19 21.95 0.84
C SER B 337 -34.34 22.05 1.83
N VAL B 338 -35.27 21.07 1.77
CA VAL B 338 -36.45 21.07 2.63
C VAL B 338 -36.43 19.78 3.44
N ILE B 339 -35.94 19.86 4.68
CA ILE B 339 -35.67 18.68 5.49
C ILE B 339 -37.00 18.12 6.00
N LEU B 340 -37.46 17.04 5.38
CA LEU B 340 -38.69 16.38 5.80
C LEU B 340 -38.49 15.43 6.98
N GLY B 341 -37.30 14.84 7.11
CA GLY B 341 -36.97 14.07 8.30
C GLY B 341 -37.43 12.63 8.34
N ASP B 342 -38.02 12.10 7.26
CA ASP B 342 -38.41 10.69 7.22
C ASP B 342 -38.43 10.23 5.76
N PRO B 343 -37.83 9.08 5.45
CA PRO B 343 -37.68 8.70 4.03
C PRO B 343 -38.99 8.47 3.30
N GLU B 344 -39.91 7.71 3.89
CA GLU B 344 -41.18 7.45 3.24
C GLU B 344 -42.02 8.73 3.18
N ILE B 345 -41.93 9.56 4.21
CA ILE B 345 -42.58 10.86 4.18
C ILE B 345 -41.96 11.73 3.08
N ALA B 346 -40.62 11.73 2.99
CA ALA B 346 -39.94 12.52 1.96
C ALA B 346 -40.32 12.06 0.55
N VAL B 347 -40.26 10.75 0.31
CA VAL B 347 -40.70 10.21 -0.97
C VAL B 347 -42.17 10.51 -1.20
N GLY B 348 -42.98 10.37 -0.14
CA GLY B 348 -44.40 10.67 -0.28
C GLY B 348 -44.66 12.08 -0.73
N ALA B 349 -43.92 13.05 -0.17
CA ALA B 349 -44.10 14.44 -0.57
C ALA B 349 -43.70 14.66 -2.02
N ALA B 350 -42.57 14.08 -2.44
CA ALA B 350 -42.14 14.18 -3.83
C ALA B 350 -43.19 13.62 -4.79
N ALA B 351 -43.83 12.51 -4.42
CA ALA B 351 -44.83 11.91 -5.31
C ALA B 351 -46.09 12.76 -5.39
N ALA B 352 -46.49 13.38 -4.27
CA ALA B 352 -47.69 14.21 -4.27
C ALA B 352 -47.49 15.48 -5.07
N CYS B 353 -46.29 16.05 -5.05
CA CYS B 353 -46.00 17.21 -5.87
C CYS B 353 -46.19 16.90 -7.35
N LEU B 354 -45.55 15.82 -7.80
CA LEU B 354 -45.64 15.43 -9.21
C LEU B 354 -47.10 15.27 -9.64
N ASP B 355 -47.90 14.58 -8.83
CA ASP B 355 -49.31 14.38 -9.16
C ASP B 355 -50.01 15.71 -9.29
N ARG B 356 -49.50 16.72 -8.60
CA ARG B 356 -50.01 18.08 -8.61
C ARG B 356 -49.26 18.96 -9.61
N GLY B 357 -48.46 18.37 -10.48
CA GLY B 357 -47.87 19.09 -11.59
C GLY B 357 -46.48 19.65 -11.37
N VAL B 358 -45.81 19.27 -10.29
CA VAL B 358 -44.51 19.83 -9.94
C VAL B 358 -43.52 18.69 -9.69
N ARG B 359 -42.45 18.64 -10.49
CA ARG B 359 -41.39 17.64 -10.30
C ARG B 359 -40.33 18.24 -9.39
N VAL B 360 -40.09 17.60 -8.24
CA VAL B 360 -39.10 18.10 -7.28
C VAL B 360 -38.05 17.01 -7.01
N GLY B 361 -36.93 17.44 -6.41
CA GLY B 361 -35.84 16.53 -6.11
C GLY B 361 -36.00 15.87 -4.75
N CYS B 362 -35.53 14.62 -4.64
CA CYS B 362 -35.74 13.87 -3.40
C CYS B 362 -34.48 13.11 -3.02
N PHE B 363 -33.91 13.46 -1.86
CA PHE B 363 -32.70 12.82 -1.35
C PHE B 363 -33.06 12.12 -0.06
N ARG B 364 -32.74 10.85 0.04
CA ARG B 364 -32.95 10.01 1.20
C ARG B 364 -31.64 9.27 1.43
N PRO B 365 -31.43 8.71 2.61
CA PRO B 365 -30.26 7.87 2.82
C PRO B 365 -30.18 6.82 1.72
N PRO B 366 -28.97 6.53 1.19
CA PRO B 366 -27.65 6.94 1.67
C PRO B 366 -27.15 8.31 1.18
N THR B 367 -27.99 9.12 0.53
CA THR B 367 -27.50 10.40 0.03
C THR B 367 -27.27 11.38 1.17
N VAL B 368 -28.16 11.41 2.15
CA VAL B 368 -28.03 12.29 3.31
C VAL B 368 -27.98 11.42 4.56
N PRO B 369 -27.50 11.98 5.69
CA PRO B 369 -27.55 11.24 6.95
C PRO B 369 -28.96 10.83 7.33
N ALA B 370 -29.05 9.79 8.17
CA ALA B 370 -30.34 9.31 8.64
C ALA B 370 -31.09 10.37 9.44
N GLY B 371 -32.40 10.44 9.23
CA GLY B 371 -33.26 11.43 9.86
C GLY B 371 -33.31 12.80 9.20
N THR B 372 -32.61 13.01 8.09
CA THR B 372 -32.57 14.31 7.43
C THR B 372 -33.05 14.22 5.98
N SER B 373 -33.98 13.30 5.70
CA SER B 373 -34.54 13.19 4.37
C SER B 373 -35.22 14.49 3.95
N ARG B 374 -35.12 14.81 2.66
CA ARG B 374 -35.45 16.16 2.22
C ARG B 374 -35.94 16.19 0.77
N LEU B 375 -36.58 17.29 0.44
CA LEU B 375 -36.82 17.67 -0.94
C LEU B 375 -35.83 18.73 -1.37
N ARG B 376 -35.46 18.70 -2.64
CA ARG B 376 -34.65 19.74 -3.24
C ARG B 376 -35.53 20.48 -4.24
N LEU B 377 -35.57 21.81 -4.12
CA LEU B 377 -36.31 22.67 -5.04
C LEU B 377 -35.28 23.51 -5.78
N ALA B 378 -35.06 23.20 -7.05
CA ALA B 378 -34.05 23.88 -7.85
C ALA B 378 -34.65 25.07 -8.59
N ALA B 379 -34.13 26.26 -8.31
CA ALA B 379 -34.55 27.47 -8.99
C ALA B 379 -33.95 27.54 -10.39
N ARG B 380 -34.68 28.21 -11.28
CA ARG B 380 -34.22 28.47 -12.64
C ARG B 380 -34.52 29.93 -12.94
N ALA B 381 -33.57 30.60 -13.59
CA ALA B 381 -33.77 32.01 -13.90
C ALA B 381 -35.03 32.26 -14.71
N SER B 382 -35.45 31.30 -15.53
CA SER B 382 -36.58 31.50 -16.44
C SER B 382 -37.92 31.19 -15.79
N LEU B 383 -37.98 30.91 -14.50
CA LEU B 383 -39.27 30.68 -13.87
C LEU B 383 -40.12 31.94 -13.98
N THR B 384 -41.38 31.76 -14.38
CA THR B 384 -42.34 32.86 -14.50
C THR B 384 -43.19 32.95 -13.24
N ASP B 385 -43.92 34.06 -13.13
CA ASP B 385 -44.74 34.30 -11.94
C ASP B 385 -45.93 33.35 -11.82
N ASP B 386 -46.48 32.86 -12.93
CA ASP B 386 -47.54 31.88 -12.75
C ASP B 386 -46.96 30.54 -12.32
N GLU B 387 -45.76 30.20 -12.76
CA GLU B 387 -45.11 28.97 -12.31
C GLU B 387 -44.76 29.00 -10.83
N MET B 388 -44.39 30.17 -10.30
CA MET B 388 -44.12 30.27 -8.86
C MET B 388 -45.40 30.11 -8.04
N ALA B 389 -46.54 30.61 -8.54
CA ALA B 389 -47.81 30.46 -7.83
C ALA B 389 -48.27 29.00 -7.80
N LEU B 390 -47.99 28.25 -8.87
CA LEU B 390 -48.22 26.81 -8.82
C LEU B 390 -47.25 26.14 -7.83
N ALA B 391 -46.00 26.64 -7.74
CA ALA B 391 -45.09 26.10 -6.72
C ALA B 391 -45.58 26.46 -5.32
N ARG B 392 -46.05 27.70 -5.12
CA ARG B 392 -46.63 28.07 -3.82
C ARG B 392 -47.84 27.20 -3.53
N GLN B 393 -48.71 27.01 -4.52
CA GLN B 393 -49.94 26.25 -4.33
C GLN B 393 -49.66 24.78 -4.02
N VAL B 394 -48.75 24.17 -4.77
CA VAL B 394 -48.50 22.74 -4.61
C VAL B 394 -47.67 22.46 -3.37
N LEU B 395 -46.57 23.19 -3.18
CA LEU B 395 -45.64 22.87 -2.09
C LEU B 395 -46.27 23.15 -0.74
N THR B 396 -47.02 24.26 -0.62
CA THR B 396 -47.76 24.54 0.61
C THR B 396 -48.67 23.37 1.00
N ASP B 397 -49.45 22.87 0.04
CA ASP B 397 -50.42 21.83 0.35
C ASP B 397 -49.74 20.51 0.67
N VAL B 398 -48.76 20.12 -0.16
CA VAL B 398 -48.07 18.85 0.06
C VAL B 398 -47.28 18.88 1.36
N LEU B 399 -46.59 19.98 1.63
CA LEU B 399 -45.76 20.04 2.83
C LEU B 399 -46.61 20.18 4.08
N ALA B 400 -47.71 20.94 4.02
CA ALA B 400 -48.58 21.07 5.18
C ALA B 400 -49.22 19.75 5.55
N THR B 401 -49.42 18.85 4.58
CA THR B 401 -49.89 17.50 4.90
C THR B 401 -48.76 16.69 5.52
N ALA B 402 -47.58 16.71 4.89
CA ALA B 402 -46.44 15.99 5.43
C ALA B 402 -45.98 16.54 6.77
N ARG B 403 -46.42 17.74 7.14
CA ARG B 403 -46.03 18.35 8.41
C ARG B 403 -47.08 18.16 9.50
N ALA C 26 -7.50 -36.63 17.66
CA ALA C 26 -7.15 -35.90 16.45
C ALA C 26 -6.59 -34.52 16.78
N GLY C 27 -5.26 -34.41 16.83
CA GLY C 27 -4.60 -33.17 17.20
C GLY C 27 -4.47 -32.16 16.08
N LEU C 28 -5.48 -32.09 15.22
CA LEU C 28 -5.48 -31.11 14.13
C LEU C 28 -5.95 -29.74 14.61
N SER C 29 -6.91 -29.73 15.54
CA SER C 29 -7.64 -28.54 15.97
C SER C 29 -6.79 -27.33 16.36
N PRO C 30 -5.76 -27.43 17.22
CA PRO C 30 -5.15 -26.20 17.76
C PRO C 30 -4.44 -25.37 16.71
N LEU C 31 -4.09 -25.94 15.57
CA LEU C 31 -3.42 -25.19 14.53
C LEU C 31 -4.24 -25.08 13.25
N ALA C 32 -5.45 -25.64 13.23
CA ALA C 32 -6.35 -25.53 12.08
C ALA C 32 -6.81 -24.10 11.82
N TRP C 33 -6.76 -23.23 12.84
CA TRP C 33 -7.02 -21.82 12.62
C TRP C 33 -5.95 -21.17 11.77
N LEU C 34 -4.77 -21.79 11.69
CA LEU C 34 -3.70 -21.24 10.84
C LEU C 34 -4.06 -21.32 9.36
N ALA C 35 -4.85 -22.32 8.96
CA ALA C 35 -5.25 -22.41 7.57
C ALA C 35 -6.26 -21.33 7.20
N ASP C 36 -7.18 -21.01 8.12
CA ASP C 36 -8.13 -19.95 7.83
C ASP C 36 -7.41 -18.60 7.75
N ILE C 37 -6.39 -18.40 8.59
CA ILE C 37 -5.61 -17.17 8.51
C ILE C 37 -4.81 -17.13 7.22
N GLU C 38 -4.34 -18.29 6.75
CA GLU C 38 -3.55 -18.31 5.51
C GLU C 38 -4.43 -17.98 4.32
N GLN C 39 -5.69 -18.45 4.34
CA GLN C 39 -6.66 -18.08 3.32
C GLN C 39 -6.93 -16.58 3.33
N ARG C 40 -7.14 -16.01 4.51
CA ARG C 40 -7.42 -14.58 4.59
C ARG C 40 -6.24 -13.76 4.09
N ARG C 41 -5.01 -14.15 4.47
CA ARG C 41 -3.84 -13.39 4.06
C ARG C 41 -3.65 -13.43 2.55
N ARG C 42 -3.83 -14.62 1.92
CA ARG C 42 -3.68 -14.75 0.47
C ARG C 42 -4.86 -14.14 -0.28
N ALA C 43 -6.07 -14.22 0.29
CA ALA C 43 -7.21 -13.55 -0.32
C ALA C 43 -6.99 -12.05 -0.39
N GLU C 44 -6.26 -11.50 0.58
CA GLU C 44 -5.83 -10.10 0.57
C GLU C 44 -4.45 -9.92 -0.06
N GLY C 45 -3.83 -11.00 -0.54
CA GLY C 45 -2.55 -10.86 -1.20
C GLY C 45 -1.42 -10.41 -0.28
N LEU C 46 -1.51 -10.72 1.02
CA LEU C 46 -0.55 -10.25 2.01
C LEU C 46 0.33 -11.36 2.58
N ARG C 47 0.09 -12.62 2.21
CA ARG C 47 0.87 -13.74 2.74
C ARG C 47 2.34 -13.61 2.35
N ARG C 48 3.20 -13.41 3.33
CA ARG C 48 4.62 -13.30 3.07
C ARG C 48 5.24 -14.67 2.85
N GLU C 49 6.24 -14.71 1.98
CA GLU C 49 7.06 -15.90 1.83
C GLU C 49 8.53 -15.48 1.81
N LEU C 50 9.40 -16.43 2.12
CA LEU C 50 10.84 -16.23 2.04
C LEU C 50 11.36 -16.90 0.78
N ARG C 51 12.25 -16.21 0.07
CA ARG C 51 13.02 -16.80 -1.02
C ARG C 51 14.46 -16.95 -0.56
N VAL C 52 15.18 -17.89 -1.18
CA VAL C 52 16.50 -18.32 -0.72
C VAL C 52 17.57 -17.79 -1.68
N ARG C 53 18.60 -17.12 -1.10
CA ARG C 53 19.71 -16.42 -1.76
C ARG C 53 20.92 -17.36 -1.92
N PRO C 54 21.52 -17.43 -3.10
CA PRO C 54 22.76 -18.20 -3.27
C PRO C 54 23.97 -17.36 -2.91
N PRO C 55 25.16 -17.97 -2.75
CA PRO C 55 26.35 -17.14 -2.44
C PRO C 55 26.68 -16.12 -3.53
N VAL C 56 26.62 -16.52 -4.80
CA VAL C 56 26.69 -15.58 -5.91
C VAL C 56 25.26 -15.09 -6.19
N ALA C 57 25.00 -13.83 -5.87
CA ALA C 57 23.66 -13.24 -6.06
C ALA C 57 23.30 -13.14 -7.55
N ALA C 58 22.05 -13.50 -7.86
CA ALA C 58 21.61 -13.46 -9.25
C ALA C 58 21.23 -12.06 -9.73
N GLU C 59 20.83 -11.17 -8.82
CA GLU C 59 20.31 -9.85 -9.18
C GLU C 59 21.07 -8.76 -8.45
N LEU C 60 21.06 -7.55 -9.02
CA LEU C 60 21.53 -6.39 -8.28
C LEU C 60 20.63 -6.18 -7.07
N ASP C 61 21.25 -6.00 -5.91
CA ASP C 61 20.54 -5.96 -4.64
C ASP C 61 20.34 -4.51 -4.23
N LEU C 62 19.09 -4.05 -4.25
CA LEU C 62 18.74 -2.73 -3.73
C LEU C 62 17.75 -2.84 -2.57
N ALA C 63 17.77 -3.96 -1.85
CA ALA C 63 16.85 -4.15 -0.75
C ALA C 63 17.53 -4.41 0.58
N SER C 64 18.81 -4.81 0.60
CA SER C 64 19.48 -5.08 1.86
C SER C 64 19.89 -3.77 2.53
N ASN C 65 20.15 -3.84 3.84
CA ASN C 65 20.60 -2.67 4.58
C ASN C 65 22.09 -2.74 4.91
N ASP C 66 22.87 -3.37 4.04
CA ASP C 66 24.33 -3.39 4.17
C ASP C 66 24.88 -2.07 3.64
N TYR C 67 24.61 -0.99 4.38
CA TYR C 67 24.74 0.37 3.85
C TYR C 67 26.16 0.69 3.41
N LEU C 68 27.16 0.21 4.14
CA LEU C 68 28.54 0.51 3.82
C LEU C 68 29.20 -0.59 2.98
N GLY C 69 28.47 -1.64 2.62
CA GLY C 69 29.08 -2.72 1.87
C GLY C 69 30.10 -3.55 2.62
N LEU C 70 29.97 -3.62 3.96
CA LEU C 70 30.98 -4.21 4.82
C LEU C 70 30.72 -5.68 5.15
N SER C 71 29.57 -6.23 4.79
CA SER C 71 29.30 -7.62 5.16
C SER C 71 30.29 -8.59 4.52
N GLN C 72 30.75 -8.30 3.31
CA GLN C 72 31.72 -9.15 2.64
C GLN C 72 33.02 -8.40 2.38
N HIS C 73 33.35 -7.45 3.23
CA HIS C 73 34.65 -6.81 3.13
C HIS C 73 35.73 -7.74 3.70
N PRO C 74 36.91 -7.81 3.07
CA PRO C 74 37.92 -8.79 3.52
C PRO C 74 38.35 -8.64 4.98
N ASP C 75 38.58 -7.40 5.43
CA ASP C 75 38.93 -7.17 6.83
C ASP C 75 37.83 -7.65 7.76
N VAL C 76 36.57 -7.41 7.39
CA VAL C 76 35.47 -7.81 8.25
C VAL C 76 35.42 -9.32 8.38
N LEU C 77 35.58 -10.01 7.25
CA LEU C 77 35.66 -11.46 7.27
C LEU C 77 36.80 -11.93 8.17
N ASP C 78 37.97 -11.31 8.04
CA ASP C 78 39.13 -11.65 8.87
C ASP C 78 38.87 -11.37 10.35
N GLY C 79 38.24 -10.22 10.66
CA GLY C 79 37.93 -9.93 12.04
C GLY C 79 37.02 -10.99 12.62
N GLY C 80 36.04 -11.45 11.84
CA GLY C 80 35.17 -12.51 12.32
C GLY C 80 35.93 -13.83 12.49
N VAL C 81 36.80 -14.17 11.53
CA VAL C 81 37.52 -15.44 11.60
C VAL C 81 38.49 -15.44 12.78
N GLU C 82 39.23 -14.35 12.98
CA GLU C 82 40.17 -14.33 14.10
C GLU C 82 39.44 -14.38 15.42
N ALA C 83 38.32 -13.65 15.52
CA ALA C 83 37.51 -13.72 16.73
C ALA C 83 37.05 -15.14 16.98
N LEU C 84 36.61 -15.82 15.92
CA LEU C 84 36.12 -17.18 16.06
C LEU C 84 37.24 -18.15 16.46
N ARG C 85 38.44 -18.01 15.86
CA ARG C 85 39.54 -18.92 16.21
C ARG C 85 40.05 -18.67 17.63
N THR C 86 40.00 -17.44 18.09
CA THR C 86 40.52 -17.14 19.43
C THR C 86 39.50 -17.52 20.52
N TRP C 87 38.21 -17.30 20.28
CA TRP C 87 37.23 -17.40 21.37
C TRP C 87 36.26 -18.56 21.26
N GLY C 88 35.99 -19.07 20.06
CA GLY C 88 35.04 -20.14 19.88
C GLY C 88 33.79 -19.68 19.14
N GLY C 89 32.86 -20.61 18.99
CA GLY C 89 31.68 -20.36 18.20
C GLY C 89 30.64 -19.52 18.91
N GLY C 90 30.57 -19.61 20.23
CA GLY C 90 29.62 -18.83 20.99
C GLY C 90 30.28 -18.27 22.24
N ALA C 91 29.53 -17.38 22.91
CA ALA C 91 29.98 -16.84 24.18
C ALA C 91 29.92 -17.86 25.30
N GLY C 92 29.12 -18.93 25.16
CA GLY C 92 29.03 -19.98 26.16
C GLY C 92 28.00 -19.73 27.24
N GLY C 93 27.52 -18.49 27.35
CA GLY C 93 26.50 -18.13 28.30
C GLY C 93 26.26 -16.64 28.32
N SER C 94 25.40 -16.24 29.26
CA SER C 94 25.11 -14.84 29.51
C SER C 94 26.35 -14.06 29.91
N ARG C 95 26.39 -12.79 29.48
CA ARG C 95 27.46 -11.89 29.92
C ARG C 95 27.47 -11.73 31.43
N LEU C 96 26.41 -12.14 32.11
CA LEU C 96 26.40 -12.11 33.56
C LEU C 96 27.02 -13.35 34.19
N VAL C 97 27.33 -14.39 33.41
CA VAL C 97 27.95 -15.59 33.97
C VAL C 97 29.34 -15.75 33.37
N THR C 98 29.41 -16.19 32.11
CA THR C 98 30.72 -16.45 31.50
C THR C 98 30.85 -15.91 30.09
N GLY C 99 29.86 -15.17 29.57
CA GLY C 99 29.90 -14.72 28.19
C GLY C 99 30.61 -13.42 27.92
N ASN C 100 31.06 -12.71 28.95
CA ASN C 100 31.69 -11.41 28.77
C ASN C 100 33.19 -11.61 28.56
N THR C 101 33.61 -11.54 27.30
CA THR C 101 35.02 -11.69 26.94
C THR C 101 35.71 -10.33 26.96
N GLU C 102 37.04 -10.38 26.97
CA GLU C 102 37.80 -9.17 26.74
C GLU C 102 37.45 -8.55 25.40
N LEU C 103 37.07 -9.37 24.42
CA LEU C 103 36.69 -8.90 23.09
C LEU C 103 35.39 -8.10 23.12
N HIS C 104 34.40 -8.56 23.90
CA HIS C 104 33.15 -7.81 24.04
C HIS C 104 33.40 -6.38 24.52
N GLU C 105 34.15 -6.24 25.62
CA GLU C 105 34.33 -4.92 26.23
C GLU C 105 35.31 -4.06 25.44
N ALA C 106 36.26 -4.68 24.73
CA ALA C 106 37.16 -3.91 23.89
C ALA C 106 36.42 -3.31 22.69
N PHE C 107 35.47 -4.06 22.10
CA PHE C 107 34.64 -3.48 21.04
C PHE C 107 33.73 -2.37 21.57
N GLU C 108 33.12 -2.58 22.74
CA GLU C 108 32.26 -1.56 23.32
C GLU C 108 33.02 -0.26 23.52
N HIS C 109 34.25 -0.35 24.03
CA HIS C 109 35.04 0.88 24.16
C HIS C 109 35.33 1.48 22.79
N GLN C 110 35.66 0.64 21.80
CA GLN C 110 35.91 1.16 20.46
C GLN C 110 34.66 1.83 19.90
N LEU C 111 33.49 1.24 20.15
CA LEU C 111 32.26 1.83 19.63
C LEU C 111 31.93 3.12 20.38
N ALA C 112 32.09 3.11 21.71
CA ALA C 112 31.81 4.32 22.48
C ALA C 112 32.69 5.48 22.04
N SER C 113 33.97 5.22 21.79
CA SER C 113 34.88 6.28 21.36
C SER C 113 34.49 6.84 20.00
N PHE C 114 34.18 5.95 19.04
CA PHE C 114 33.78 6.41 17.72
C PHE C 114 32.50 7.24 17.77
N LEU C 115 31.55 6.86 18.64
CA LEU C 115 30.29 7.57 18.67
C LEU C 115 30.30 8.77 19.60
N GLY C 116 31.35 8.91 20.42
CA GLY C 116 31.41 9.98 21.39
C GLY C 116 30.65 9.73 22.68
N ALA C 117 30.32 8.49 22.98
CA ALA C 117 29.60 8.20 24.22
C ALA C 117 30.55 7.70 25.32
N GLU C 118 30.08 7.83 26.57
CA GLU C 118 30.87 7.42 27.72
C GLU C 118 30.96 5.90 27.86
N SER C 119 29.95 5.16 27.41
CA SER C 119 29.94 3.72 27.59
C SER C 119 29.06 3.08 26.53
N ALA C 120 29.24 1.79 26.34
CA ALA C 120 28.49 1.05 25.34
C ALA C 120 28.25 -0.36 25.85
N LEU C 121 27.11 -0.93 25.45
CA LEU C 121 26.74 -2.27 25.85
C LEU C 121 26.11 -2.97 24.66
N VAL C 122 26.70 -4.07 24.23
CA VAL C 122 26.25 -4.77 23.04
C VAL C 122 25.35 -5.91 23.46
N PHE C 123 24.33 -6.14 22.63
CA PHE C 123 23.27 -7.11 22.78
C PHE C 123 23.36 -8.10 21.64
N SER C 124 22.55 -9.16 21.73
CA SER C 124 22.49 -10.14 20.67
C SER C 124 21.90 -9.56 19.39
N SER C 125 21.06 -8.52 19.49
CA SER C 125 20.49 -7.92 18.29
C SER C 125 20.00 -6.52 18.62
N GLY C 126 19.80 -5.71 17.57
CA GLY C 126 19.23 -4.39 17.77
C GLY C 126 17.88 -4.47 18.44
N TYR C 127 17.13 -5.53 18.15
CA TYR C 127 15.80 -5.73 18.74
C TYR C 127 15.89 -5.90 20.25
N THR C 128 16.82 -6.74 20.74
CA THR C 128 16.90 -6.89 22.19
C THR C 128 17.55 -5.67 22.86
N ALA C 129 18.38 -4.93 22.13
CA ALA C 129 18.89 -3.68 22.72
C ALA C 129 17.76 -2.67 22.91
N ASN C 130 16.85 -2.56 21.93
CA ASN C 130 15.72 -1.64 22.08
C ASN C 130 14.88 -2.06 23.27
N LEU C 131 14.64 -3.37 23.40
CA LEU C 131 13.89 -3.91 24.53
C LEU C 131 14.55 -3.56 25.85
N GLY C 132 15.84 -3.86 25.97
CA GLY C 132 16.51 -3.69 27.23
C GLY C 132 16.60 -2.24 27.65
N ALA C 133 16.87 -1.36 26.71
CA ALA C 133 17.02 0.05 27.07
C ALA C 133 15.67 0.67 27.43
N LEU C 134 14.67 0.54 26.58
CA LEU C 134 13.43 1.26 26.85
C LEU C 134 12.72 0.70 28.08
N VAL C 135 12.66 -0.63 28.20
CA VAL C 135 12.03 -1.24 29.35
C VAL C 135 12.78 -0.90 30.63
N ALA C 136 14.13 -1.00 30.62
CA ALA C 136 14.86 -0.81 31.87
C ALA C 136 15.00 0.65 32.28
N LEU C 137 14.80 1.58 31.36
CA LEU C 137 14.87 3.02 31.66
C LEU C 137 13.49 3.66 31.85
N SER C 138 12.39 2.91 31.68
CA SER C 138 11.06 3.44 31.90
C SER C 138 10.43 2.76 33.10
N GLY C 139 9.68 1.68 32.92
CA GLY C 139 9.08 0.96 34.03
C GLY C 139 7.73 1.51 34.49
N PRO C 140 7.06 0.79 35.39
CA PRO C 140 5.80 1.31 35.95
C PRO C 140 5.99 2.64 36.68
N GLY C 141 4.98 3.50 36.59
CA GLY C 141 5.07 4.82 37.18
C GLY C 141 5.85 5.85 36.37
N SER C 142 6.30 5.48 35.19
CA SER C 142 6.98 6.38 34.27
C SER C 142 6.10 6.63 33.05
N LEU C 143 6.49 7.62 32.27
CA LEU C 143 5.80 8.02 31.06
C LEU C 143 6.71 7.81 29.86
N ILE C 144 6.18 7.20 28.80
CA ILE C 144 6.88 7.13 27.53
C ILE C 144 6.07 7.90 26.50
N VAL C 145 6.73 8.87 25.86
CA VAL C 145 6.17 9.56 24.70
C VAL C 145 6.88 8.98 23.48
N SER C 146 6.10 8.35 22.61
CA SER C 146 6.62 7.55 21.52
C SER C 146 6.14 8.12 20.18
N ASP C 147 7.03 8.10 19.19
CA ASP C 147 6.70 8.59 17.85
C ASP C 147 5.75 7.60 17.18
N ALA C 148 4.73 8.12 16.51
CA ALA C 148 3.75 7.20 15.95
C ALA C 148 4.38 6.31 14.89
N LEU C 149 5.36 6.81 14.16
CA LEU C 149 5.97 5.97 13.12
C LEU C 149 7.18 5.21 13.63
N SER C 150 7.13 4.72 14.88
CA SER C 150 8.29 4.08 15.50
C SER C 150 8.36 2.61 15.09
N HIS C 151 9.59 2.13 14.97
CA HIS C 151 9.90 0.75 14.61
C HIS C 151 9.28 -0.28 15.54
N ALA C 152 9.06 -1.49 15.01
CA ALA C 152 8.33 -2.53 15.74
C ALA C 152 8.97 -2.90 17.09
N SER C 153 10.31 -2.92 17.16
CA SER C 153 10.97 -3.22 18.43
C SER C 153 10.65 -2.19 19.51
N LEU C 154 10.34 -0.95 19.09
CA LEU C 154 9.99 0.11 20.05
C LEU C 154 8.56 -0.05 20.52
N VAL C 155 7.65 -0.46 19.63
CA VAL C 155 6.28 -0.78 20.03
C VAL C 155 6.27 -1.96 20.99
N ASP C 156 7.06 -3.02 20.69
CA ASP C 156 7.13 -4.13 21.62
C ASP C 156 7.69 -3.69 22.96
N ALA C 157 8.70 -2.82 22.93
CA ALA C 157 9.29 -2.33 24.18
C ALA C 157 8.25 -1.58 25.02
N CYS C 158 7.50 -0.67 24.40
CA CYS C 158 6.43 0.02 25.12
C CYS C 158 5.44 -0.96 25.71
N ARG C 159 5.13 -2.04 24.99
CA ARG C 159 4.24 -3.07 25.54
C ARG C 159 4.86 -3.73 26.76
N LEU C 160 6.18 -3.96 26.72
CA LEU C 160 6.87 -4.65 27.80
C LEU C 160 7.14 -3.74 28.99
N SER C 161 7.27 -2.43 28.77
CA SER C 161 7.73 -1.53 29.82
C SER C 161 6.79 -1.49 31.01
N ARG C 162 5.50 -1.72 30.80
CA ARG C 162 4.50 -1.51 31.83
C ARG C 162 4.43 -0.04 32.28
N ALA C 163 4.84 0.90 31.43
CA ALA C 163 4.64 2.32 31.67
C ALA C 163 3.32 2.78 31.06
N ARG C 164 2.96 4.04 31.29
CA ARG C 164 1.92 4.70 30.51
C ARG C 164 2.52 5.19 29.20
N VAL C 165 1.91 4.84 28.08
CA VAL C 165 2.49 5.13 26.78
C VAL C 165 1.60 6.13 26.05
N VAL C 166 2.18 7.29 25.74
CA VAL C 166 1.56 8.31 24.91
C VAL C 166 2.20 8.26 23.54
N VAL C 167 1.37 8.17 22.51
CA VAL C 167 1.83 8.15 21.12
C VAL C 167 1.67 9.55 20.55
N SER C 168 2.80 10.16 20.13
CA SER C 168 2.71 11.49 19.56
C SER C 168 2.69 11.41 18.04
N PRO C 169 2.01 12.36 17.36
CA PRO C 169 2.10 12.41 15.91
C PRO C 169 3.56 12.49 15.49
N HIS C 170 3.85 11.97 14.30
CA HIS C 170 5.21 11.86 13.79
C HIS C 170 5.96 13.18 13.84
N ARG C 171 7.08 13.19 14.57
CA ARG C 171 7.98 14.34 14.66
C ARG C 171 7.24 15.61 15.09
N ASP C 172 6.29 15.46 16.02
CA ASP C 172 5.47 16.58 16.50
C ASP C 172 6.05 17.08 17.81
N VAL C 173 7.00 18.02 17.70
CA VAL C 173 7.72 18.49 18.89
C VAL C 173 6.75 19.13 19.89
N ASP C 174 5.74 19.87 19.39
CA ASP C 174 4.78 20.52 20.28
C ASP C 174 4.02 19.50 21.12
N ALA C 175 3.60 18.39 20.51
CA ALA C 175 2.82 17.37 21.24
C ALA C 175 3.62 16.75 22.37
N VAL C 176 4.90 16.44 22.10
CA VAL C 176 5.80 15.90 23.13
C VAL C 176 5.94 16.89 24.28
N ASP C 177 6.17 18.16 23.95
CA ASP C 177 6.26 19.19 24.98
C ASP C 177 4.97 19.20 25.82
N ALA C 178 3.81 19.21 25.16
CA ALA C 178 2.54 19.28 25.88
C ALA C 178 2.28 18.03 26.72
N ALA C 179 2.61 16.85 26.19
CA ALA C 179 2.42 15.62 26.95
C ALA C 179 3.34 15.57 28.18
N LEU C 180 4.60 16.00 28.03
CA LEU C 180 5.50 16.06 29.18
C LEU C 180 5.06 17.13 30.18
N ALA C 181 4.53 18.24 29.69
CA ALA C 181 4.14 19.34 30.58
C ALA C 181 2.95 18.99 31.46
N ALA C 182 2.10 18.06 31.04
CA ALA C 182 0.87 17.76 31.76
C ALA C 182 0.95 16.49 32.61
N ARG C 183 2.08 15.77 32.59
CA ARG C 183 2.18 14.46 33.23
C ARG C 183 2.18 14.55 34.76
N THR C 184 1.74 13.46 35.40
CA THR C 184 1.89 13.25 36.84
C THR C 184 3.09 12.37 37.18
N GLU C 185 3.74 11.76 36.19
CA GLU C 185 4.84 10.85 36.44
C GLU C 185 6.12 11.67 36.54
N GLU C 186 6.97 11.31 37.52
CA GLU C 186 8.23 12.02 37.66
C GLU C 186 9.18 11.70 36.51
N ARG C 187 9.32 10.42 36.18
CA ARG C 187 10.29 9.97 35.19
C ARG C 187 9.61 9.80 33.84
N ALA C 188 10.21 10.38 32.80
CA ALA C 188 9.63 10.33 31.47
C ALA C 188 10.71 10.07 30.44
N VAL C 189 10.38 9.24 29.45
CA VAL C 189 11.27 8.92 28.35
C VAL C 189 10.58 9.33 27.05
N VAL C 190 11.25 10.18 26.27
CA VAL C 190 10.83 10.46 24.90
C VAL C 190 11.65 9.58 23.96
N VAL C 191 10.96 8.73 23.20
CA VAL C 191 11.59 7.74 22.32
C VAL C 191 11.32 8.12 20.87
N THR C 192 12.36 8.01 20.04
CA THR C 192 12.28 8.21 18.61
C THR C 192 13.48 7.55 17.95
N GLU C 193 13.33 7.28 16.65
CA GLU C 193 14.45 6.91 15.79
C GLU C 193 15.04 8.20 15.22
N SER C 194 16.37 8.22 15.08
CA SER C 194 17.01 9.35 14.42
C SER C 194 16.67 9.36 12.94
N VAL C 195 16.90 8.24 12.27
CA VAL C 195 16.51 8.01 10.89
C VAL C 195 15.43 6.95 10.90
N PHE C 196 14.23 7.32 10.44
CA PHE C 196 13.08 6.43 10.55
C PHE C 196 13.12 5.32 9.50
N SER C 197 12.84 4.10 9.94
CA SER C 197 12.73 2.99 9.00
C SER C 197 11.49 3.10 8.14
N ALA C 198 10.43 3.70 8.65
CA ALA C 198 9.23 3.85 7.84
C ALA C 198 9.52 4.66 6.58
N ASP C 199 9.91 5.92 6.75
CA ASP C 199 10.04 6.85 5.65
C ASP C 199 11.46 7.29 5.34
N GLY C 200 12.41 7.08 6.24
CA GLY C 200 13.77 7.53 6.02
C GLY C 200 14.04 8.99 6.37
N ASP C 201 13.06 9.69 6.94
CA ASP C 201 13.24 11.08 7.34
C ASP C 201 14.10 11.17 8.62
N LEU C 202 14.50 12.38 8.96
CA LEU C 202 15.34 12.62 10.14
C LEU C 202 14.47 13.16 11.27
N ALA C 203 14.73 12.69 12.50
CA ALA C 203 14.00 13.22 13.63
C ALA C 203 14.54 14.58 14.07
N PRO C 204 13.66 15.50 14.55
CA PRO C 204 14.14 16.78 15.09
C PRO C 204 14.77 16.63 16.46
N LEU C 205 16.00 16.11 16.49
CA LEU C 205 16.63 15.69 17.74
C LEU C 205 16.96 16.87 18.65
N ARG C 206 17.46 17.96 18.08
CA ARG C 206 17.84 19.11 18.90
C ARG C 206 16.62 19.75 19.56
N ASP C 207 15.49 19.85 18.83
CA ASP C 207 14.25 20.38 19.42
C ASP C 207 13.70 19.45 20.50
N LEU C 208 13.73 18.13 20.23
CA LEU C 208 13.28 17.14 21.21
C LEU C 208 14.12 17.19 22.49
N HIS C 209 15.44 17.32 22.34
CA HIS C 209 16.29 17.36 23.53
C HIS C 209 16.02 18.62 24.34
N ALA C 210 15.84 19.77 23.68
CA ALA C 210 15.50 21.00 24.38
C ALA C 210 14.16 20.85 25.09
N VAL C 211 13.24 20.11 24.46
CA VAL C 211 11.94 19.85 25.06
C VAL C 211 12.10 18.91 26.25
N CYS C 212 12.91 17.85 26.09
CA CYS C 212 13.14 16.93 27.18
C CYS C 212 13.81 17.62 28.35
N ARG C 213 14.92 18.32 28.06
CA ARG C 213 15.71 18.93 29.14
C ARG C 213 14.87 19.95 29.90
N ARG C 214 14.03 20.71 29.20
CA ARG C 214 13.16 21.65 29.88
C ARG C 214 12.23 20.96 30.87
N HIS C 215 11.77 19.75 30.54
CA HIS C 215 10.80 19.05 31.37
C HIS C 215 11.41 17.93 32.21
N GLY C 216 12.73 17.82 32.24
CA GLY C 216 13.38 16.77 33.00
C GLY C 216 13.17 15.37 32.46
N ALA C 217 12.98 15.23 31.15
CA ALA C 217 12.72 13.95 30.52
C ALA C 217 14.01 13.37 29.89
N LEU C 218 14.00 12.05 29.68
CA LEU C 218 15.09 11.35 29.00
C LEU C 218 14.79 11.25 27.49
N LEU C 219 15.84 11.34 26.67
CA LEU C 219 15.76 11.15 25.21
C LEU C 219 16.45 9.85 24.81
N LEU C 220 15.66 8.88 24.32
CA LEU C 220 16.14 7.58 23.84
C LEU C 220 16.02 7.55 22.32
N VAL C 221 17.13 7.33 21.63
CA VAL C 221 17.21 7.51 20.18
C VAL C 221 17.77 6.24 19.54
N ASP C 222 16.98 5.63 18.65
CA ASP C 222 17.41 4.48 17.88
C ASP C 222 18.07 4.94 16.58
N GLU C 223 19.38 4.72 16.48
CA GLU C 223 20.20 5.11 15.33
C GLU C 223 20.59 3.93 14.44
N ALA C 224 19.75 2.91 14.36
CA ALA C 224 20.07 1.76 13.52
C ALA C 224 20.30 2.18 12.08
N HIS C 225 19.62 3.22 11.62
CA HIS C 225 19.75 3.65 10.23
C HIS C 225 20.58 4.92 10.06
N GLY C 226 21.13 5.47 11.15
CA GLY C 226 22.02 6.62 11.10
C GLY C 226 23.50 6.25 11.19
N LEU C 227 23.78 5.16 11.89
CA LEU C 227 25.16 4.71 12.02
C LEU C 227 25.70 4.38 10.64
N GLY C 228 26.84 4.96 10.29
CA GLY C 228 27.40 4.77 8.98
C GLY C 228 26.80 5.59 7.87
N VAL C 229 25.77 6.39 8.13
CA VAL C 229 25.08 7.15 7.09
C VAL C 229 25.10 8.64 7.39
N ARG C 230 24.69 9.04 8.59
CA ARG C 230 24.71 10.46 8.96
C ARG C 230 26.02 10.82 9.68
N GLY C 231 26.38 12.09 9.62
CA GLY C 231 27.66 12.55 10.13
C GLY C 231 28.75 12.42 9.10
N THR C 232 29.73 13.33 9.18
CA THR C 232 30.80 13.34 8.18
C THR C 232 31.63 12.05 8.21
N ARG C 233 31.72 11.40 9.35
CA ARG C 233 32.43 10.13 9.47
C ARG C 233 31.50 8.97 9.75
N GLY C 234 30.19 9.17 9.56
CA GLY C 234 29.24 8.10 9.80
C GLY C 234 28.92 7.85 11.25
N GLN C 235 29.18 8.84 12.12
CA GLN C 235 29.05 8.59 13.55
C GLN C 235 27.61 8.75 14.04
N GLY C 236 26.67 9.01 13.12
CA GLY C 236 25.28 9.05 13.48
C GLY C 236 24.75 10.47 13.57
N LEU C 237 23.41 10.55 13.59
CA LEU C 237 22.72 11.83 13.58
C LEU C 237 22.93 12.59 14.90
N LEU C 238 22.90 11.88 16.03
CA LEU C 238 23.17 12.51 17.32
C LEU C 238 24.53 13.19 17.32
N HIS C 239 25.58 12.46 16.95
CA HIS C 239 26.89 13.08 16.83
C HIS C 239 26.86 14.23 15.83
N GLU C 240 26.24 14.00 14.66
CA GLU C 240 26.24 15.04 13.62
C GLU C 240 25.63 16.35 14.12
N VAL C 241 24.55 16.31 14.92
CA VAL C 241 23.90 17.55 15.33
C VAL C 241 24.45 18.06 16.66
N GLY C 242 25.51 17.41 17.17
CA GLY C 242 26.21 17.89 18.35
C GLY C 242 25.65 17.45 19.68
N LEU C 243 24.89 16.36 19.72
CA LEU C 243 24.31 15.85 20.96
C LEU C 243 25.05 14.65 21.52
N ALA C 244 26.15 14.23 20.89
CA ALA C 244 26.88 13.07 21.36
C ALA C 244 27.40 13.28 22.78
N GLY C 245 27.15 12.31 23.64
CA GLY C 245 27.66 12.31 25.00
C GLY C 245 26.85 13.09 26.00
N ALA C 246 25.68 13.63 25.62
CA ALA C 246 24.89 14.45 26.53
C ALA C 246 24.45 13.63 27.73
N PRO C 247 24.34 14.26 28.92
CA PRO C 247 24.00 13.48 30.12
C PRO C 247 22.62 12.87 30.07
N ASP C 248 21.75 13.36 29.18
CA ASP C 248 20.35 12.97 29.16
C ASP C 248 19.96 12.31 27.85
N ILE C 249 20.93 11.73 27.15
CA ILE C 249 20.66 11.02 25.91
C ILE C 249 21.19 9.60 26.06
N VAL C 250 20.32 8.63 25.82
CA VAL C 250 20.70 7.24 25.66
C VAL C 250 20.44 6.89 24.22
N MET C 251 21.40 6.22 23.61
CA MET C 251 21.37 5.91 22.19
C MET C 251 21.37 4.40 22.05
N THR C 252 20.56 3.90 21.11
CA THR C 252 20.65 2.51 20.70
C THR C 252 20.97 2.46 19.21
N THR C 253 21.60 1.37 18.79
CA THR C 253 21.86 1.13 17.37
C THR C 253 22.01 -0.36 17.14
N THR C 254 22.11 -0.72 15.86
CA THR C 254 22.36 -2.09 15.44
C THR C 254 23.76 -2.19 14.85
N LEU C 255 24.29 -3.41 14.82
CA LEU C 255 25.58 -3.73 14.21
C LEU C 255 25.40 -4.47 12.89
N SER C 256 24.17 -4.61 12.42
CA SER C 256 23.82 -5.48 11.31
C SER C 256 23.54 -4.73 10.02
N LYS C 257 23.57 -3.39 10.05
CA LYS C 257 23.32 -2.60 8.86
C LYS C 257 24.66 -2.08 8.43
N ALA C 258 25.10 -0.89 8.87
CA ALA C 258 26.39 -0.36 8.46
C ALA C 258 27.56 -1.25 8.87
N LEU C 259 27.52 -1.83 10.08
CA LEU C 259 28.68 -2.56 10.58
C LEU C 259 28.69 -4.04 10.17
N GLY C 260 27.82 -4.43 9.24
CA GLY C 260 27.94 -5.68 8.50
C GLY C 260 27.88 -6.94 9.33
N SER C 261 27.33 -6.87 10.53
CA SER C 261 27.44 -8.00 11.45
C SER C 261 26.08 -8.38 12.02
N GLN C 262 26.08 -8.76 13.29
CA GLN C 262 24.89 -9.00 14.08
C GLN C 262 25.10 -8.35 15.42
N GLY C 263 24.02 -7.94 16.04
CA GLY C 263 24.08 -7.43 17.38
C GLY C 263 23.45 -6.07 17.45
N GLY C 264 23.13 -5.63 18.66
CA GLY C 264 22.70 -4.27 18.92
C GLY C 264 23.63 -3.59 19.91
N ALA C 265 23.42 -2.31 20.11
CA ALA C 265 24.23 -1.57 21.06
C ALA C 265 23.40 -0.51 21.77
N VAL C 266 23.59 -0.40 23.08
CA VAL C 266 23.08 0.70 23.88
C VAL C 266 24.28 1.50 24.33
N LEU C 267 24.20 2.83 24.20
CA LEU C 267 25.30 3.73 24.55
C LEU C 267 24.77 4.94 25.30
N GLY C 268 25.55 5.42 26.26
CA GLY C 268 25.17 6.58 27.03
C GLY C 268 26.09 6.69 28.22
N PRO C 269 25.62 7.35 29.27
CA PRO C 269 26.43 7.49 30.49
C PRO C 269 26.71 6.13 31.13
N GLU C 270 27.82 6.05 31.86
CA GLU C 270 28.25 4.79 32.47
C GLU C 270 27.19 4.20 33.39
N ALA C 271 26.44 5.05 34.08
CA ALA C 271 25.38 4.59 34.98
C ALA C 271 24.29 3.84 34.23
N VAL C 272 24.07 4.20 32.96
CA VAL C 272 23.09 3.50 32.13
C VAL C 272 23.56 2.09 31.81
N ARG C 273 24.84 1.92 31.45
CA ARG C 273 25.38 0.58 31.18
C ARG C 273 25.30 -0.31 32.40
N ALA C 274 25.82 0.17 33.54
CA ALA C 274 25.80 -0.60 34.77
C ALA C 274 24.37 -0.87 35.21
N HIS C 275 23.43 0.01 34.82
CA HIS C 275 22.02 -0.25 35.11
C HIS C 275 21.47 -1.37 34.24
N LEU C 276 21.83 -1.39 32.96
CA LEU C 276 21.34 -2.41 32.05
C LEU C 276 21.87 -3.81 32.41
N ILE C 277 23.17 -3.88 32.74
CA ILE C 277 23.77 -5.13 33.20
C ILE C 277 23.03 -5.67 34.42
N ASP C 278 22.60 -4.77 35.31
CA ASP C 278 21.97 -5.16 36.55
C ASP C 278 20.48 -5.46 36.43
N THR C 279 19.78 -4.87 35.47
CA THR C 279 18.32 -4.92 35.52
C THR C 279 17.62 -5.27 34.21
N ALA C 280 18.26 -5.00 33.06
CA ALA C 280 17.64 -5.22 31.75
C ALA C 280 17.50 -6.70 31.45
N ARG C 281 16.27 -7.17 31.30
CA ARG C 281 16.05 -8.61 31.15
C ARG C 281 16.51 -9.14 29.79
N SER C 282 16.38 -8.34 28.72
CA SER C 282 16.87 -8.81 27.42
C SER C 282 18.38 -8.82 27.32
N PHE C 283 19.10 -8.38 28.35
CA PHE C 283 20.55 -8.56 28.45
C PHE C 283 20.92 -9.73 29.35
N ILE C 284 20.36 -9.78 30.56
CA ILE C 284 20.71 -10.81 31.53
C ILE C 284 20.39 -12.20 30.99
N PHE C 285 19.18 -12.38 30.47
CA PHE C 285 18.67 -13.71 30.10
C PHE C 285 18.70 -13.97 28.60
N ASP C 286 19.73 -13.49 27.92
CA ASP C 286 20.10 -13.90 26.57
C ASP C 286 21.56 -14.35 26.61
N THR C 287 22.02 -15.02 25.57
CA THR C 287 23.38 -15.52 25.65
C THR C 287 24.41 -14.48 25.23
N GLY C 288 24.04 -13.39 24.61
CA GLY C 288 25.10 -12.43 24.37
C GLY C 288 25.95 -12.74 23.15
N LEU C 289 26.35 -11.66 22.48
CA LEU C 289 26.71 -11.68 21.08
C LEU C 289 27.84 -12.66 20.79
N ALA C 290 27.69 -13.42 19.72
CA ALA C 290 28.72 -14.36 19.30
C ALA C 290 30.05 -13.61 19.11
N PRO C 291 31.18 -14.21 19.49
CA PRO C 291 32.46 -13.56 19.21
C PRO C 291 32.63 -13.18 17.76
N ALA C 292 32.27 -14.07 16.84
CA ALA C 292 32.48 -13.81 15.42
C ALA C 292 31.76 -12.53 14.99
N ALA C 293 30.56 -12.27 15.56
CA ALA C 293 29.83 -11.07 15.23
C ALA C 293 30.55 -9.84 15.78
N VAL C 294 31.11 -9.93 16.99
CA VAL C 294 31.81 -8.80 17.59
C VAL C 294 33.08 -8.48 16.78
N GLY C 295 33.86 -9.50 16.43
CA GLY C 295 35.01 -9.27 15.56
C GLY C 295 34.62 -8.67 14.22
N ALA C 296 33.57 -9.21 13.59
CA ALA C 296 33.10 -8.64 12.33
C ALA C 296 32.78 -7.15 12.50
N ALA C 297 32.02 -6.81 13.54
CA ALA C 297 31.64 -5.43 13.78
C ALA C 297 32.84 -4.55 14.15
N SER C 298 33.81 -5.12 14.89
CA SER C 298 34.99 -4.33 15.24
C SER C 298 35.85 -4.07 14.01
N ALA C 299 36.00 -5.09 13.16
CA ALA C 299 36.71 -4.90 11.90
C ALA C 299 35.97 -3.89 11.00
N ALA C 300 34.65 -3.97 10.93
CA ALA C 300 33.91 -3.05 10.07
C ALA C 300 34.03 -1.61 10.56
N LEU C 301 33.98 -1.42 11.88
CA LEU C 301 34.12 -0.10 12.45
C LEU C 301 35.46 0.53 12.12
N ARG C 302 36.53 -0.28 12.05
CA ARG C 302 37.84 0.26 11.67
C ARG C 302 37.87 0.68 10.20
N VAL C 303 37.26 -0.12 9.32
CA VAL C 303 37.26 0.23 7.90
C VAL C 303 36.47 1.52 7.68
N LEU C 304 35.32 1.67 8.34
CA LEU C 304 34.59 2.94 8.27
C LEU C 304 35.45 4.07 8.83
N ASP C 305 36.05 3.85 10.00
CA ASP C 305 36.93 4.83 10.61
C ASP C 305 38.05 5.23 9.64
N ALA C 306 38.54 4.27 8.86
CA ALA C 306 39.60 4.59 7.90
C ALA C 306 39.07 5.13 6.59
N GLU C 307 37.82 4.83 6.24
CA GLU C 307 37.27 5.22 4.94
C GLU C 307 35.99 5.99 5.17
N PRO C 308 36.08 7.20 5.73
CA PRO C 308 34.87 7.98 6.00
C PRO C 308 34.12 8.35 4.74
N GLN C 309 34.76 8.23 3.59
CA GLN C 309 34.08 8.40 2.31
C GLN C 309 32.96 7.40 2.11
N ARG C 310 33.02 6.25 2.80
CA ARG C 310 31.94 5.27 2.68
C ARG C 310 30.61 5.86 3.11
N ALA C 311 30.60 6.68 4.16
CA ALA C 311 29.33 7.29 4.58
C ALA C 311 28.86 8.30 3.55
N ARG C 312 29.79 9.08 2.98
CA ARG C 312 29.41 10.02 1.94
C ARG C 312 28.83 9.29 0.75
N ALA C 313 29.41 8.15 0.38
CA ALA C 313 28.98 7.46 -0.82
C ALA C 313 27.55 6.95 -0.72
N VAL C 314 27.13 6.48 0.47
CA VAL C 314 25.76 5.97 0.55
C VAL C 314 24.74 7.10 0.37
N LEU C 315 25.00 8.28 0.95
CA LEU C 315 24.10 9.40 0.70
C LEU C 315 24.16 9.85 -0.76
N ASP C 316 25.35 9.80 -1.37
CA ASP C 316 25.45 10.16 -2.78
C ASP C 316 24.70 9.18 -3.67
N ARG C 317 24.88 7.88 -3.42
CA ARG C 317 24.18 6.89 -4.22
C ARG C 317 22.68 6.97 -4.05
N ALA C 318 22.22 7.26 -2.82
CA ALA C 318 20.80 7.44 -2.58
C ALA C 318 20.24 8.59 -3.42
N ALA C 319 20.95 9.71 -3.50
CA ALA C 319 20.50 10.79 -4.37
C ALA C 319 20.43 10.33 -5.82
N GLU C 320 21.42 9.59 -6.28
CA GLU C 320 21.37 9.09 -7.63
C GLU C 320 20.18 8.18 -7.84
N LEU C 321 19.82 7.39 -6.83
CA LEU C 321 18.63 6.55 -6.91
C LEU C 321 17.34 7.37 -6.90
N ALA C 322 17.32 8.46 -6.13
CA ALA C 322 16.13 9.32 -6.09
C ALA C 322 15.89 9.95 -7.46
N THR C 323 16.95 10.53 -8.03
CA THR C 323 16.90 11.10 -9.37
C THR C 323 16.41 10.09 -10.41
N ILE C 324 16.98 8.88 -10.37
CA ILE C 324 16.51 7.82 -11.26
C ILE C 324 15.01 7.62 -11.07
N ALA C 325 14.59 7.44 -9.83
CA ALA C 325 13.22 7.07 -9.50
C ALA C 325 12.23 8.21 -9.63
N GLY C 326 12.67 9.42 -9.93
CA GLY C 326 11.76 10.54 -9.96
C GLY C 326 11.42 11.11 -8.60
N VAL C 327 12.25 10.84 -7.60
CA VAL C 327 12.06 11.42 -6.27
C VAL C 327 12.61 12.83 -6.25
N THR C 328 11.77 13.78 -5.81
CA THR C 328 12.07 15.20 -5.95
C THR C 328 12.96 15.72 -4.81
N GLU C 329 12.81 15.18 -3.61
CA GLU C 329 13.57 15.63 -2.45
C GLU C 329 14.81 14.77 -2.25
N ALA C 330 15.92 15.44 -1.98
CA ALA C 330 17.19 14.75 -1.81
C ALA C 330 17.13 13.82 -0.60
N PRO C 331 17.63 12.60 -0.73
CA PRO C 331 17.56 11.68 0.42
C PRO C 331 18.44 12.13 1.57
N VAL C 332 17.91 12.00 2.77
CA VAL C 332 18.68 12.26 3.96
C VAL C 332 19.21 10.98 4.59
N SER C 333 18.82 9.83 4.04
CA SER C 333 19.20 8.54 4.59
C SER C 333 19.47 7.59 3.43
N ALA C 334 19.76 6.32 3.74
CA ALA C 334 20.20 5.39 2.70
C ALA C 334 19.07 4.89 1.82
N VAL C 335 17.87 4.74 2.35
CA VAL C 335 16.79 4.02 1.67
C VAL C 335 15.84 5.03 1.05
N VAL C 336 15.60 4.89 -0.24
CA VAL C 336 14.74 5.80 -1.00
C VAL C 336 13.36 5.18 -1.12
N SER C 337 12.33 5.91 -0.73
CA SER C 337 10.96 5.46 -0.91
C SER C 337 10.41 5.96 -2.23
N VAL C 338 9.80 5.04 -2.97
CA VAL C 338 9.24 5.27 -4.29
C VAL C 338 7.77 4.90 -4.14
N ILE C 339 6.95 5.91 -3.89
CA ILE C 339 5.54 5.71 -3.55
C ILE C 339 4.77 5.43 -4.83
N LEU C 340 4.03 4.33 -4.85
CA LEU C 340 3.20 4.02 -6.01
C LEU C 340 1.69 4.10 -5.72
N GLY C 341 1.31 4.21 -4.45
CA GLY C 341 -0.06 4.45 -4.07
C GLY C 341 -1.04 3.36 -4.45
N ASP C 342 -0.55 2.17 -4.79
CA ASP C 342 -1.47 1.09 -5.12
C ASP C 342 -0.83 -0.24 -4.77
N PRO C 343 -1.45 -1.04 -3.90
CA PRO C 343 -0.80 -2.27 -3.42
C PRO C 343 -0.46 -3.24 -4.54
N GLU C 344 -1.40 -3.47 -5.47
CA GLU C 344 -1.16 -4.42 -6.56
C GLU C 344 -0.13 -3.88 -7.54
N ILE C 345 -0.16 -2.57 -7.81
CA ILE C 345 0.86 -1.98 -8.67
C ILE C 345 2.26 -2.16 -8.07
N ALA C 346 2.40 -1.84 -6.77
CA ALA C 346 3.70 -1.97 -6.12
C ALA C 346 4.20 -3.40 -6.23
N VAL C 347 3.32 -4.36 -5.95
CA VAL C 347 3.66 -5.78 -6.06
C VAL C 347 4.13 -6.11 -7.48
N GLY C 348 3.38 -5.66 -8.48
CA GLY C 348 3.78 -5.89 -9.86
C GLY C 348 5.08 -5.20 -10.21
N ALA C 349 5.24 -3.95 -9.78
CA ALA C 349 6.45 -3.20 -10.12
C ALA C 349 7.69 -3.85 -9.51
N ALA C 350 7.61 -4.30 -8.25
CA ALA C 350 8.73 -5.02 -7.64
C ALA C 350 9.07 -6.30 -8.42
N ALA C 351 8.05 -7.03 -8.89
CA ALA C 351 8.29 -8.26 -9.62
C ALA C 351 8.93 -8.00 -10.98
N ALA C 352 8.52 -6.91 -11.65
CA ALA C 352 9.12 -6.58 -12.94
C ALA C 352 10.58 -6.17 -12.79
N CYS C 353 10.94 -5.54 -11.67
CA CYS C 353 12.34 -5.26 -11.38
C CYS C 353 13.12 -6.57 -11.28
N LEU C 354 12.61 -7.50 -10.46
CA LEU C 354 13.28 -8.79 -10.24
C LEU C 354 13.52 -9.52 -11.57
N ASP C 355 12.50 -9.57 -12.43
CA ASP C 355 12.66 -10.26 -13.70
C ASP C 355 13.75 -9.64 -14.55
N ARG C 356 14.00 -8.35 -14.36
CA ARG C 356 15.03 -7.66 -15.09
C ARG C 356 16.33 -7.55 -14.31
N GLY C 357 16.45 -8.30 -13.22
CA GLY C 357 17.71 -8.44 -12.52
C GLY C 357 17.93 -7.53 -11.33
N VAL C 358 16.90 -6.87 -10.81
CA VAL C 358 17.07 -5.92 -9.71
C VAL C 358 16.10 -6.28 -8.59
N ARG C 359 16.63 -6.56 -7.40
CA ARG C 359 15.82 -6.85 -6.23
C ARG C 359 15.62 -5.59 -5.42
N VAL C 360 14.37 -5.14 -5.28
CA VAL C 360 14.03 -3.96 -4.52
C VAL C 360 13.00 -4.33 -3.46
N GLY C 361 12.83 -3.43 -2.49
CA GLY C 361 11.89 -3.67 -1.42
C GLY C 361 10.49 -3.21 -1.79
N CYS C 362 9.50 -3.92 -1.26
CA CYS C 362 8.11 -3.70 -1.59
C CYS C 362 7.30 -3.72 -0.30
N PHE C 363 6.76 -2.55 0.08
CA PHE C 363 6.13 -2.36 1.38
C PHE C 363 4.69 -1.89 1.15
N ARG C 364 3.73 -2.56 1.80
CA ARG C 364 2.32 -2.27 1.63
C ARG C 364 1.60 -2.19 2.97
N PRO C 365 0.42 -1.58 3.02
CA PRO C 365 -0.39 -1.63 4.24
C PRO C 365 -0.62 -3.05 4.68
N PRO C 366 -0.67 -3.32 6.00
CA PRO C 366 -0.67 -2.35 7.10
C PRO C 366 0.74 -1.94 7.57
N THR C 367 1.79 -2.32 6.83
CA THR C 367 3.16 -1.98 7.27
C THR C 367 3.42 -0.49 7.13
N VAL C 368 2.94 0.12 6.06
CA VAL C 368 3.06 1.56 5.85
C VAL C 368 1.65 2.11 5.82
N PRO C 369 1.47 3.43 5.97
CA PRO C 369 0.12 4.01 5.96
C PRO C 369 -0.68 3.65 4.71
N ALA C 370 -2.01 3.69 4.85
CA ALA C 370 -2.90 3.43 3.74
C ALA C 370 -2.75 4.48 2.64
N GLY C 371 -2.79 4.02 1.39
CA GLY C 371 -2.54 4.89 0.27
C GLY C 371 -1.07 5.15 -0.04
N THR C 372 -0.14 4.54 0.69
CA THR C 372 1.27 4.81 0.46
C THR C 372 2.06 3.56 0.09
N SER C 373 1.45 2.62 -0.62
CA SER C 373 2.20 1.47 -1.12
C SER C 373 3.37 1.95 -1.97
N ARG C 374 4.52 1.26 -1.83
CA ARG C 374 5.78 1.83 -2.31
C ARG C 374 6.84 0.78 -2.56
N LEU C 375 7.87 1.19 -3.32
CA LEU C 375 9.14 0.50 -3.43
C LEU C 375 10.15 1.20 -2.53
N ARG C 376 11.09 0.42 -1.98
CA ARG C 376 12.26 1.00 -1.31
C ARG C 376 13.53 0.55 -2.02
N LEU C 377 14.36 1.53 -2.36
CA LEU C 377 15.63 1.33 -3.04
C LEU C 377 16.71 1.66 -2.02
N ALA C 378 17.39 0.64 -1.53
CA ALA C 378 18.41 0.85 -0.50
C ALA C 378 19.75 1.14 -1.17
N ALA C 379 20.31 2.31 -0.88
CA ALA C 379 21.63 2.65 -1.38
C ALA C 379 22.71 1.94 -0.56
N ARG C 380 23.82 1.63 -1.21
CA ARG C 380 24.96 1.04 -0.53
C ARG C 380 26.24 1.71 -1.02
N ALA C 381 27.15 2.01 -0.09
CA ALA C 381 28.42 2.62 -0.46
C ALA C 381 29.17 1.80 -1.51
N SER C 382 28.96 0.49 -1.56
CA SER C 382 29.72 -0.33 -2.49
C SER C 382 29.06 -0.46 -3.85
N LEU C 383 27.95 0.24 -4.10
CA LEU C 383 27.31 0.23 -5.41
C LEU C 383 28.24 0.80 -6.48
N THR C 384 28.31 0.14 -7.62
CA THR C 384 29.18 0.59 -8.70
C THR C 384 28.42 1.39 -9.77
N ASP C 385 29.20 2.08 -10.62
CA ASP C 385 28.61 2.91 -11.67
C ASP C 385 27.88 2.07 -12.71
N ASP C 386 28.36 0.84 -12.94
CA ASP C 386 27.65 -0.04 -13.85
C ASP C 386 26.40 -0.63 -13.23
N GLU C 387 26.42 -0.90 -11.92
CA GLU C 387 25.20 -1.30 -11.25
C GLU C 387 24.19 -0.15 -11.28
N MET C 388 24.69 1.08 -11.13
CA MET C 388 23.80 2.23 -11.20
C MET C 388 23.31 2.44 -12.63
N ALA C 389 24.14 2.13 -13.63
CA ALA C 389 23.64 2.21 -15.00
C ALA C 389 22.59 1.15 -15.27
N LEU C 390 22.74 -0.04 -14.67
CA LEU C 390 21.69 -1.06 -14.73
C LEU C 390 20.44 -0.64 -13.96
N ALA C 391 20.61 -0.02 -12.79
CA ALA C 391 19.47 0.50 -12.04
C ALA C 391 18.77 1.60 -12.80
N ARG C 392 19.53 2.46 -13.48
CA ARG C 392 18.94 3.54 -14.26
C ARG C 392 18.00 3.00 -15.34
N GLN C 393 18.47 2.05 -16.14
CA GLN C 393 17.65 1.54 -17.23
C GLN C 393 16.45 0.75 -16.70
N VAL C 394 16.64 -0.06 -15.66
CA VAL C 394 15.57 -0.96 -15.22
C VAL C 394 14.47 -0.19 -14.51
N LEU C 395 14.82 0.72 -13.60
CA LEU C 395 13.77 1.42 -12.88
C LEU C 395 13.00 2.38 -13.78
N THR C 396 13.70 3.09 -14.67
CA THR C 396 13.04 3.98 -15.61
C THR C 396 11.94 3.26 -16.39
N ASP C 397 12.22 2.04 -16.86
CA ASP C 397 11.24 1.31 -17.66
C ASP C 397 10.06 0.84 -16.82
N VAL C 398 10.35 0.25 -15.65
CA VAL C 398 9.29 -0.29 -14.81
C VAL C 398 8.38 0.82 -14.28
N LEU C 399 8.96 1.95 -13.86
CA LEU C 399 8.16 3.00 -13.25
C LEU C 399 7.30 3.73 -14.30
N ALA C 400 7.82 3.92 -15.51
CA ALA C 400 6.98 4.55 -16.54
C ALA C 400 5.78 3.69 -16.86
N THR C 401 5.91 2.36 -16.74
CA THR C 401 4.78 1.47 -16.89
C THR C 401 3.85 1.57 -15.70
N ALA C 402 4.40 1.71 -14.51
CA ALA C 402 3.68 1.67 -13.25
C ALA C 402 3.13 3.03 -12.83
N ARG C 403 3.30 4.07 -13.65
CA ARG C 403 2.90 5.43 -13.33
C ARG C 403 2.05 6.10 -14.40
N ALA C 404 1.85 5.47 -15.54
CA ALA C 404 1.21 6.13 -16.67
C ALA C 404 -0.30 6.25 -16.46
N LEU D 28 20.92 16.01 34.09
CA LEU D 28 21.37 15.21 35.23
C LEU D 28 20.17 14.54 35.91
N SER D 29 19.10 15.30 36.03
CA SER D 29 17.88 14.85 36.70
C SER D 29 17.33 13.54 36.13
N PRO D 30 17.17 13.37 34.81
CA PRO D 30 16.45 12.19 34.32
C PRO D 30 17.15 10.88 34.58
N LEU D 31 18.46 10.87 34.81
CA LEU D 31 19.17 9.63 35.09
C LEU D 31 19.74 9.54 36.50
N ALA D 32 19.56 10.58 37.32
CA ALA D 32 20.02 10.51 38.71
C ALA D 32 19.28 9.46 39.52
N TRP D 33 18.06 9.08 39.12
CA TRP D 33 17.36 8.01 39.81
C TRP D 33 18.08 6.67 39.65
N LEU D 34 18.97 6.55 38.66
CA LEU D 34 19.74 5.33 38.48
C LEU D 34 20.73 5.10 39.62
N ALA D 35 21.24 6.17 40.23
CA ALA D 35 22.14 6.01 41.37
C ALA D 35 21.39 5.53 42.61
N ASP D 36 20.15 6.00 42.81
CA ASP D 36 19.33 5.54 43.93
C ASP D 36 18.94 4.07 43.76
N ILE D 37 18.73 3.63 42.52
CA ILE D 37 18.51 2.21 42.30
C ILE D 37 19.77 1.44 42.65
N GLU D 38 20.94 2.03 42.37
CA GLU D 38 22.20 1.34 42.67
C GLU D 38 22.46 1.28 44.17
N GLN D 39 22.15 2.34 44.91
CA GLN D 39 22.26 2.29 46.37
C GLN D 39 21.35 1.22 46.94
N ARG D 40 20.09 1.17 46.47
CA ARG D 40 19.16 0.16 46.98
C ARG D 40 19.63 -1.25 46.65
N ARG D 41 20.10 -1.46 45.41
CA ARG D 41 20.54 -2.79 45.00
C ARG D 41 21.72 -3.26 45.83
N ARG D 42 22.68 -2.36 46.07
CA ARG D 42 23.87 -2.72 46.84
C ARG D 42 23.55 -2.89 48.32
N ALA D 43 22.58 -2.13 48.84
CA ALA D 43 22.19 -2.27 50.24
C ALA D 43 21.67 -3.67 50.53
N GLU D 44 20.94 -4.26 49.58
CA GLU D 44 20.46 -5.63 49.67
C GLU D 44 21.45 -6.63 49.09
N GLY D 45 22.61 -6.16 48.62
CA GLY D 45 23.60 -7.07 48.08
C GLY D 45 23.22 -7.72 46.77
N LEU D 46 22.41 -7.04 45.94
CA LEU D 46 21.93 -7.62 44.69
C LEU D 46 22.53 -6.98 43.44
N ARG D 47 23.32 -5.92 43.58
CA ARG D 47 23.88 -5.21 42.43
C ARG D 47 24.79 -6.12 41.59
N ARG D 48 24.37 -6.41 40.36
CA ARG D 48 25.17 -7.25 39.46
C ARG D 48 26.25 -6.43 38.77
N GLU D 49 27.41 -7.07 38.59
CA GLU D 49 28.54 -6.53 37.86
C GLU D 49 29.07 -7.60 36.92
N LEU D 50 29.90 -7.18 35.98
CA LEU D 50 30.52 -8.12 35.06
C LEU D 50 31.93 -8.47 35.51
N ARG D 51 32.32 -9.71 35.23
CA ARG D 51 33.71 -10.14 35.25
C ARG D 51 34.14 -10.37 33.81
N VAL D 52 35.41 -10.10 33.51
CA VAL D 52 35.88 -10.10 32.14
C VAL D 52 36.78 -11.32 31.97
N ARG D 53 36.44 -12.16 31.03
CA ARG D 53 37.05 -13.46 30.83
C ARG D 53 38.17 -13.36 29.80
N PRO D 54 39.34 -13.96 30.08
CA PRO D 54 40.44 -13.92 29.12
C PRO D 54 40.31 -15.03 28.07
N PRO D 55 41.05 -14.91 26.96
CA PRO D 55 41.01 -15.97 25.94
C PRO D 55 41.54 -17.30 26.45
N VAL D 56 42.65 -17.30 27.18
CA VAL D 56 43.08 -18.49 27.89
C VAL D 56 42.31 -18.49 29.19
N ALA D 57 41.32 -19.39 29.32
CA ALA D 57 40.55 -19.41 30.55
C ALA D 57 41.46 -19.82 31.71
N ALA D 58 41.45 -19.02 32.77
CA ALA D 58 42.28 -19.29 33.93
C ALA D 58 41.66 -20.26 34.92
N GLU D 59 40.34 -20.35 34.95
CA GLU D 59 39.63 -21.09 35.99
C GLU D 59 38.75 -22.17 35.35
N LEU D 60 38.60 -23.29 36.06
CA LEU D 60 37.67 -24.31 35.62
C LEU D 60 36.25 -23.76 35.61
N ASP D 61 35.56 -23.94 34.50
CA ASP D 61 34.24 -23.35 34.29
C ASP D 61 33.14 -24.37 34.56
N LEU D 62 32.40 -24.16 35.65
CA LEU D 62 31.21 -24.92 35.99
C LEU D 62 30.01 -23.97 35.99
N ALA D 63 30.09 -22.91 35.19
CA ALA D 63 29.05 -21.88 35.14
C ALA D 63 28.45 -21.66 33.76
N SER D 64 29.15 -22.03 32.68
CA SER D 64 28.60 -21.86 31.35
C SER D 64 27.57 -22.93 31.06
N ASN D 65 26.75 -22.69 30.03
CA ASN D 65 25.84 -23.72 29.53
C ASN D 65 26.32 -24.34 28.23
N ASP D 66 27.64 -24.37 28.02
CA ASP D 66 28.23 -25.08 26.88
C ASP D 66 28.22 -26.57 27.21
N TYR D 67 27.00 -27.14 27.19
CA TYR D 67 26.78 -28.44 27.82
C TYR D 67 27.63 -29.54 27.22
N LEU D 68 27.84 -29.52 25.92
CA LEU D 68 28.56 -30.60 25.28
C LEU D 68 30.04 -30.30 25.05
N GLY D 69 30.53 -29.15 25.52
CA GLY D 69 31.89 -28.72 25.26
C GLY D 69 32.16 -28.32 23.81
N LEU D 70 31.12 -27.89 23.07
CA LEU D 70 31.25 -27.74 21.62
C LEU D 70 31.59 -26.33 21.16
N SER D 71 31.49 -25.31 22.01
CA SER D 71 31.74 -23.94 21.56
C SER D 71 33.15 -23.77 20.97
N GLN D 72 34.13 -24.47 21.50
CA GLN D 72 35.49 -24.39 20.96
C GLN D 72 35.94 -25.66 20.29
N HIS D 73 35.00 -26.49 19.82
CA HIS D 73 35.37 -27.73 19.14
C HIS D 73 35.97 -27.41 17.77
N PRO D 74 37.00 -28.15 17.34
CA PRO D 74 37.63 -27.85 16.05
C PRO D 74 36.67 -27.90 14.88
N ASP D 75 35.77 -28.89 14.82
CA ASP D 75 34.77 -28.88 13.76
C ASP D 75 33.89 -27.65 13.86
N VAL D 76 33.52 -27.26 15.09
CA VAL D 76 32.66 -26.09 15.26
C VAL D 76 33.37 -24.84 14.78
N LEU D 77 34.65 -24.69 15.12
CA LEU D 77 35.43 -23.58 14.61
C LEU D 77 35.43 -23.59 13.08
N ASP D 78 35.63 -24.77 12.48
CA ASP D 78 35.67 -24.83 11.02
C ASP D 78 34.33 -24.39 10.41
N GLY D 79 33.22 -24.94 10.92
CA GLY D 79 31.92 -24.64 10.35
C GLY D 79 31.62 -23.15 10.39
N GLY D 80 32.00 -22.49 11.48
CA GLY D 80 31.81 -21.05 11.55
C GLY D 80 32.69 -20.30 10.57
N VAL D 81 33.95 -20.75 10.42
CA VAL D 81 34.88 -20.07 9.53
C VAL D 81 34.46 -20.22 8.08
N GLU D 82 34.01 -21.42 7.70
CA GLU D 82 33.62 -21.63 6.32
C GLU D 82 32.37 -20.84 5.95
N ALA D 83 31.37 -20.85 6.84
CA ALA D 83 30.17 -20.06 6.58
C ALA D 83 30.52 -18.59 6.47
N LEU D 84 31.41 -18.12 7.36
CA LEU D 84 31.77 -16.70 7.37
C LEU D 84 32.48 -16.30 6.08
N ARG D 85 33.41 -17.14 5.61
CA ARG D 85 34.08 -16.82 4.36
C ARG D 85 33.16 -16.98 3.16
N THR D 86 32.16 -17.86 3.26
CA THR D 86 31.26 -18.08 2.14
C THR D 86 30.18 -17.01 2.05
N TRP D 87 29.65 -16.57 3.19
CA TRP D 87 28.47 -15.72 3.21
C TRP D 87 28.70 -14.30 3.75
N GLY D 88 29.66 -14.10 4.63
CA GLY D 88 29.92 -12.78 5.20
C GLY D 88 29.63 -12.69 6.69
N GLY D 89 29.87 -11.49 7.22
CA GLY D 89 29.83 -11.29 8.65
C GLY D 89 28.44 -11.19 9.23
N GLY D 90 27.47 -10.78 8.42
CA GLY D 90 26.09 -10.74 8.83
C GLY D 90 25.20 -11.24 7.71
N ALA D 91 23.92 -11.43 8.06
CA ALA D 91 22.95 -11.85 7.07
C ALA D 91 22.65 -10.75 6.07
N GLY D 92 22.85 -9.48 6.44
CA GLY D 92 22.61 -8.34 5.58
C GLY D 92 21.21 -7.77 5.66
N GLY D 93 20.28 -8.48 6.25
CA GLY D 93 18.93 -7.96 6.44
C GLY D 93 18.06 -9.04 7.02
N SER D 94 16.80 -8.70 7.16
CA SER D 94 15.80 -9.67 7.59
C SER D 94 15.76 -10.83 6.59
N ARG D 95 15.48 -12.04 7.10
CA ARG D 95 15.29 -13.18 6.21
C ARG D 95 14.17 -12.94 5.21
N LEU D 96 13.31 -11.95 5.45
CA LEU D 96 12.21 -11.60 4.55
C LEU D 96 12.61 -10.66 3.42
N VAL D 97 13.85 -10.17 3.42
CA VAL D 97 14.30 -9.28 2.35
C VAL D 97 15.43 -9.96 1.58
N THR D 98 16.62 -10.00 2.19
CA THR D 98 17.81 -10.52 1.54
C THR D 98 18.67 -11.39 2.45
N GLY D 99 18.24 -11.64 3.69
CA GLY D 99 19.00 -12.35 4.69
C GLY D 99 18.81 -13.85 4.72
N ASN D 100 17.93 -14.39 3.89
CA ASN D 100 17.67 -15.83 3.90
C ASN D 100 18.61 -16.52 2.90
N THR D 101 19.69 -17.12 3.43
CA THR D 101 20.69 -17.83 2.63
C THR D 101 20.32 -19.32 2.50
N GLU D 102 20.96 -19.98 1.52
CA GLU D 102 20.94 -21.44 1.43
C GLU D 102 21.47 -22.07 2.69
N LEU D 103 22.37 -21.38 3.38
CA LEU D 103 22.93 -21.93 4.59
C LEU D 103 21.86 -22.01 5.68
N HIS D 104 21.08 -20.94 5.86
CA HIS D 104 20.02 -20.92 6.87
C HIS D 104 19.05 -22.08 6.66
N GLU D 105 18.56 -22.25 5.43
CA GLU D 105 17.55 -23.28 5.24
C GLU D 105 18.15 -24.69 5.28
N ALA D 106 19.41 -24.87 4.91
CA ALA D 106 20.01 -26.20 5.04
C ALA D 106 20.17 -26.57 6.51
N PHE D 107 20.60 -25.62 7.34
CA PHE D 107 20.67 -25.90 8.78
C PHE D 107 19.29 -26.15 9.36
N GLU D 108 18.29 -25.38 8.92
CA GLU D 108 16.93 -25.59 9.42
C GLU D 108 16.44 -27.00 9.09
N HIS D 109 16.71 -27.48 7.87
CA HIS D 109 16.38 -28.87 7.58
C HIS D 109 17.22 -29.81 8.45
N GLN D 110 18.49 -29.48 8.65
CA GLN D 110 19.36 -30.36 9.43
C GLN D 110 18.86 -30.48 10.86
N LEU D 111 18.44 -29.35 11.46
CA LEU D 111 17.96 -29.35 12.84
C LEU D 111 16.61 -30.03 12.98
N ALA D 112 15.68 -29.76 12.06
CA ALA D 112 14.38 -30.44 12.12
C ALA D 112 14.55 -31.94 11.98
N SER D 113 15.44 -32.38 11.08
CA SER D 113 15.63 -33.81 10.90
C SER D 113 16.17 -34.46 12.17
N PHE D 114 17.15 -33.83 12.82
CA PHE D 114 17.71 -34.39 14.03
C PHE D 114 16.66 -34.54 15.12
N LEU D 115 15.76 -33.56 15.21
CA LEU D 115 14.76 -33.52 16.28
C LEU D 115 13.48 -34.25 15.94
N GLY D 116 13.28 -34.67 14.70
CA GLY D 116 12.04 -35.33 14.33
C GLY D 116 10.88 -34.39 14.09
N ALA D 117 11.16 -33.11 13.89
CA ALA D 117 10.14 -32.12 13.62
C ALA D 117 10.02 -31.94 12.12
N GLU D 118 8.86 -31.43 11.70
CA GLU D 118 8.58 -31.20 10.29
C GLU D 118 9.32 -29.99 9.72
N SER D 119 9.57 -28.96 10.53
CA SER D 119 10.19 -27.76 10.00
C SER D 119 10.79 -26.96 11.14
N ALA D 120 11.70 -26.07 10.78
CA ALA D 120 12.43 -25.28 11.76
C ALA D 120 12.71 -23.90 11.17
N LEU D 121 12.79 -22.92 12.06
CA LEU D 121 13.02 -21.54 11.68
C LEU D 121 13.94 -20.94 12.71
N VAL D 122 15.08 -20.41 12.30
CA VAL D 122 16.02 -19.89 13.29
C VAL D 122 15.90 -18.38 13.36
N PHE D 123 16.01 -17.88 14.58
CA PHE D 123 15.94 -16.49 15.03
C PHE D 123 17.32 -16.06 15.50
N SER D 124 17.42 -14.75 15.76
CA SER D 124 18.71 -14.20 16.16
C SER D 124 19.23 -14.76 17.49
N SER D 125 18.35 -15.19 18.39
CA SER D 125 18.74 -15.68 19.70
C SER D 125 17.56 -16.47 20.25
N GLY D 126 17.81 -17.23 21.32
CA GLY D 126 16.69 -17.91 21.97
C GLY D 126 15.62 -16.94 22.45
N TYR D 127 16.02 -15.75 22.89
CA TYR D 127 15.07 -14.79 23.41
C TYR D 127 14.06 -14.36 22.34
N THR D 128 14.55 -14.03 21.13
CA THR D 128 13.62 -13.64 20.07
C THR D 128 12.87 -14.83 19.50
N ALA D 129 13.45 -16.04 19.57
CA ALA D 129 12.69 -17.22 19.14
C ALA D 129 11.48 -17.45 20.05
N ASN D 130 11.67 -17.29 21.36
CA ASN D 130 10.55 -17.42 22.28
C ASN D 130 9.51 -16.33 22.04
N LEU D 131 9.94 -15.06 22.00
CA LEU D 131 9.02 -13.97 21.73
C LEU D 131 8.24 -14.21 20.45
N GLY D 132 8.94 -14.59 19.37
CA GLY D 132 8.30 -14.72 18.08
C GLY D 132 7.28 -15.83 18.00
N ALA D 133 7.57 -16.98 18.62
CA ALA D 133 6.70 -18.15 18.53
C ALA D 133 5.45 -17.98 19.38
N LEU D 134 5.62 -17.57 20.64
CA LEU D 134 4.48 -17.49 21.55
C LEU D 134 3.53 -16.38 21.12
N VAL D 135 4.06 -15.22 20.76
CA VAL D 135 3.20 -14.11 20.35
C VAL D 135 2.40 -14.47 19.11
N ALA D 136 3.06 -15.08 18.12
CA ALA D 136 2.40 -15.39 16.86
C ALA D 136 1.47 -16.60 16.97
N LEU D 137 1.63 -17.43 17.99
CA LEU D 137 0.74 -18.57 18.15
C LEU D 137 -0.36 -18.32 19.17
N SER D 138 -0.32 -17.18 19.88
CA SER D 138 -1.36 -16.85 20.84
C SER D 138 -2.11 -15.65 20.31
N GLY D 139 -1.76 -14.43 20.71
CA GLY D 139 -2.43 -13.25 20.22
C GLY D 139 -3.66 -12.89 21.02
N PRO D 140 -4.17 -11.69 20.76
CA PRO D 140 -5.38 -11.24 21.45
C PRO D 140 -6.55 -12.19 21.23
N GLY D 141 -7.42 -12.27 22.25
CA GLY D 141 -8.54 -13.19 22.25
C GLY D 141 -8.19 -14.65 22.51
N SER D 142 -6.92 -14.98 22.77
CA SER D 142 -6.47 -16.34 23.06
C SER D 142 -6.02 -16.45 24.52
N LEU D 143 -5.82 -17.68 24.98
CA LEU D 143 -5.44 -17.95 26.36
C LEU D 143 -4.06 -18.60 26.40
N ILE D 144 -3.19 -18.10 27.28
CA ILE D 144 -1.90 -18.75 27.57
C ILE D 144 -1.93 -19.24 29.00
N VAL D 145 -1.66 -20.54 29.19
CA VAL D 145 -1.48 -21.12 30.51
C VAL D 145 0.02 -21.36 30.70
N SER D 146 0.62 -20.66 31.66
CA SER D 146 2.07 -20.61 31.80
C SER D 146 2.53 -21.14 33.16
N ASP D 147 3.64 -21.88 33.15
CA ASP D 147 4.19 -22.41 34.40
C ASP D 147 4.78 -21.27 35.22
N ALA D 148 4.55 -21.31 36.54
CA ALA D 148 5.00 -20.21 37.40
C ALA D 148 6.53 -20.06 37.41
N LEU D 149 7.27 -21.13 37.12
CA LEU D 149 8.72 -21.01 37.16
C LEU D 149 9.30 -20.75 35.78
N SER D 150 8.61 -19.98 34.92
CA SER D 150 9.06 -19.85 33.53
C SER D 150 10.23 -18.88 33.37
N HIS D 151 11.13 -19.21 32.45
CA HIS D 151 12.25 -18.35 32.12
C HIS D 151 11.74 -16.98 31.69
N ALA D 152 12.55 -15.96 31.93
CA ALA D 152 12.16 -14.57 31.68
C ALA D 152 11.81 -14.32 30.21
N SER D 153 12.47 -15.01 29.28
CA SER D 153 12.08 -14.81 27.89
C SER D 153 10.64 -15.26 27.64
N LEU D 154 10.16 -16.27 28.40
CA LEU D 154 8.79 -16.74 28.22
C LEU D 154 7.80 -15.86 28.96
N VAL D 155 8.20 -15.32 30.11
CA VAL D 155 7.34 -14.35 30.79
C VAL D 155 7.16 -13.09 29.94
N ASP D 156 8.26 -12.62 29.33
CA ASP D 156 8.17 -11.46 28.46
C ASP D 156 7.29 -11.75 27.26
N ALA D 157 7.39 -12.95 26.73
CA ALA D 157 6.55 -13.34 25.61
C ALA D 157 5.08 -13.29 25.98
N CYS D 158 4.73 -13.88 27.14
CA CYS D 158 3.33 -13.90 27.59
C CYS D 158 2.75 -12.49 27.67
N ARG D 159 3.56 -11.54 28.15
CA ARG D 159 3.18 -10.13 28.19
C ARG D 159 3.04 -9.53 26.79
N LEU D 160 3.95 -9.90 25.85
CA LEU D 160 3.89 -9.31 24.52
C LEU D 160 2.77 -9.87 23.67
N SER D 161 2.30 -11.08 23.99
CA SER D 161 1.34 -11.77 23.13
C SER D 161 0.02 -11.01 22.99
N ARG D 162 -0.32 -10.18 23.97
CA ARG D 162 -1.65 -9.58 24.09
C ARG D 162 -2.71 -10.66 24.24
N ALA D 163 -2.29 -11.86 24.66
CA ALA D 163 -3.23 -12.90 25.02
C ALA D 163 -3.64 -12.72 26.48
N ARG D 164 -4.65 -13.49 26.91
CA ARG D 164 -4.96 -13.57 28.33
C ARG D 164 -4.05 -14.62 28.96
N VAL D 165 -3.36 -14.26 30.03
CA VAL D 165 -2.32 -15.13 30.59
C VAL D 165 -2.77 -15.62 31.96
N VAL D 166 -2.94 -16.94 32.08
CA VAL D 166 -3.17 -17.63 33.34
C VAL D 166 -1.87 -18.33 33.73
N VAL D 167 -1.34 -18.03 34.91
CA VAL D 167 -0.12 -18.66 35.42
C VAL D 167 -0.48 -19.80 36.35
N SER D 168 -0.05 -20.98 36.02
CA SER D 168 -0.34 -22.18 36.77
C SER D 168 0.82 -22.55 37.70
N PRO D 169 0.53 -23.20 38.83
CA PRO D 169 1.61 -23.67 39.71
C PRO D 169 2.56 -24.61 38.97
N HIS D 170 3.81 -24.66 39.47
CA HIS D 170 4.86 -25.41 38.80
C HIS D 170 4.43 -26.85 38.56
N ARG D 171 4.39 -27.25 37.29
CA ARG D 171 4.07 -28.62 36.87
C ARG D 171 2.72 -29.09 37.41
N ASP D 172 1.73 -28.19 37.45
CA ASP D 172 0.42 -28.53 38.00
C ASP D 172 -0.52 -28.84 36.84
N VAL D 173 -0.55 -30.11 36.43
CA VAL D 173 -1.32 -30.50 35.25
C VAL D 173 -2.81 -30.28 35.47
N ASP D 174 -3.33 -30.63 36.65
CA ASP D 174 -4.76 -30.46 36.86
C ASP D 174 -5.19 -29.00 36.74
N ALA D 175 -4.39 -28.08 37.28
CA ALA D 175 -4.70 -26.65 37.18
C ALA D 175 -4.74 -26.19 35.74
N VAL D 176 -3.79 -26.65 34.93
CA VAL D 176 -3.82 -26.38 33.51
C VAL D 176 -5.11 -26.95 32.90
N ASP D 177 -5.45 -28.18 33.28
CA ASP D 177 -6.67 -28.81 32.80
C ASP D 177 -7.89 -27.98 33.15
N ALA D 178 -7.97 -27.52 34.40
CA ALA D 178 -9.17 -26.77 34.81
C ALA D 178 -9.26 -25.44 34.07
N ALA D 179 -8.13 -24.76 33.90
CA ALA D 179 -8.10 -23.46 33.21
C ALA D 179 -8.46 -23.61 31.74
N LEU D 180 -7.97 -24.66 31.09
CA LEU D 180 -8.34 -24.89 29.70
C LEU D 180 -9.81 -25.23 29.59
N ALA D 181 -10.33 -25.99 30.56
CA ALA D 181 -11.71 -26.44 30.51
C ALA D 181 -12.70 -25.29 30.69
N ALA D 182 -12.31 -24.22 31.38
CA ALA D 182 -13.23 -23.16 31.72
C ALA D 182 -13.10 -21.92 30.85
N ARG D 183 -12.19 -21.92 29.88
CA ARG D 183 -11.92 -20.74 29.09
C ARG D 183 -13.07 -20.37 28.15
N THR D 184 -13.16 -19.07 27.81
CA THR D 184 -14.05 -18.55 26.77
C THR D 184 -13.37 -18.41 25.41
N GLU D 185 -12.05 -18.61 25.35
CA GLU D 185 -11.27 -18.49 24.12
C GLU D 185 -11.28 -19.80 23.37
N GLU D 186 -11.36 -19.72 22.03
CA GLU D 186 -11.21 -20.94 21.24
C GLU D 186 -9.78 -21.44 21.26
N ARG D 187 -8.83 -20.54 21.03
CA ARG D 187 -7.44 -20.92 20.91
C ARG D 187 -6.77 -20.70 22.26
N ALA D 188 -6.05 -21.73 22.71
CA ALA D 188 -5.33 -21.70 23.98
C ALA D 188 -3.96 -22.32 23.75
N VAL D 189 -2.94 -21.73 24.37
CA VAL D 189 -1.56 -22.23 24.32
C VAL D 189 -1.10 -22.52 25.75
N VAL D 190 -0.68 -23.76 25.99
CA VAL D 190 -0.04 -24.14 27.24
C VAL D 190 1.47 -24.07 27.03
N VAL D 191 2.15 -23.24 27.82
CA VAL D 191 3.58 -22.99 27.65
C VAL D 191 4.33 -23.66 28.79
N THR D 192 5.45 -24.33 28.46
CA THR D 192 6.33 -24.92 29.47
C THR D 192 7.72 -25.12 28.90
N GLU D 193 8.71 -25.21 29.81
CA GLU D 193 10.05 -25.65 29.48
C GLU D 193 10.16 -27.16 29.69
N SER D 194 10.87 -27.83 28.79
CA SER D 194 11.16 -29.25 29.01
C SER D 194 12.02 -29.44 30.24
N VAL D 195 13.14 -28.73 30.28
CA VAL D 195 13.98 -28.66 31.46
C VAL D 195 13.94 -27.21 31.92
N PHE D 196 13.48 -26.99 33.15
CA PHE D 196 13.32 -25.63 33.66
C PHE D 196 14.68 -25.07 34.03
N SER D 197 14.91 -23.81 33.64
CA SER D 197 16.20 -23.22 33.98
C SER D 197 16.32 -22.97 35.47
N ALA D 198 15.20 -22.74 36.16
CA ALA D 198 15.23 -22.46 37.59
C ALA D 198 15.85 -23.62 38.38
N ASP D 199 15.26 -24.81 38.31
CA ASP D 199 15.65 -25.92 39.15
C ASP D 199 16.27 -27.07 38.38
N GLY D 200 16.13 -27.11 37.05
CA GLY D 200 16.63 -28.20 36.27
C GLY D 200 15.73 -29.43 36.25
N ASP D 201 14.54 -29.35 36.85
CA ASP D 201 13.62 -30.48 36.90
C ASP D 201 12.95 -30.67 35.53
N LEU D 202 12.29 -31.80 35.38
CA LEU D 202 11.64 -32.18 34.12
C LEU D 202 10.14 -31.89 34.21
N ALA D 203 9.61 -31.34 33.14
CA ALA D 203 8.19 -31.10 33.05
C ALA D 203 7.48 -32.41 32.71
N PRO D 204 6.27 -32.62 33.22
CA PRO D 204 5.47 -33.80 32.82
C PRO D 204 4.81 -33.59 31.46
N LEU D 205 5.64 -33.70 30.40
CA LEU D 205 5.21 -33.29 29.06
C LEU D 205 4.08 -34.16 28.52
N ARG D 206 4.13 -35.49 28.77
CA ARG D 206 3.09 -36.40 28.28
C ARG D 206 1.75 -36.14 28.96
N ASP D 207 1.76 -35.83 30.26
CA ASP D 207 0.51 -35.46 30.91
C ASP D 207 -0.01 -34.14 30.33
N LEU D 208 0.88 -33.15 30.16
CA LEU D 208 0.45 -31.87 29.61
C LEU D 208 -0.14 -32.02 28.21
N HIS D 209 0.54 -32.79 27.35
CA HIS D 209 0.07 -32.95 25.98
C HIS D 209 -1.24 -33.69 25.92
N ALA D 210 -1.42 -34.70 26.78
CA ALA D 210 -2.70 -35.38 26.84
C ALA D 210 -3.81 -34.42 27.22
N VAL D 211 -3.51 -33.47 28.12
CA VAL D 211 -4.53 -32.49 28.51
C VAL D 211 -4.80 -31.50 27.38
N CYS D 212 -3.75 -31.03 26.71
CA CYS D 212 -3.93 -30.11 25.60
C CYS D 212 -4.79 -30.73 24.51
N ARG D 213 -4.47 -31.96 24.09
CA ARG D 213 -5.22 -32.59 23.01
C ARG D 213 -6.67 -32.79 23.39
N ARG D 214 -6.97 -33.07 24.66
CA ARG D 214 -8.37 -33.18 25.09
C ARG D 214 -9.13 -31.87 24.86
N HIS D 215 -8.48 -30.72 25.06
CA HIS D 215 -9.12 -29.40 24.98
C HIS D 215 -8.76 -28.65 23.70
N GLY D 216 -8.10 -29.30 22.75
CA GLY D 216 -7.74 -28.62 21.51
C GLY D 216 -6.74 -27.50 21.72
N ALA D 217 -5.89 -27.62 22.72
CA ALA D 217 -4.92 -26.58 23.00
C ALA D 217 -3.58 -26.92 22.34
N LEU D 218 -2.77 -25.90 22.12
CA LEU D 218 -1.44 -26.09 21.62
C LEU D 218 -0.45 -26.19 22.78
N LEU D 219 0.56 -27.03 22.63
CA LEU D 219 1.61 -27.16 23.63
C LEU D 219 2.89 -26.57 23.07
N LEU D 220 3.39 -25.52 23.70
CA LEU D 220 4.65 -24.88 23.33
C LEU D 220 5.70 -25.26 24.37
N VAL D 221 6.77 -25.90 23.91
CA VAL D 221 7.79 -26.50 24.79
C VAL D 221 9.14 -25.90 24.44
N ASP D 222 9.71 -25.16 25.38
CA ASP D 222 11.03 -24.58 25.24
C ASP D 222 12.06 -25.60 25.77
N GLU D 223 12.90 -26.14 24.88
CA GLU D 223 13.89 -27.16 25.23
C GLU D 223 15.33 -26.63 25.29
N ALA D 224 15.51 -25.35 25.67
CA ALA D 224 16.86 -24.79 25.68
C ALA D 224 17.82 -25.61 26.54
N HIS D 225 17.32 -26.21 27.62
CA HIS D 225 18.14 -26.98 28.53
C HIS D 225 17.93 -28.48 28.37
N GLY D 226 17.12 -28.90 27.40
CA GLY D 226 16.96 -30.32 27.13
C GLY D 226 17.77 -30.84 25.94
N LEU D 227 17.99 -29.98 24.95
CA LEU D 227 18.71 -30.35 23.74
C LEU D 227 20.17 -30.71 24.03
N GLY D 228 20.61 -31.85 23.53
CA GLY D 228 21.94 -32.32 23.83
C GLY D 228 22.09 -32.92 25.20
N VAL D 229 21.04 -32.93 26.02
CA VAL D 229 21.12 -33.40 27.40
C VAL D 229 20.15 -34.54 27.65
N ARG D 230 18.87 -34.36 27.28
CA ARG D 230 17.87 -35.41 27.45
C ARG D 230 17.77 -36.27 26.19
N GLY D 231 17.30 -37.49 26.37
CA GLY D 231 17.25 -38.42 25.25
C GLY D 231 18.54 -39.20 25.10
N THR D 232 18.39 -40.43 24.59
CA THR D 232 19.54 -41.30 24.40
C THR D 232 20.54 -40.74 23.39
N ARG D 233 20.08 -39.88 22.47
CA ARG D 233 20.94 -39.23 21.49
C ARG D 233 21.02 -37.73 21.69
N GLY D 234 20.54 -37.22 22.84
CA GLY D 234 20.54 -35.81 23.10
C GLY D 234 19.47 -35.03 22.37
N GLN D 235 18.42 -35.71 21.88
CA GLN D 235 17.42 -35.06 21.02
C GLN D 235 16.34 -34.32 21.79
N GLY D 236 16.40 -34.24 23.11
CA GLY D 236 15.45 -33.44 23.87
C GLY D 236 14.41 -34.29 24.56
N LEU D 237 13.70 -33.67 25.50
CA LEU D 237 12.71 -34.44 26.26
C LEU D 237 11.50 -34.80 25.39
N LEU D 238 11.06 -33.90 24.49
CA LEU D 238 9.96 -34.25 23.60
C LEU D 238 10.25 -35.55 22.84
N HIS D 239 11.42 -35.62 22.20
CA HIS D 239 11.82 -36.85 21.51
C HIS D 239 11.87 -38.04 22.46
N GLU D 240 12.49 -37.84 23.64
CA GLU D 240 12.65 -38.94 24.58
C GLU D 240 11.33 -39.59 24.97
N VAL D 241 10.27 -38.79 25.19
CA VAL D 241 9.00 -39.36 25.65
C VAL D 241 8.06 -39.71 24.51
N GLY D 242 8.54 -39.57 23.28
CA GLY D 242 7.79 -40.01 22.13
C GLY D 242 6.82 -39.01 21.57
N LEU D 243 6.96 -37.72 21.90
CA LEU D 243 6.11 -36.66 21.41
C LEU D 243 6.77 -35.83 20.31
N ALA D 244 7.96 -36.19 19.87
CA ALA D 244 8.62 -35.44 18.83
C ALA D 244 7.76 -35.42 17.58
N GLY D 245 7.58 -34.25 16.99
CA GLY D 245 6.90 -34.19 15.72
C GLY D 245 5.39 -34.23 15.78
N ALA D 246 4.80 -34.21 16.97
CA ALA D 246 3.36 -34.29 17.07
C ALA D 246 2.71 -33.08 16.38
N PRO D 247 1.50 -33.24 15.82
CA PRO D 247 0.86 -32.12 15.10
C PRO D 247 0.45 -30.93 15.98
N ASP D 248 0.31 -31.08 17.30
CA ASP D 248 -0.19 -29.99 18.14
C ASP D 248 0.85 -29.52 19.15
N ILE D 249 2.14 -29.71 18.86
CA ILE D 249 3.24 -29.30 19.71
C ILE D 249 4.17 -28.41 18.90
N VAL D 250 4.51 -27.25 19.47
CA VAL D 250 5.57 -26.39 18.97
C VAL D 250 6.71 -26.38 19.97
N MET D 251 7.92 -26.46 19.45
CA MET D 251 9.11 -26.48 20.27
C MET D 251 9.95 -25.26 19.95
N THR D 252 10.53 -24.66 20.95
CA THR D 252 11.60 -23.69 20.77
C THR D 252 12.85 -24.24 21.43
N THR D 253 14.01 -23.81 20.94
CA THR D 253 15.26 -24.15 21.56
C THR D 253 16.24 -23.02 21.31
N THR D 254 17.43 -23.14 21.91
CA THR D 254 18.50 -22.20 21.64
C THR D 254 19.62 -22.93 20.93
N LEU D 255 20.50 -22.15 20.30
CA LEU D 255 21.68 -22.72 19.65
C LEU D 255 22.94 -22.47 20.46
N SER D 256 22.81 -21.87 21.63
CA SER D 256 23.96 -21.36 22.39
C SER D 256 24.33 -22.24 23.56
N LYS D 257 23.61 -23.30 23.81
CA LYS D 257 23.99 -24.12 24.95
C LYS D 257 24.68 -25.36 24.40
N ALA D 258 23.92 -26.43 24.16
CA ALA D 258 24.52 -27.66 23.65
C ALA D 258 25.27 -27.40 22.33
N LEU D 259 24.70 -26.59 21.46
CA LEU D 259 25.26 -26.41 20.14
C LEU D 259 26.30 -25.29 20.08
N GLY D 260 26.71 -24.74 21.21
CA GLY D 260 27.94 -23.95 21.29
C GLY D 260 27.99 -22.69 20.45
N SER D 261 26.84 -22.15 20.05
CA SER D 261 26.82 -21.06 19.08
C SER D 261 25.94 -19.89 19.52
N GLN D 262 25.25 -19.27 18.57
CA GLN D 262 24.24 -18.29 18.92
C GLN D 262 23.00 -18.55 18.07
N GLY D 263 21.83 -18.20 18.61
CA GLY D 263 20.59 -18.27 17.85
C GLY D 263 19.46 -18.98 18.55
N GLY D 264 18.22 -18.75 18.07
CA GLY D 264 17.06 -19.48 18.51
C GLY D 264 16.45 -20.25 17.36
N ALA D 265 15.53 -21.15 17.70
CA ALA D 265 14.85 -21.94 16.70
C ALA D 265 13.44 -22.21 17.17
N VAL D 266 12.49 -22.17 16.23
CA VAL D 266 11.14 -22.65 16.48
C VAL D 266 10.96 -23.84 15.56
N LEU D 267 10.40 -24.92 16.10
CA LEU D 267 10.22 -26.14 15.33
C LEU D 267 8.82 -26.65 15.54
N GLY D 268 8.23 -27.22 14.48
CA GLY D 268 6.90 -27.79 14.49
C GLY D 268 6.41 -28.03 13.08
N PRO D 269 5.09 -28.14 12.89
CA PRO D 269 4.55 -28.36 11.53
C PRO D 269 4.87 -27.20 10.59
N GLU D 270 4.87 -27.51 9.29
CA GLU D 270 5.21 -26.52 8.26
C GLU D 270 4.30 -25.30 8.34
N ALA D 271 3.05 -25.48 8.74
CA ALA D 271 2.16 -24.33 8.85
C ALA D 271 2.66 -23.34 9.91
N VAL D 272 3.33 -23.84 10.95
CA VAL D 272 3.84 -22.95 11.98
C VAL D 272 4.98 -22.09 11.44
N ARG D 273 5.92 -22.72 10.72
CA ARG D 273 7.01 -21.96 10.12
C ARG D 273 6.47 -20.93 9.15
N ALA D 274 5.55 -21.35 8.28
CA ALA D 274 4.93 -20.43 7.33
C ALA D 274 4.17 -19.31 8.04
N HIS D 275 3.63 -19.60 9.22
CA HIS D 275 2.92 -18.57 9.97
C HIS D 275 3.86 -17.55 10.60
N LEU D 276 4.97 -18.02 11.19
CA LEU D 276 5.89 -17.11 11.86
C LEU D 276 6.53 -16.14 10.87
N ILE D 277 6.93 -16.63 9.70
CA ILE D 277 7.47 -15.76 8.66
C ILE D 277 6.45 -14.67 8.32
N ASP D 278 5.17 -15.00 8.41
CA ASP D 278 4.09 -14.09 8.04
C ASP D 278 3.69 -13.14 9.15
N THR D 279 3.91 -13.50 10.44
CA THR D 279 3.36 -12.70 11.54
C THR D 279 4.31 -12.41 12.70
N ALA D 280 5.28 -13.28 12.97
CA ALA D 280 6.14 -13.09 14.15
C ALA D 280 7.04 -11.88 13.95
N ARG D 281 6.81 -10.84 14.76
CA ARG D 281 7.45 -9.54 14.59
C ARG D 281 8.92 -9.56 14.97
N SER D 282 9.29 -10.37 15.98
CA SER D 282 10.71 -10.52 16.30
C SER D 282 11.44 -11.37 15.28
N PHE D 283 10.75 -11.88 14.27
CA PHE D 283 11.39 -12.49 13.11
C PHE D 283 11.44 -11.54 11.91
N ILE D 284 10.30 -10.94 11.56
CA ILE D 284 10.22 -10.06 10.39
C ILE D 284 11.15 -8.87 10.55
N PHE D 285 11.05 -8.18 11.69
CA PHE D 285 11.73 -6.90 11.93
C PHE D 285 12.99 -7.08 12.79
N ASP D 286 13.66 -8.19 12.60
CA ASP D 286 14.98 -8.48 13.10
C ASP D 286 15.88 -8.72 11.91
N THR D 287 17.18 -8.69 12.13
CA THR D 287 18.09 -8.85 11.01
C THR D 287 18.46 -10.31 10.77
N GLY D 288 18.10 -11.23 11.65
CA GLY D 288 18.34 -12.62 11.28
C GLY D 288 19.76 -13.12 11.44
N LEU D 289 19.87 -14.40 11.81
CA LEU D 289 21.06 -14.98 12.41
C LEU D 289 22.30 -14.90 11.52
N ALA D 290 23.42 -14.45 12.11
CA ALA D 290 24.66 -14.32 11.34
C ALA D 290 25.06 -15.67 10.75
N PRO D 291 25.57 -15.69 9.51
CA PRO D 291 26.06 -16.97 8.93
C PRO D 291 27.05 -17.73 9.78
N ALA D 292 28.02 -17.07 10.42
CA ALA D 292 29.00 -17.80 11.20
C ALA D 292 28.34 -18.59 12.31
N ALA D 293 27.27 -18.01 12.89
CA ALA D 293 26.51 -18.70 13.94
C ALA D 293 25.79 -19.91 13.38
N VAL D 294 25.26 -19.81 12.16
CA VAL D 294 24.59 -20.96 11.57
C VAL D 294 25.58 -22.07 11.25
N GLY D 295 26.71 -21.71 10.64
CA GLY D 295 27.73 -22.72 10.38
C GLY D 295 28.21 -23.39 11.65
N ALA D 296 28.51 -22.59 12.68
CA ALA D 296 28.93 -23.16 13.95
C ALA D 296 27.89 -24.14 14.48
N ALA D 297 26.60 -23.74 14.51
CA ALA D 297 25.57 -24.63 15.04
C ALA D 297 25.40 -25.88 14.17
N SER D 298 25.61 -25.77 12.87
CA SER D 298 25.51 -26.93 12.00
C SER D 298 26.64 -27.93 12.26
N ALA D 299 27.86 -27.43 12.44
CA ALA D 299 29.00 -28.30 12.75
C ALA D 299 28.83 -28.95 14.12
N ALA D 300 28.38 -28.18 15.12
CA ALA D 300 28.20 -28.73 16.46
C ALA D 300 27.13 -29.81 16.47
N LEU D 301 26.07 -29.60 15.69
CA LEU D 301 25.04 -30.62 15.55
C LEU D 301 25.59 -31.90 14.89
N ARG D 302 26.49 -31.74 13.94
CA ARG D 302 27.08 -32.93 13.33
C ARG D 302 27.91 -33.73 14.35
N VAL D 303 28.64 -33.02 15.23
CA VAL D 303 29.43 -33.69 16.27
C VAL D 303 28.51 -34.42 17.24
N LEU D 304 27.43 -33.77 17.67
CA LEU D 304 26.46 -34.44 18.54
C LEU D 304 25.84 -35.65 17.84
N ASP D 305 25.40 -35.47 16.59
CA ASP D 305 24.77 -36.55 15.84
C ASP D 305 25.64 -37.80 15.78
N ALA D 306 26.95 -37.62 15.59
CA ALA D 306 27.88 -38.76 15.50
C ALA D 306 28.43 -39.17 16.86
N GLU D 307 28.34 -38.30 17.88
CA GLU D 307 28.89 -38.57 19.21
C GLU D 307 27.77 -38.43 20.23
N PRO D 308 26.79 -39.34 20.22
CA PRO D 308 25.70 -39.26 21.22
C PRO D 308 26.16 -39.57 22.63
N GLN D 309 27.33 -40.20 22.81
CA GLN D 309 27.88 -40.41 24.15
C GLN D 309 28.11 -39.09 24.87
N ARG D 310 28.21 -37.98 24.13
CA ARG D 310 28.33 -36.67 24.75
C ARG D 310 27.13 -36.32 25.61
N ALA D 311 25.94 -36.68 25.15
CA ALA D 311 24.74 -36.36 25.94
C ALA D 311 24.67 -37.18 27.22
N ARG D 312 25.08 -38.45 27.15
CA ARG D 312 25.14 -39.24 28.37
C ARG D 312 26.24 -38.73 29.29
N ALA D 313 27.38 -38.33 28.71
CA ALA D 313 28.50 -37.86 29.50
C ALA D 313 28.11 -36.67 30.37
N VAL D 314 27.30 -35.74 29.85
CA VAL D 314 26.96 -34.59 30.66
C VAL D 314 26.09 -34.99 31.84
N LEU D 315 25.18 -35.95 31.64
CA LEU D 315 24.37 -36.45 32.75
C LEU D 315 25.23 -37.20 33.78
N ASP D 316 26.24 -37.93 33.31
CA ASP D 316 27.12 -38.65 34.22
C ASP D 316 27.91 -37.68 35.10
N ARG D 317 28.53 -36.67 34.48
CA ARG D 317 29.28 -35.67 35.23
C ARG D 317 28.37 -34.90 36.19
N ALA D 318 27.12 -34.64 35.76
CA ALA D 318 26.17 -33.97 36.62
C ALA D 318 25.92 -34.77 37.89
N ALA D 319 25.71 -36.07 37.75
CA ALA D 319 25.56 -36.92 38.93
C ALA D 319 26.78 -36.82 39.83
N GLU D 320 27.98 -36.85 39.23
CA GLU D 320 29.20 -36.72 40.03
C GLU D 320 29.22 -35.40 40.78
N LEU D 321 28.78 -34.32 40.11
CA LEU D 321 28.69 -33.05 40.81
C LEU D 321 27.64 -33.08 41.92
N ALA D 322 26.54 -33.80 41.73
CA ALA D 322 25.53 -33.89 42.80
C ALA D 322 26.11 -34.62 44.01
N THR D 323 26.71 -35.79 43.78
CA THR D 323 27.34 -36.54 44.87
C THR D 323 28.40 -35.71 45.58
N ILE D 324 29.25 -35.02 44.81
CA ILE D 324 30.28 -34.18 45.41
C ILE D 324 29.64 -33.18 46.36
N ALA D 325 28.62 -32.46 45.89
CA ALA D 325 27.98 -31.37 46.61
C ALA D 325 27.09 -31.83 47.75
N GLY D 326 26.93 -33.13 47.94
CA GLY D 326 26.01 -33.62 48.95
C GLY D 326 24.56 -33.62 48.53
N VAL D 327 24.29 -33.57 47.23
CA VAL D 327 22.93 -33.69 46.71
C VAL D 327 22.59 -35.18 46.57
N THR D 328 21.48 -35.59 47.19
CA THR D 328 21.13 -37.01 47.28
C THR D 328 20.36 -37.53 46.06
N GLU D 329 19.56 -36.70 45.40
CA GLU D 329 18.73 -37.15 44.28
C GLU D 329 19.48 -36.93 42.99
N ALA D 330 19.47 -37.93 42.12
CA ALA D 330 20.26 -37.86 40.90
C ALA D 330 19.79 -36.70 40.03
N PRO D 331 20.71 -35.92 39.46
CA PRO D 331 20.29 -34.81 38.60
C PRO D 331 19.65 -35.34 37.35
N VAL D 332 18.59 -34.66 36.92
CA VAL D 332 17.92 -35.01 35.69
C VAL D 332 18.38 -34.15 34.53
N SER D 333 19.21 -33.14 34.78
CA SER D 333 19.67 -32.24 33.75
C SER D 333 21.15 -31.95 34.00
N ALA D 334 21.72 -31.03 33.23
CA ALA D 334 23.16 -30.80 33.33
C ALA D 334 23.54 -30.05 34.61
N VAL D 335 22.66 -29.20 35.11
CA VAL D 335 22.98 -28.24 36.15
C VAL D 335 22.47 -28.74 37.50
N VAL D 336 23.36 -28.73 38.49
CA VAL D 336 23.04 -29.18 39.84
C VAL D 336 22.82 -27.95 40.72
N SER D 337 21.69 -27.92 41.43
CA SER D 337 21.39 -26.87 42.39
C SER D 337 21.88 -27.30 43.76
N VAL D 338 22.59 -26.41 44.44
CA VAL D 338 23.19 -26.70 45.75
C VAL D 338 22.63 -25.69 46.76
N ILE D 339 21.60 -26.09 47.49
CA ILE D 339 20.88 -25.17 48.38
C ILE D 339 21.67 -24.89 49.65
N PRO D 343 21.88 -16.33 51.68
CA PRO D 343 22.13 -15.50 50.50
C PRO D 343 23.54 -14.96 50.47
N GLU D 344 23.96 -14.37 51.59
CA GLU D 344 25.31 -13.85 51.67
C GLU D 344 26.31 -14.99 51.69
N ILE D 345 25.97 -16.08 52.37
CA ILE D 345 26.81 -17.27 52.36
C ILE D 345 26.94 -17.80 50.93
N ALA D 346 25.82 -17.84 50.19
CA ALA D 346 25.85 -18.34 48.83
C ALA D 346 26.83 -17.55 47.97
N VAL D 347 26.77 -16.22 48.04
CA VAL D 347 27.70 -15.38 47.28
C VAL D 347 29.14 -15.66 47.72
N GLY D 348 29.37 -15.74 49.03
CA GLY D 348 30.71 -16.02 49.53
C GLY D 348 31.23 -17.37 49.08
N ALA D 349 30.37 -18.39 49.11
CA ALA D 349 30.81 -19.72 48.72
C ALA D 349 31.26 -19.73 47.28
N ALA D 350 30.48 -19.10 46.40
CA ALA D 350 30.91 -18.96 45.01
C ALA D 350 32.25 -18.23 44.93
N ALA D 351 32.41 -17.20 45.76
CA ALA D 351 33.64 -16.42 45.74
C ALA D 351 34.83 -17.26 46.19
N ALA D 352 34.62 -18.14 47.16
CA ALA D 352 35.70 -19.01 47.64
C ALA D 352 36.09 -20.05 46.59
N CYS D 353 35.11 -20.57 45.84
CA CYS D 353 35.45 -21.44 44.70
C CYS D 353 36.33 -20.69 43.72
N LEU D 354 35.90 -19.48 43.37
CA LEU D 354 36.62 -18.66 42.41
C LEU D 354 38.08 -18.50 42.85
N ASP D 355 38.32 -18.29 44.14
CA ASP D 355 39.71 -18.19 44.63
C ASP D 355 40.49 -19.48 44.41
N ARG D 356 39.82 -20.62 44.40
CA ARG D 356 40.51 -21.89 44.22
C ARG D 356 40.54 -22.33 42.77
N GLY D 357 40.16 -21.47 41.84
CA GLY D 357 40.28 -21.76 40.43
C GLY D 357 39.03 -22.31 39.79
N VAL D 358 37.87 -22.20 40.43
CA VAL D 358 36.65 -22.82 39.92
C VAL D 358 35.54 -21.77 39.84
N ARG D 359 35.00 -21.56 38.65
CA ARG D 359 33.89 -20.63 38.43
C ARG D 359 32.58 -21.39 38.52
N VAL D 360 31.70 -20.97 39.42
CA VAL D 360 30.43 -21.64 39.64
C VAL D 360 29.28 -20.65 39.47
N GLY D 361 28.07 -21.20 39.40
CA GLY D 361 26.88 -20.39 39.30
C GLY D 361 26.41 -19.98 40.69
N CYS D 362 25.83 -18.77 40.76
CA CYS D 362 25.46 -18.16 42.04
C CYS D 362 24.08 -17.57 41.94
N PHE D 363 23.11 -18.17 42.65
CA PHE D 363 21.74 -17.69 42.66
C PHE D 363 21.29 -17.34 44.06
N ARG D 364 20.77 -16.12 44.17
CA ARG D 364 20.20 -15.53 45.37
C ARG D 364 18.92 -14.84 44.94
N PRO D 365 18.04 -14.50 45.88
CA PRO D 365 16.89 -13.66 45.55
C PRO D 365 17.34 -12.42 44.78
N PRO D 366 16.52 -11.89 43.86
CA PRO D 366 15.11 -12.19 43.52
C PRO D 366 14.85 -13.29 42.50
N THR D 367 15.90 -14.01 42.09
CA THR D 367 15.70 -15.07 41.11
C THR D 367 15.04 -16.29 41.74
N VAL D 368 15.40 -16.60 42.98
CA VAL D 368 14.86 -17.76 43.68
C VAL D 368 14.08 -17.27 44.89
N PRO D 369 13.21 -18.12 45.46
CA PRO D 369 12.50 -17.75 46.68
C PRO D 369 13.45 -17.43 47.83
N ALA D 370 12.95 -16.67 48.79
CA ALA D 370 13.73 -16.39 49.98
C ALA D 370 14.02 -17.68 50.74
N GLY D 371 15.23 -17.81 51.25
CA GLY D 371 15.67 -19.03 51.91
C GLY D 371 16.16 -20.13 50.98
N THR D 372 16.20 -19.89 49.67
CA THR D 372 16.65 -20.91 48.73
C THR D 372 17.84 -20.44 47.91
N SER D 373 18.71 -19.63 48.51
CA SER D 373 19.95 -19.26 47.84
C SER D 373 20.78 -20.49 47.52
N ARG D 374 21.40 -20.48 46.35
CA ARG D 374 21.96 -21.71 45.84
C ARG D 374 23.14 -21.39 44.93
N LEU D 375 23.98 -22.37 44.74
CA LEU D 375 24.98 -22.36 43.68
C LEU D 375 24.48 -23.21 42.52
N ARG D 376 24.95 -22.88 41.32
CA ARG D 376 24.70 -23.69 40.14
C ARG D 376 26.03 -24.31 39.71
N LEU D 377 26.06 -25.63 39.60
CA LEU D 377 27.21 -26.32 39.07
C LEU D 377 26.78 -26.95 37.75
N ALA D 378 27.26 -26.37 36.65
CA ALA D 378 26.89 -26.83 35.32
C ALA D 378 27.90 -27.86 34.82
N ALA D 379 27.42 -29.06 34.54
CA ALA D 379 28.23 -30.13 33.99
C ALA D 379 28.48 -29.91 32.50
N ARG D 380 29.62 -30.40 32.02
CA ARG D 380 29.93 -30.37 30.60
C ARG D 380 30.55 -31.71 30.22
N ALA D 381 30.14 -32.24 29.05
CA ALA D 381 30.65 -33.52 28.58
C ALA D 381 32.17 -33.56 28.50
N SER D 382 32.81 -32.42 28.25
CA SER D 382 34.25 -32.42 28.03
C SER D 382 35.05 -32.27 29.31
N LEU D 383 34.40 -32.27 30.48
CA LEU D 383 35.13 -32.21 31.74
C LEU D 383 36.01 -33.45 31.86
N THR D 384 37.27 -33.25 32.24
CA THR D 384 38.20 -34.38 32.36
C THR D 384 38.24 -34.87 33.81
N ASP D 385 38.84 -36.04 34.01
CA ASP D 385 38.93 -36.61 35.35
C ASP D 385 39.81 -35.80 36.28
N ASP D 386 40.78 -35.07 35.76
CA ASP D 386 41.49 -34.16 36.65
C ASP D 386 40.67 -32.93 36.99
N GLU D 387 39.88 -32.41 36.04
CA GLU D 387 39.03 -31.27 36.33
C GLU D 387 37.97 -31.62 37.39
N MET D 388 37.49 -32.87 37.39
CA MET D 388 36.55 -33.29 38.42
C MET D 388 37.18 -33.45 39.80
N ALA D 389 38.44 -33.87 39.86
CA ALA D 389 39.09 -33.97 41.16
C ALA D 389 39.30 -32.60 41.78
N LEU D 390 39.63 -31.61 40.95
CA LEU D 390 39.70 -30.22 41.42
C LEU D 390 38.32 -29.73 41.87
N ALA D 391 37.27 -30.17 41.17
CA ALA D 391 35.92 -29.81 41.61
C ALA D 391 35.59 -30.48 42.94
N ARG D 392 35.94 -31.76 43.08
CA ARG D 392 35.71 -32.47 44.34
C ARG D 392 36.46 -31.81 45.49
N GLN D 393 37.74 -31.47 45.28
CA GLN D 393 38.55 -30.87 46.33
C GLN D 393 38.06 -29.46 46.69
N VAL D 394 37.71 -28.65 45.69
CA VAL D 394 37.32 -27.27 45.95
C VAL D 394 35.92 -27.20 46.57
N LEU D 395 34.96 -27.91 45.99
CA LEU D 395 33.60 -27.81 46.49
C LEU D 395 33.46 -28.45 47.87
N THR D 396 34.08 -29.62 48.08
CA THR D 396 34.05 -30.27 49.39
C THR D 396 34.57 -29.34 50.48
N ASP D 397 35.70 -28.67 50.23
CA ASP D 397 36.28 -27.78 51.23
C ASP D 397 35.43 -26.53 51.39
N VAL D 398 35.06 -25.90 50.27
CA VAL D 398 34.32 -24.65 50.32
C VAL D 398 32.91 -24.88 50.86
N LEU D 399 32.23 -25.93 50.39
CA LEU D 399 30.83 -26.10 50.78
C LEU D 399 30.70 -26.56 52.22
N ALA D 400 31.56 -27.48 52.67
CA ALA D 400 31.51 -27.88 54.07
C ALA D 400 31.84 -26.71 54.98
N THR D 401 32.63 -25.76 54.49
CA THR D 401 32.91 -24.54 55.24
C THR D 401 31.66 -23.65 55.22
#